data_5OSB
#
_entry.id   5OSB
#
_cell.length_a   185.218
_cell.length_b   133.507
_cell.length_c   162.263
_cell.angle_alpha   90.00
_cell.angle_beta   103.41
_cell.angle_gamma   90.00
#
_symmetry.space_group_name_H-M   'C 1 2 1'
#
loop_
_entity.id
_entity.type
_entity.pdbx_description
1 polymer 'Proton-gated ion channel,Gamma-aminobutyric acid receptor subunit alpha-1,Gamma-aminobutyric acid receptor subunit alpha-1'
2 non-polymer Tetrahydrodeoxycorticosterone
3 non-polymer 'ACETATE ION'
4 non-polymer 'CHLORIDE ION'
#
_entity_poly.entity_id   1
_entity_poly.type   'polypeptide(L)'
_entity_poly.pdbx_seq_one_letter_code
;QDMVSPPPPIADEPLTVNTGIYLIECYSLDDKAETFKVNAFLSLSWKDRRLAFDPVRSGVRVKTYEPEAIWIPEIRFVNV
ENARDADVVDISVSPDGTVQYLERFSARVLSPLDFRRYPFDSQTLHIYLIVRSVDTRNIVLAVDLEKVGKNDDVFLTGWD
IESFTAVVKPANFALEDRLESKLDYQLRISRQYGYFVIQTYLPCIMTVILSQVSFWLNRESVPARTVFVVTTVLTMTTLS
ISARNSLPKVAYATAMDWFIAVCYAFVFSALIEFATVNYFTKSQPARAAKIDRLSRIAFPLLFGIFNLVYWATYLNREPQ
LKAPTPHQHHHHHHHH
;
_entity_poly.pdbx_strand_id   A,B,C,D,E
#
# COMPACT_ATOMS: atom_id res chain seq x y z
N MET A 3 38.68 14.14 -11.11
CA MET A 3 39.60 14.18 -12.24
C MET A 3 38.89 14.69 -13.50
N VAL A 4 39.50 14.46 -14.65
CA VAL A 4 38.92 14.82 -15.94
C VAL A 4 39.01 13.64 -16.88
N SER A 5 38.27 13.73 -17.98
CA SER A 5 38.19 12.63 -18.93
C SER A 5 39.51 12.43 -19.65
N PRO A 6 39.81 11.20 -20.06
CA PRO A 6 41.08 10.91 -20.73
C PRO A 6 41.17 11.65 -22.05
N PRO A 7 42.21 12.45 -22.28
CA PRO A 7 42.31 13.19 -23.52
C PRO A 7 42.59 12.23 -24.67
N PRO A 8 42.17 12.58 -25.88
CA PRO A 8 42.30 11.65 -27.01
C PRO A 8 43.74 11.56 -27.51
N PRO A 9 44.20 10.35 -27.81
CA PRO A 9 45.52 10.21 -28.46
C PRO A 9 45.53 10.72 -29.89
N ILE A 10 44.50 10.38 -30.67
CA ILE A 10 44.37 10.90 -32.03
C ILE A 10 43.93 12.34 -32.06
N ALA A 11 43.79 12.99 -30.89
CA ALA A 11 43.38 14.38 -30.81
C ALA A 11 41.94 14.60 -31.25
N ASP A 12 41.40 13.67 -32.05
CA ASP A 12 40.04 13.78 -32.56
C ASP A 12 39.28 12.46 -32.42
N GLU A 13 39.68 11.63 -31.46
CA GLU A 13 39.06 10.31 -31.39
C GLU A 13 38.06 10.28 -30.25
N PRO A 14 36.85 9.76 -30.48
CA PRO A 14 35.87 9.64 -29.39
C PRO A 14 36.24 8.51 -28.45
N LEU A 15 36.03 8.73 -27.16
CA LEU A 15 36.21 7.68 -26.18
C LEU A 15 34.96 6.81 -26.16
N THR A 16 35.13 5.52 -26.45
CA THR A 16 34.05 4.55 -26.36
C THR A 16 34.10 3.84 -25.01
N VAL A 17 32.94 3.63 -24.42
CA VAL A 17 32.80 2.92 -23.15
C VAL A 17 32.11 1.60 -23.44
N ASN A 18 32.82 0.50 -23.19
CA ASN A 18 32.25 -0.82 -23.45
C ASN A 18 31.36 -1.20 -22.28
N THR A 19 30.08 -1.45 -22.57
CA THR A 19 29.07 -1.67 -21.55
C THR A 19 28.59 -3.11 -21.57
N GLY A 20 28.15 -3.57 -20.40
CA GLY A 20 27.51 -4.87 -20.30
C GLY A 20 26.62 -4.92 -19.08
N ILE A 21 25.50 -5.62 -19.21
CA ILE A 21 24.57 -5.83 -18.11
C ILE A 21 24.34 -7.31 -17.94
N TYR A 22 24.39 -7.78 -16.68
CA TYR A 22 24.15 -9.19 -16.36
C TYR A 22 23.02 -9.25 -15.34
N LEU A 23 21.85 -9.74 -15.76
CA LEU A 23 20.71 -9.76 -14.87
C LEU A 23 20.91 -10.79 -13.78
N ILE A 24 20.79 -10.34 -12.53
CA ILE A 24 20.87 -11.22 -11.37
C ILE A 24 19.50 -11.50 -10.79
N GLU A 25 18.66 -10.47 -10.66
CA GLU A 25 17.37 -10.58 -10.02
C GLU A 25 16.36 -9.73 -10.77
N CYS A 26 15.18 -10.29 -11.03
CA CYS A 26 14.11 -9.58 -11.73
C CYS A 26 12.81 -9.88 -11.02
N TYR A 27 12.15 -8.84 -10.51
CA TYR A 27 10.97 -9.01 -9.68
C TYR A 27 10.09 -7.77 -9.78
N SER A 28 8.89 -7.88 -9.20
CA SER A 28 7.99 -6.75 -9.04
C SER A 28 7.62 -6.12 -10.39
N LEU A 29 7.23 -6.97 -11.34
CA LEU A 29 6.66 -6.50 -12.60
C LEU A 29 5.22 -6.09 -12.35
N ASP A 30 4.97 -4.78 -12.34
CA ASP A 30 3.65 -4.24 -11.99
C ASP A 30 2.93 -3.85 -13.28
N ASP A 31 1.90 -4.63 -13.64
CA ASP A 31 1.15 -4.35 -14.86
C ASP A 31 0.48 -2.99 -14.80
N LYS A 32 -0.02 -2.62 -13.62
CA LYS A 32 -0.75 -1.35 -13.50
C LYS A 32 0.20 -0.16 -13.55
N ALA A 33 1.36 -0.28 -12.90
CA ALA A 33 2.35 0.78 -12.87
C ALA A 33 3.28 0.77 -14.08
N GLU A 34 3.24 -0.29 -14.88
CA GLU A 34 4.15 -0.45 -16.02
C GLU A 34 5.60 -0.24 -15.58
N THR A 35 5.96 -0.84 -14.45
CA THR A 35 7.29 -0.77 -13.90
C THR A 35 7.73 -2.17 -13.47
N PHE A 36 9.04 -2.37 -13.38
CA PHE A 36 9.58 -3.57 -12.78
C PHE A 36 10.92 -3.25 -12.14
N LYS A 37 11.34 -4.09 -11.20
CA LYS A 37 12.57 -3.86 -10.46
C LYS A 37 13.62 -4.87 -10.92
N VAL A 38 14.85 -4.38 -11.07
CA VAL A 38 15.94 -5.18 -11.63
C VAL A 38 17.18 -5.02 -10.76
N ASN A 39 17.91 -6.11 -10.59
CA ASN A 39 19.15 -6.14 -9.82
C ASN A 39 20.18 -6.90 -10.64
N ALA A 40 21.25 -6.22 -11.04
CA ALA A 40 22.15 -6.78 -12.05
C ALA A 40 23.55 -6.22 -11.86
N PHE A 41 24.49 -6.82 -12.59
CA PHE A 41 25.82 -6.26 -12.77
C PHE A 41 25.84 -5.28 -13.93
N LEU A 42 26.49 -4.14 -13.72
CA LEU A 42 26.86 -3.22 -14.78
C LEU A 42 28.38 -3.19 -14.89
N SER A 43 28.89 -3.50 -16.09
CA SER A 43 30.32 -3.55 -16.36
C SER A 43 30.66 -2.52 -17.43
N LEU A 44 31.68 -1.72 -17.16
CA LEU A 44 32.17 -0.70 -18.08
C LEU A 44 33.66 -0.92 -18.31
N SER A 45 34.14 -0.60 -19.50
CA SER A 45 35.54 -0.84 -19.82
C SER A 45 36.01 0.20 -20.83
N TRP A 46 37.10 0.90 -20.50
CA TRP A 46 37.60 1.94 -21.37
C TRP A 46 39.11 2.04 -21.20
N LYS A 47 39.74 2.87 -22.03
CA LYS A 47 41.19 3.02 -22.04
C LYS A 47 41.55 4.40 -21.50
N ASP A 48 42.34 4.44 -20.42
CA ASP A 48 42.87 5.68 -19.89
C ASP A 48 44.38 5.52 -19.73
N ARG A 49 45.13 5.95 -20.75
CA ARG A 49 46.57 5.74 -20.76
C ARG A 49 47.23 6.34 -19.52
N ARG A 50 46.71 7.46 -19.02
CA ARG A 50 47.27 8.07 -17.80
C ARG A 50 47.45 7.06 -16.68
N LEU A 51 46.68 5.97 -16.68
CA LEU A 51 46.74 4.97 -15.63
C LEU A 51 47.63 3.80 -15.98
N ALA A 52 48.21 3.76 -17.18
CA ALA A 52 49.15 2.72 -17.52
C ALA A 52 50.34 2.74 -16.57
N PHE A 53 51.07 1.64 -16.52
CA PHE A 53 52.16 1.49 -15.56
C PHE A 53 53.07 0.36 -16.01
N ASP A 54 54.28 0.37 -15.47
CA ASP A 54 55.24 -0.69 -15.74
C ASP A 54 54.87 -1.95 -14.97
N PRO A 55 54.57 -3.07 -15.64
CA PRO A 55 54.23 -4.30 -14.91
C PRO A 55 55.40 -4.91 -14.17
N VAL A 56 56.63 -4.50 -14.46
CA VAL A 56 57.82 -5.06 -13.84
C VAL A 56 58.33 -4.17 -12.72
N ARG A 57 58.48 -2.87 -12.99
CA ARG A 57 58.82 -1.92 -11.92
C ARG A 57 57.78 -1.96 -10.82
N SER A 58 56.51 -1.87 -11.20
CA SER A 58 55.41 -2.12 -10.26
C SER A 58 55.17 -3.62 -10.17
N GLY A 59 55.38 -4.18 -8.98
CA GLY A 59 55.29 -5.62 -8.79
C GLY A 59 53.90 -6.20 -8.91
N VAL A 60 52.93 -5.37 -9.30
CA VAL A 60 51.55 -5.81 -9.45
C VAL A 60 51.25 -6.01 -10.93
N ARG A 61 50.43 -7.02 -11.24
CA ARG A 61 50.05 -7.32 -12.61
C ARG A 61 48.78 -6.61 -13.05
N VAL A 62 48.04 -6.01 -12.14
CA VAL A 62 46.80 -5.30 -12.48
C VAL A 62 46.77 -3.98 -11.74
N LYS A 63 46.75 -4.04 -10.40
CA LYS A 63 46.54 -2.87 -9.56
C LYS A 63 45.08 -2.44 -9.60
N THR A 64 44.54 -2.05 -8.43
CA THR A 64 43.13 -1.72 -8.29
C THR A 64 43.01 -0.36 -7.63
N TYR A 65 42.04 0.44 -8.08
CA TYR A 65 41.82 1.77 -7.56
C TYR A 65 40.45 1.86 -6.90
N GLU A 66 40.31 2.86 -6.02
CA GLU A 66 39.01 3.25 -5.49
C GLU A 66 38.33 4.25 -6.44
N PRO A 67 37.00 4.23 -6.51
CA PRO A 67 36.33 5.09 -7.50
C PRO A 67 36.69 6.55 -7.36
N GLU A 68 36.96 7.03 -6.14
CA GLU A 68 37.39 8.41 -5.96
C GLU A 68 38.78 8.66 -6.52
N ALA A 69 39.58 7.61 -6.72
CA ALA A 69 40.97 7.79 -7.11
C ALA A 69 41.09 8.20 -8.57
N ILE A 70 40.28 7.62 -9.45
CA ILE A 70 40.45 7.77 -10.89
C ILE A 70 39.17 8.34 -11.48
N TRP A 71 39.31 8.89 -12.70
CA TRP A 71 38.14 9.33 -13.45
C TRP A 71 37.29 8.15 -13.87
N ILE A 72 35.99 8.26 -13.64
CA ILE A 72 35.02 7.23 -14.04
C ILE A 72 33.90 7.91 -14.81
N PRO A 73 33.49 7.39 -15.95
CA PRO A 73 32.44 8.07 -16.73
C PRO A 73 31.11 8.05 -16.00
N GLU A 74 30.40 9.17 -16.08
CA GLU A 74 29.05 9.28 -15.52
C GLU A 74 28.08 8.58 -16.47
N ILE A 75 27.69 7.36 -16.10
CA ILE A 75 26.72 6.58 -16.87
C ILE A 75 25.40 6.61 -16.13
N ARG A 76 24.34 7.01 -16.82
CA ARG A 76 23.02 7.13 -16.24
C ARG A 76 22.03 6.23 -16.97
N PHE A 77 21.02 5.76 -16.24
CA PHE A 77 19.87 5.13 -16.87
C PHE A 77 18.83 6.18 -17.21
N VAL A 78 18.15 5.98 -18.34
CA VAL A 78 17.12 6.91 -18.81
C VAL A 78 15.79 6.58 -18.15
N ASN A 79 15.25 5.40 -18.47
CA ASN A 79 13.87 5.05 -18.12
C ASN A 79 13.79 4.46 -16.71
N VAL A 80 14.18 5.28 -15.73
CA VAL A 80 14.24 4.86 -14.34
C VAL A 80 13.59 5.93 -13.48
N GLU A 81 13.09 5.51 -12.31
CA GLU A 81 12.31 6.41 -11.46
C GLU A 81 13.23 7.29 -10.61
N ASN A 82 14.11 6.66 -9.85
CA ASN A 82 15.19 7.32 -9.13
C ASN A 82 16.53 6.87 -9.72
N ALA A 83 17.58 7.64 -9.40
CA ALA A 83 18.93 7.16 -9.69
C ALA A 83 19.13 5.80 -9.03
N ARG A 84 19.78 4.90 -9.77
CA ARG A 84 19.97 3.55 -9.28
C ARG A 84 20.76 3.55 -7.97
N ASP A 85 20.66 2.44 -7.25
CA ASP A 85 21.48 2.16 -6.08
C ASP A 85 22.56 1.17 -6.51
N ALA A 86 23.82 1.57 -6.40
CA ALA A 86 24.92 0.76 -6.90
C ALA A 86 25.96 0.56 -5.81
N ASP A 87 26.53 -0.64 -5.77
CA ASP A 87 27.71 -0.95 -4.98
C ASP A 87 28.83 -1.31 -5.94
N VAL A 88 29.89 -0.53 -5.93
CA VAL A 88 31.05 -0.84 -6.76
C VAL A 88 31.65 -2.16 -6.30
N VAL A 89 31.87 -3.07 -7.24
CA VAL A 89 32.39 -4.40 -6.94
C VAL A 89 33.90 -4.48 -7.17
N ASP A 90 34.37 -3.97 -8.30
CA ASP A 90 35.79 -4.10 -8.60
C ASP A 90 36.20 -3.09 -9.65
N ILE A 91 37.46 -2.63 -9.54
CA ILE A 91 38.06 -1.75 -10.53
C ILE A 91 39.47 -2.25 -10.79
N SER A 92 39.75 -2.66 -12.02
CA SER A 92 41.04 -3.25 -12.38
C SER A 92 41.63 -2.52 -13.57
N VAL A 93 42.81 -1.94 -13.39
CA VAL A 93 43.53 -1.27 -14.46
C VAL A 93 44.53 -2.25 -15.06
N SER A 94 44.77 -2.11 -16.35
CA SER A 94 45.76 -2.93 -17.04
C SER A 94 47.05 -2.14 -17.23
N PRO A 95 48.16 -2.84 -17.50
CA PRO A 95 49.43 -2.12 -17.70
C PRO A 95 49.35 -1.02 -18.74
N ASP A 96 48.56 -1.21 -19.79
CA ASP A 96 48.43 -0.22 -20.85
C ASP A 96 47.50 0.92 -20.48
N GLY A 97 46.79 0.83 -19.36
CA GLY A 97 45.83 1.84 -18.98
C GLY A 97 44.38 1.49 -19.17
N THR A 98 44.05 0.22 -19.41
CA THR A 98 42.67 -0.19 -19.62
C THR A 98 41.98 -0.37 -18.28
N VAL A 99 40.99 0.48 -18.00
CA VAL A 99 40.20 0.38 -16.78
C VAL A 99 38.99 -0.50 -17.05
N GLN A 100 38.81 -1.51 -16.18
CA GLN A 100 37.64 -2.38 -16.16
C GLN A 100 36.91 -2.17 -14.84
N TYR A 101 35.74 -1.54 -14.92
CA TYR A 101 34.93 -1.18 -13.77
C TYR A 101 33.72 -2.10 -13.71
N LEU A 102 33.37 -2.55 -12.51
CA LEU A 102 32.27 -3.48 -12.31
C LEU A 102 31.52 -3.10 -11.04
N GLU A 103 30.22 -2.86 -11.18
CA GLU A 103 29.33 -2.56 -10.06
C GLU A 103 28.12 -3.47 -10.11
N ARG A 104 27.47 -3.62 -8.95
CA ARG A 104 26.15 -4.24 -8.87
C ARG A 104 25.14 -3.20 -8.44
N PHE A 105 24.02 -3.12 -9.17
CA PHE A 105 23.02 -2.10 -8.94
C PHE A 105 21.63 -2.73 -8.88
N SER A 106 20.72 -2.03 -8.21
CA SER A 106 19.30 -2.29 -8.32
C SER A 106 18.60 -1.00 -8.73
N ALA A 107 17.52 -1.13 -9.49
CA ALA A 107 16.80 0.03 -9.98
C ALA A 107 15.36 -0.36 -10.29
N ARG A 108 14.47 0.63 -10.23
CA ARG A 108 13.09 0.46 -10.65
C ARG A 108 12.95 1.05 -12.04
N VAL A 109 12.88 0.18 -13.04
CA VAL A 109 12.77 0.57 -14.44
C VAL A 109 11.31 0.79 -14.79
N LEU A 110 11.05 1.83 -15.58
CA LEU A 110 9.72 2.21 -16.02
C LEU A 110 9.64 1.97 -17.53
N SER A 111 8.82 0.99 -17.94
CA SER A 111 8.74 0.59 -19.33
C SER A 111 7.30 0.30 -19.71
N PRO A 112 6.79 0.92 -20.78
CA PRO A 112 5.37 0.75 -21.12
C PRO A 112 5.09 -0.61 -21.71
N LEU A 113 3.89 -1.11 -21.44
CA LEU A 113 3.44 -2.41 -21.90
C LEU A 113 2.34 -2.26 -22.96
N ASP A 114 2.31 -3.20 -23.89
CA ASP A 114 1.32 -3.23 -24.97
C ASP A 114 0.29 -4.29 -24.65
N PHE A 115 -0.86 -3.87 -24.14
CA PHE A 115 -1.88 -4.77 -23.62
C PHE A 115 -2.90 -5.19 -24.69
N ARG A 116 -2.68 -4.81 -25.95
CA ARG A 116 -3.68 -5.08 -26.98
C ARG A 116 -4.00 -6.57 -27.06
N ARG A 117 -2.98 -7.42 -27.04
CA ARG A 117 -3.15 -8.85 -27.16
C ARG A 117 -3.32 -9.52 -25.79
N TYR A 118 -3.39 -8.72 -24.73
CA TYR A 118 -3.48 -9.25 -23.38
C TYR A 118 -4.76 -10.07 -23.21
N PRO A 119 -4.73 -11.18 -22.46
CA PRO A 119 -3.56 -11.64 -21.71
C PRO A 119 -2.66 -12.60 -22.48
N PHE A 120 -2.74 -12.58 -23.81
CA PHE A 120 -1.86 -13.39 -24.66
C PHE A 120 -0.70 -12.57 -25.22
N ASP A 121 -0.20 -11.63 -24.43
CA ASP A 121 0.70 -10.60 -24.93
C ASP A 121 2.16 -11.01 -24.73
N SER A 122 3.02 -10.55 -25.63
CA SER A 122 4.45 -10.52 -25.42
C SER A 122 4.91 -9.07 -25.26
N GLN A 123 5.97 -8.87 -24.50
CA GLN A 123 6.51 -7.55 -24.28
C GLN A 123 8.02 -7.54 -24.47
N THR A 124 8.55 -6.37 -24.79
CA THR A 124 9.97 -6.06 -24.71
C THR A 124 10.15 -5.00 -23.63
N LEU A 125 10.66 -5.41 -22.47
CA LEU A 125 11.10 -4.45 -21.47
C LEU A 125 12.42 -3.83 -21.92
N HIS A 126 12.52 -2.52 -21.82
CA HIS A 126 13.70 -1.79 -22.24
C HIS A 126 14.48 -1.25 -21.04
N ILE A 127 15.80 -1.28 -21.15
CA ILE A 127 16.71 -0.62 -20.22
C ILE A 127 17.64 0.22 -21.07
N TYR A 128 17.48 1.54 -20.99
CA TYR A 128 18.26 2.47 -21.80
C TYR A 128 19.42 3.01 -20.97
N LEU A 129 20.64 2.73 -21.42
CA LEU A 129 21.85 3.34 -20.89
C LEU A 129 22.16 4.62 -21.66
N ILE A 130 22.75 5.59 -20.97
CA ILE A 130 23.08 6.85 -21.61
C ILE A 130 24.31 7.44 -20.94
N VAL A 131 25.11 8.15 -21.74
CA VAL A 131 26.27 8.89 -21.27
C VAL A 131 26.30 10.23 -21.98
N ARG A 132 26.67 11.28 -21.26
CA ARG A 132 26.72 12.63 -21.80
C ARG A 132 28.19 13.01 -22.03
N SER A 133 28.47 13.55 -23.20
CA SER A 133 29.85 13.93 -23.52
C SER A 133 30.29 15.13 -22.70
N VAL A 134 31.56 15.11 -22.28
CA VAL A 134 32.13 16.22 -21.53
C VAL A 134 32.72 17.23 -22.51
N ASP A 135 33.19 18.36 -21.99
CA ASP A 135 33.69 19.42 -22.88
C ASP A 135 35.05 19.06 -23.46
N THR A 136 35.83 18.24 -22.76
CA THR A 136 37.14 17.85 -23.26
C THR A 136 37.06 16.78 -24.33
N ARG A 137 36.08 15.88 -24.27
CA ARG A 137 36.03 14.75 -25.16
C ARG A 137 34.59 14.27 -25.32
N ASN A 138 34.27 13.77 -26.51
CA ASN A 138 33.01 13.08 -26.75
C ASN A 138 33.11 11.63 -26.27
N ILE A 139 32.03 11.15 -25.65
CA ILE A 139 31.97 9.80 -25.10
C ILE A 139 30.86 9.04 -25.79
N VAL A 140 31.14 7.79 -26.15
CA VAL A 140 30.24 6.97 -26.94
C VAL A 140 30.13 5.59 -26.31
N LEU A 141 28.91 5.06 -26.26
CA LEU A 141 28.65 3.77 -25.65
C LEU A 141 28.72 2.65 -26.68
N ALA A 142 29.11 1.46 -26.20
CA ALA A 142 29.15 0.27 -27.04
C ALA A 142 28.83 -0.94 -26.15
N VAL A 143 28.68 -2.09 -26.80
CA VAL A 143 28.19 -3.29 -26.14
C VAL A 143 29.24 -4.38 -26.24
N ASP A 144 29.70 -4.86 -25.09
CA ASP A 144 30.60 -6.02 -25.01
C ASP A 144 29.73 -7.26 -24.87
N LEU A 145 29.58 -8.02 -25.97
CA LEU A 145 28.69 -9.17 -25.95
C LEU A 145 29.12 -10.20 -24.92
N GLU A 146 30.43 -10.32 -24.67
CA GLU A 146 30.92 -11.25 -23.66
C GLU A 146 30.32 -10.94 -22.29
N LYS A 147 29.91 -9.69 -22.06
CA LYS A 147 29.48 -9.23 -20.75
C LYS A 147 27.97 -9.06 -20.62
N VAL A 148 27.20 -9.63 -21.56
CA VAL A 148 25.75 -9.54 -21.54
C VAL A 148 25.17 -10.92 -21.30
N GLY A 149 24.14 -10.99 -20.46
CA GLY A 149 23.50 -12.24 -20.14
C GLY A 149 22.63 -12.09 -18.92
N LYS A 150 22.18 -13.23 -18.39
CA LYS A 150 21.34 -13.23 -17.20
C LYS A 150 21.48 -14.57 -16.49
N ASN A 151 21.43 -14.50 -15.16
CA ASN A 151 21.45 -15.72 -14.35
C ASN A 151 20.26 -16.61 -14.67
N ASP A 152 20.48 -17.92 -14.54
CA ASP A 152 19.45 -18.90 -14.90
C ASP A 152 18.26 -18.84 -13.95
N ASP A 153 18.50 -18.55 -12.68
CA ASP A 153 17.41 -18.48 -11.70
C ASP A 153 16.71 -17.13 -11.68
N VAL A 154 16.72 -16.44 -12.82
CA VAL A 154 15.96 -15.20 -12.98
C VAL A 154 14.55 -15.57 -13.41
N PHE A 155 13.55 -15.06 -12.69
CA PHE A 155 12.17 -15.45 -12.93
C PHE A 155 11.25 -14.25 -12.82
N LEU A 156 10.26 -14.21 -13.71
CA LEU A 156 9.08 -13.36 -13.57
C LEU A 156 7.90 -14.28 -13.31
N THR A 157 7.36 -14.23 -12.08
CA THR A 157 6.42 -15.24 -11.63
C THR A 157 5.30 -15.49 -12.62
N GLY A 158 4.84 -14.46 -13.33
CA GLY A 158 3.78 -14.61 -14.28
C GLY A 158 4.19 -14.73 -15.74
N TRP A 159 5.48 -14.90 -16.02
CA TRP A 159 5.97 -14.73 -17.38
C TRP A 159 6.96 -15.83 -17.73
N ASP A 160 7.10 -16.05 -19.04
CA ASP A 160 8.21 -16.79 -19.62
C ASP A 160 9.23 -15.79 -20.16
N ILE A 161 10.49 -15.95 -19.77
CA ILE A 161 11.55 -15.08 -20.26
C ILE A 161 12.17 -15.70 -21.50
N GLU A 162 12.09 -14.98 -22.62
CA GLU A 162 12.59 -15.50 -23.90
C GLU A 162 14.08 -15.27 -24.04
N SER A 163 14.53 -14.02 -23.94
CA SER A 163 15.91 -13.68 -24.23
C SER A 163 16.21 -12.31 -23.66
N PHE A 164 17.50 -12.07 -23.43
CA PHE A 164 18.02 -10.76 -23.02
C PHE A 164 19.17 -10.39 -23.94
N THR A 165 18.96 -9.40 -24.80
CA THR A 165 19.96 -9.00 -25.78
C THR A 165 20.05 -7.48 -25.81
N ALA A 166 21.06 -6.98 -26.53
CA ALA A 166 21.31 -5.55 -26.64
C ALA A 166 21.44 -5.16 -28.10
N VAL A 167 20.93 -3.97 -28.44
CA VAL A 167 21.10 -3.40 -29.77
C VAL A 167 22.48 -2.78 -29.87
N VAL A 168 23.31 -3.32 -30.77
CA VAL A 168 24.74 -3.02 -30.74
C VAL A 168 25.00 -1.57 -31.13
N LYS A 169 24.34 -1.08 -32.18
CA LYS A 169 24.55 0.29 -32.61
C LYS A 169 23.80 1.24 -31.68
N PRO A 170 24.48 2.19 -31.05
CA PRO A 170 23.79 3.11 -30.14
C PRO A 170 23.09 4.24 -30.88
N ALA A 171 22.22 4.92 -30.14
CA ALA A 171 21.56 6.14 -30.60
C ALA A 171 22.30 7.33 -30.04
N ASN A 172 22.94 8.10 -30.92
CA ASN A 172 23.64 9.32 -30.55
C ASN A 172 22.80 10.52 -30.97
N PHE A 173 22.71 11.52 -30.11
CA PHE A 173 21.84 12.65 -30.41
C PHE A 173 22.29 13.85 -29.59
N ALA A 174 21.79 15.03 -29.98
CA ALA A 174 22.09 16.25 -29.25
C ALA A 174 21.02 16.52 -28.20
N LEU A 175 21.46 16.88 -27.00
CA LEU A 175 20.57 17.25 -25.91
C LEU A 175 21.20 18.41 -25.16
N GLU A 176 20.48 19.53 -25.09
CA GLU A 176 20.96 20.74 -24.43
C GLU A 176 22.42 21.03 -24.78
N ASP A 177 22.72 21.02 -26.08
CA ASP A 177 24.01 21.44 -26.60
C ASP A 177 25.14 20.47 -26.25
N ARG A 178 24.82 19.21 -25.93
CA ARG A 178 25.87 18.22 -25.74
C ARG A 178 25.47 16.92 -26.43
N LEU A 179 26.48 16.13 -26.80
CA LEU A 179 26.23 14.82 -27.40
C LEU A 179 25.93 13.77 -26.34
N GLU A 180 24.83 13.06 -26.51
CA GLU A 180 24.46 11.94 -25.66
C GLU A 180 24.48 10.64 -26.46
N SER A 181 24.86 9.56 -25.77
CA SER A 181 24.99 8.23 -26.36
C SER A 181 24.13 7.25 -25.57
N LYS A 182 23.21 6.57 -26.25
CA LYS A 182 22.18 5.77 -25.62
C LYS A 182 22.17 4.35 -26.17
N LEU A 183 22.22 3.37 -25.28
CA LEU A 183 22.11 1.96 -25.63
C LEU A 183 20.75 1.43 -25.19
N ASP A 184 20.26 0.44 -25.94
CA ASP A 184 18.94 -0.18 -25.71
C ASP A 184 19.14 -1.66 -25.39
N TYR A 185 19.05 -2.01 -24.11
CA TYR A 185 18.98 -3.41 -23.69
C TYR A 185 17.53 -3.88 -23.66
N GLN A 186 17.27 -5.07 -24.22
CA GLN A 186 15.91 -5.53 -24.47
C GLN A 186 15.71 -6.90 -23.82
N LEU A 187 14.79 -6.96 -22.87
CA LEU A 187 14.37 -8.21 -22.22
C LEU A 187 13.02 -8.61 -22.78
N ARG A 188 13.02 -9.67 -23.60
CA ARG A 188 11.78 -10.16 -24.22
C ARG A 188 11.11 -11.17 -23.31
N ILE A 189 9.80 -10.98 -23.09
CA ILE A 189 9.02 -11.84 -22.20
C ILE A 189 7.66 -12.10 -22.84
N SER A 190 7.05 -13.22 -22.45
CA SER A 190 5.71 -13.54 -22.91
C SER A 190 4.85 -14.03 -21.76
N ARG A 191 3.61 -13.55 -21.71
CA ARG A 191 2.74 -13.78 -20.56
C ARG A 191 2.24 -15.22 -20.52
N GLN A 192 2.07 -15.73 -19.30
CA GLN A 192 1.45 -17.04 -19.09
C GLN A 192 -0.03 -16.83 -18.82
N TYR A 193 -0.86 -17.09 -19.84
CA TYR A 193 -2.26 -16.71 -19.78
C TYR A 193 -3.12 -17.69 -18.97
N GLY A 194 -2.61 -18.88 -18.68
CA GLY A 194 -3.44 -19.90 -18.06
C GLY A 194 -4.16 -19.42 -16.82
N TYR A 195 -3.45 -18.69 -15.95
CA TYR A 195 -4.06 -18.14 -14.75
C TYR A 195 -5.38 -17.45 -15.07
N PHE A 196 -5.37 -16.57 -16.07
CA PHE A 196 -6.56 -15.79 -16.39
C PHE A 196 -7.67 -16.70 -16.90
N VAL A 197 -7.32 -17.79 -17.56
CA VAL A 197 -8.31 -18.75 -18.02
C VAL A 197 -9.20 -19.17 -16.85
N ILE A 198 -8.60 -19.38 -15.68
CA ILE A 198 -9.35 -19.82 -14.52
C ILE A 198 -9.73 -18.67 -13.60
N GLN A 199 -9.34 -17.44 -13.95
CA GLN A 199 -9.73 -16.26 -13.18
C GLN A 199 -10.92 -15.52 -13.78
N THR A 200 -11.08 -15.52 -15.09
CA THR A 200 -12.10 -14.71 -15.75
C THR A 200 -12.85 -15.50 -16.82
N TYR A 201 -12.11 -16.22 -17.67
CA TYR A 201 -12.74 -16.87 -18.82
C TYR A 201 -13.72 -17.94 -18.38
N LEU A 202 -13.38 -18.72 -17.35
CA LEU A 202 -14.31 -19.74 -16.89
C LEU A 202 -15.56 -19.12 -16.27
N PRO A 203 -15.47 -18.17 -15.34
CA PRO A 203 -16.69 -17.51 -14.86
C PRO A 203 -17.57 -16.97 -15.97
N CYS A 204 -16.96 -16.46 -17.05
CA CYS A 204 -17.73 -15.93 -18.16
C CYS A 204 -18.45 -17.05 -18.91
N ILE A 205 -17.72 -18.11 -19.27
CA ILE A 205 -18.31 -19.20 -20.03
C ILE A 205 -19.42 -19.86 -19.24
N MET A 206 -19.17 -20.14 -17.96
CA MET A 206 -20.19 -20.74 -17.10
C MET A 206 -21.38 -19.80 -16.93
N THR A 207 -21.12 -18.50 -16.84
CA THR A 207 -22.23 -17.55 -16.72
C THR A 207 -23.08 -17.54 -17.97
N VAL A 208 -22.46 -17.70 -19.14
CA VAL A 208 -23.21 -17.78 -20.39
C VAL A 208 -24.06 -19.05 -20.41
N ILE A 209 -23.46 -20.19 -20.07
CA ILE A 209 -24.22 -21.44 -20.04
C ILE A 209 -25.41 -21.28 -19.09
N LEU A 210 -25.16 -20.79 -17.88
CA LEU A 210 -26.23 -20.55 -16.92
C LEU A 210 -27.32 -19.69 -17.52
N SER A 211 -26.95 -18.62 -18.23
CA SER A 211 -27.97 -17.79 -18.88
C SER A 211 -28.75 -18.60 -19.92
N GLN A 212 -28.09 -19.56 -20.57
CA GLN A 212 -28.78 -20.35 -21.59
C GLN A 212 -29.72 -21.38 -20.99
N VAL A 213 -29.46 -21.83 -19.76
CA VAL A 213 -30.36 -22.77 -19.09
C VAL A 213 -31.78 -22.24 -19.04
N SER A 214 -31.96 -20.92 -19.04
CA SER A 214 -33.29 -20.34 -18.89
C SER A 214 -34.21 -20.74 -20.04
N PHE A 215 -33.67 -21.02 -21.23
CA PHE A 215 -34.52 -21.37 -22.36
C PHE A 215 -35.26 -22.69 -22.17
N TRP A 216 -34.81 -23.53 -21.24
CA TRP A 216 -35.41 -24.84 -21.00
C TRP A 216 -36.40 -24.83 -19.84
N LEU A 217 -36.53 -23.73 -19.11
CA LEU A 217 -37.53 -23.63 -18.06
C LEU A 217 -38.88 -23.28 -18.66
N ASN A 218 -39.94 -23.78 -18.00
CA ASN A 218 -41.30 -23.49 -18.45
C ASN A 218 -41.52 -21.99 -18.59
N ARG A 219 -42.13 -21.61 -19.71
CA ARG A 219 -42.36 -20.20 -20.00
C ARG A 219 -43.33 -19.56 -19.02
N GLU A 220 -44.17 -20.36 -18.36
CA GLU A 220 -45.14 -19.80 -17.43
C GLU A 220 -44.49 -19.44 -16.10
N SER A 221 -43.39 -20.10 -15.75
CA SER A 221 -42.65 -19.81 -14.52
C SER A 221 -41.71 -18.64 -14.80
N VAL A 222 -42.30 -17.45 -14.83
CA VAL A 222 -41.63 -16.21 -15.23
C VAL A 222 -40.55 -15.82 -14.20
N PRO A 223 -40.83 -15.89 -12.91
CA PRO A 223 -39.80 -15.48 -11.93
C PRO A 223 -38.51 -16.26 -12.02
N ALA A 224 -38.56 -17.59 -12.16
CA ALA A 224 -37.33 -18.36 -12.28
C ALA A 224 -36.45 -17.83 -13.41
N ARG A 225 -37.01 -17.76 -14.62
CA ARG A 225 -36.25 -17.25 -15.75
C ARG A 225 -35.77 -15.82 -15.51
N THR A 226 -36.56 -15.01 -14.81
CA THR A 226 -36.11 -13.67 -14.45
C THR A 226 -34.84 -13.74 -13.60
N VAL A 227 -34.85 -14.58 -12.57
CA VAL A 227 -33.67 -14.73 -11.71
C VAL A 227 -32.47 -15.15 -12.54
N PHE A 228 -32.63 -16.18 -13.37
CA PHE A 228 -31.53 -16.62 -14.22
C PHE A 228 -30.97 -15.48 -15.05
N VAL A 229 -31.82 -14.87 -15.87
CA VAL A 229 -31.35 -13.88 -16.85
C VAL A 229 -30.70 -12.71 -16.13
N VAL A 230 -31.38 -12.17 -15.12
CA VAL A 230 -30.91 -10.96 -14.46
C VAL A 230 -29.61 -11.22 -13.71
N THR A 231 -29.57 -12.30 -12.92
CA THR A 231 -28.35 -12.57 -12.17
C THR A 231 -27.18 -12.84 -13.12
N THR A 232 -27.45 -13.50 -14.25
CA THR A 232 -26.37 -13.75 -15.20
C THR A 232 -25.87 -12.46 -15.84
N VAL A 233 -26.79 -11.53 -16.11
CA VAL A 233 -26.38 -10.23 -16.67
C VAL A 233 -25.53 -9.46 -15.67
N LEU A 234 -25.98 -9.40 -14.41
CA LEU A 234 -25.22 -8.65 -13.42
C LEU A 234 -23.88 -9.31 -13.16
N THR A 235 -23.84 -10.65 -13.19
CA THR A 235 -22.59 -11.37 -13.04
C THR A 235 -21.63 -11.00 -14.18
N MET A 236 -22.14 -10.97 -15.42
CA MET A 236 -21.30 -10.58 -16.54
C MET A 236 -20.74 -9.18 -16.35
N THR A 237 -21.59 -8.22 -15.96
CA THR A 237 -21.09 -6.86 -15.72
C THR A 237 -20.01 -6.84 -14.64
N THR A 238 -20.25 -7.56 -13.54
CA THR A 238 -19.27 -7.59 -12.45
C THR A 238 -17.95 -8.17 -12.92
N LEU A 239 -18.00 -9.26 -13.67
CA LEU A 239 -16.76 -9.87 -14.16
C LEU A 239 -16.03 -8.92 -15.10
N SER A 240 -16.76 -8.22 -15.96
CA SER A 240 -16.15 -7.24 -16.86
C SER A 240 -15.40 -6.18 -16.07
N ILE A 241 -16.10 -5.49 -15.16
CA ILE A 241 -15.48 -4.42 -14.39
C ILE A 241 -14.29 -4.95 -13.60
N SER A 242 -14.50 -6.04 -12.86
CA SER A 242 -13.42 -6.67 -12.10
C SER A 242 -12.20 -6.90 -12.99
N ALA A 243 -12.41 -7.51 -14.14
CA ALA A 243 -11.28 -7.87 -15.01
C ALA A 243 -10.55 -6.60 -15.45
N ARG A 244 -11.29 -5.59 -15.92
CA ARG A 244 -10.62 -4.38 -16.36
C ARG A 244 -9.96 -3.62 -15.22
N ASN A 245 -10.32 -3.93 -13.97
CA ASN A 245 -9.67 -3.27 -12.83
C ASN A 245 -8.22 -3.71 -12.64
N SER A 246 -7.77 -4.79 -13.27
CA SER A 246 -6.40 -5.24 -13.11
C SER A 246 -5.41 -4.48 -13.99
N LEU A 247 -5.89 -3.76 -15.00
CA LEU A 247 -5.02 -3.15 -15.99
C LEU A 247 -4.91 -1.65 -15.76
N PRO A 248 -3.88 -1.02 -16.31
CA PRO A 248 -3.83 0.45 -16.34
C PRO A 248 -4.90 1.01 -17.26
N LYS A 249 -5.09 2.33 -17.19
CA LYS A 249 -6.15 3.00 -17.94
C LYS A 249 -5.72 3.13 -19.40
N VAL A 250 -5.61 1.98 -20.05
CA VAL A 250 -5.24 1.96 -21.47
C VAL A 250 -6.44 2.39 -22.30
N ALA A 251 -6.16 3.04 -23.44
CA ALA A 251 -7.24 3.50 -24.29
C ALA A 251 -7.88 2.35 -25.06
N TYR A 252 -7.08 1.39 -25.51
CA TYR A 252 -7.53 0.38 -26.46
C TYR A 252 -8.28 -0.73 -25.74
N ALA A 253 -8.55 -1.83 -26.45
CA ALA A 253 -9.24 -2.98 -25.91
C ALA A 253 -8.34 -4.20 -26.02
N THR A 254 -8.35 -5.03 -24.98
CA THR A 254 -7.57 -6.26 -24.96
C THR A 254 -8.39 -7.43 -25.52
N ALA A 255 -7.72 -8.53 -25.81
CA ALA A 255 -8.42 -9.75 -26.24
C ALA A 255 -9.42 -10.19 -25.18
N MET A 256 -9.05 -10.07 -23.91
CA MET A 256 -10.00 -10.36 -22.84
C MET A 256 -11.21 -9.43 -22.93
N ASP A 257 -10.98 -8.17 -23.27
CA ASP A 257 -12.08 -7.25 -23.48
C ASP A 257 -13.05 -7.79 -24.52
N TRP A 258 -12.52 -8.30 -25.63
CA TRP A 258 -13.37 -8.84 -26.68
C TRP A 258 -14.14 -10.06 -26.22
N PHE A 259 -13.47 -11.00 -25.56
CA PHE A 259 -14.16 -12.18 -25.05
C PHE A 259 -15.29 -11.79 -24.10
N ILE A 260 -15.00 -10.88 -23.16
CA ILE A 260 -16.01 -10.50 -22.19
C ILE A 260 -17.16 -9.77 -22.87
N ALA A 261 -16.84 -8.94 -23.87
CA ALA A 261 -17.88 -8.19 -24.57
C ALA A 261 -18.79 -9.11 -25.36
N VAL A 262 -18.22 -10.14 -26.01
CA VAL A 262 -19.05 -11.09 -26.74
C VAL A 262 -19.91 -11.92 -25.80
N CYS A 263 -19.33 -12.36 -24.68
CA CYS A 263 -20.13 -13.05 -23.67
C CYS A 263 -21.29 -12.16 -23.19
N TYR A 264 -21.02 -10.87 -22.97
CA TYR A 264 -22.07 -9.96 -22.57
C TYR A 264 -23.13 -9.82 -23.67
N ALA A 265 -22.70 -9.83 -24.93
CA ALA A 265 -23.65 -9.82 -26.03
C ALA A 265 -24.58 -11.03 -25.96
N PHE A 266 -24.01 -12.22 -25.78
CA PHE A 266 -24.82 -13.43 -25.71
C PHE A 266 -25.78 -13.39 -24.53
N VAL A 267 -25.31 -12.91 -23.37
CA VAL A 267 -26.15 -12.91 -22.17
C VAL A 267 -27.29 -11.91 -22.30
N PHE A 268 -26.98 -10.68 -22.70
CA PHE A 268 -28.02 -9.69 -22.90
C PHE A 268 -28.97 -10.11 -24.01
N SER A 269 -28.47 -10.81 -25.02
CA SER A 269 -29.33 -11.36 -26.06
C SER A 269 -30.26 -12.41 -25.48
N ALA A 270 -29.76 -13.20 -24.53
CA ALA A 270 -30.63 -14.16 -23.83
C ALA A 270 -31.70 -13.44 -23.04
N LEU A 271 -31.35 -12.29 -22.42
CA LEU A 271 -32.37 -11.49 -21.74
C LEU A 271 -33.44 -11.01 -22.71
N ILE A 272 -33.01 -10.48 -23.86
CA ILE A 272 -33.97 -10.01 -24.86
C ILE A 272 -34.84 -11.17 -25.35
N GLU A 273 -34.25 -12.35 -25.49
CA GLU A 273 -35.01 -13.52 -25.89
C GLU A 273 -36.08 -13.87 -24.85
N PHE A 274 -35.69 -13.92 -23.58
CA PHE A 274 -36.67 -14.19 -22.53
C PHE A 274 -37.79 -13.16 -22.54
N ALA A 275 -37.45 -11.89 -22.77
CA ALA A 275 -38.47 -10.84 -22.81
C ALA A 275 -39.40 -11.02 -24.00
N THR A 276 -38.86 -11.39 -25.17
CA THR A 276 -39.70 -11.63 -26.32
C THR A 276 -40.63 -12.82 -26.12
N VAL A 277 -40.07 -13.95 -25.69
CA VAL A 277 -40.88 -15.14 -25.42
C VAL A 277 -42.00 -14.81 -24.43
N ASN A 278 -41.64 -14.17 -23.31
CA ASN A 278 -42.67 -13.79 -22.34
C ASN A 278 -43.70 -12.85 -22.96
N TYR A 279 -43.27 -11.98 -23.88
CA TYR A 279 -44.19 -11.05 -24.50
C TYR A 279 -45.18 -11.76 -25.43
N PHE A 280 -44.77 -12.89 -26.02
CA PHE A 280 -45.59 -13.62 -26.97
C PHE A 280 -46.17 -14.90 -26.37
N THR A 281 -46.15 -15.02 -25.05
CA THR A 281 -46.52 -16.29 -24.43
C THR A 281 -48.03 -16.50 -24.40
N LYS A 282 -48.78 -15.46 -24.06
CA LYS A 282 -50.23 -15.57 -24.05
C LYS A 282 -50.79 -15.61 -25.47
N SER A 283 -50.61 -14.52 -26.22
CA SER A 283 -50.97 -14.48 -27.63
C SER A 283 -49.85 -15.05 -28.48
N GLN A 284 -50.17 -16.05 -29.30
CA GLN A 284 -49.21 -16.68 -30.20
C GLN A 284 -48.21 -17.54 -29.43
N PRO A 285 -48.68 -18.50 -28.62
CA PRO A 285 -47.73 -19.39 -27.94
C PRO A 285 -46.90 -20.23 -28.91
N ALA A 286 -47.38 -20.44 -30.13
CA ALA A 286 -46.59 -21.15 -31.13
C ALA A 286 -45.32 -20.37 -31.47
N ARG A 287 -45.44 -19.05 -31.59
CA ARG A 287 -44.26 -18.24 -31.90
C ARG A 287 -43.25 -18.33 -30.78
N ALA A 288 -43.68 -18.09 -29.53
CA ALA A 288 -42.78 -18.20 -28.38
C ALA A 288 -42.09 -19.56 -28.37
N ALA A 289 -42.87 -20.64 -28.50
CA ALA A 289 -42.29 -21.98 -28.49
C ALA A 289 -41.25 -22.14 -29.58
N LYS A 290 -41.54 -21.64 -30.78
CA LYS A 290 -40.57 -21.75 -31.87
C LYS A 290 -39.31 -20.96 -31.54
N ILE A 291 -39.47 -19.78 -30.92
CA ILE A 291 -38.32 -18.98 -30.51
C ILE A 291 -37.42 -19.76 -29.57
N ASP A 292 -38.01 -20.36 -28.54
CA ASP A 292 -37.19 -21.17 -27.63
C ASP A 292 -36.54 -22.34 -28.37
N ARG A 293 -37.30 -22.99 -29.26
CA ARG A 293 -36.78 -24.13 -29.99
C ARG A 293 -35.53 -23.76 -30.77
N LEU A 294 -35.58 -22.64 -31.49
CA LEU A 294 -34.45 -22.21 -32.28
C LEU A 294 -33.30 -21.75 -31.38
N SER A 295 -33.62 -20.94 -30.37
CA SER A 295 -32.59 -20.42 -29.48
C SER A 295 -31.76 -21.55 -28.88
N ARG A 296 -32.42 -22.62 -28.43
CA ARG A 296 -31.68 -23.72 -27.81
C ARG A 296 -30.62 -24.32 -28.72
N ILE A 297 -30.75 -24.14 -30.03
CA ILE A 297 -29.77 -24.64 -30.98
C ILE A 297 -28.79 -23.55 -31.41
N ALA A 298 -29.29 -22.34 -31.65
CA ALA A 298 -28.44 -21.26 -32.13
C ALA A 298 -27.45 -20.81 -31.06
N PHE A 299 -27.94 -20.50 -29.86
CA PHE A 299 -27.09 -19.90 -28.85
C PHE A 299 -25.84 -20.74 -28.57
N PRO A 300 -25.95 -21.98 -28.09
CA PRO A 300 -24.73 -22.75 -27.79
C PRO A 300 -23.90 -23.04 -29.02
N LEU A 301 -24.51 -23.05 -30.21
CA LEU A 301 -23.75 -23.28 -31.43
C LEU A 301 -22.91 -22.05 -31.77
N LEU A 302 -23.54 -20.88 -31.84
CA LEU A 302 -22.78 -19.65 -32.08
C LEU A 302 -21.71 -19.45 -31.02
N PHE A 303 -22.01 -19.83 -29.77
CA PHE A 303 -21.03 -19.69 -28.70
C PHE A 303 -19.84 -20.62 -28.91
N GLY A 304 -20.11 -21.87 -29.28
CA GLY A 304 -19.02 -22.79 -29.58
C GLY A 304 -18.15 -22.31 -30.73
N ILE A 305 -18.79 -21.87 -31.81
CA ILE A 305 -18.04 -21.35 -32.95
C ILE A 305 -17.19 -20.16 -32.53
N PHE A 306 -17.79 -19.23 -31.78
CA PHE A 306 -17.04 -18.07 -31.32
C PHE A 306 -15.82 -18.49 -30.51
N ASN A 307 -16.02 -19.35 -29.52
CA ASN A 307 -14.88 -19.83 -28.74
C ASN A 307 -13.82 -20.46 -29.64
N LEU A 308 -14.26 -21.16 -30.68
CA LEU A 308 -13.31 -21.77 -31.62
C LEU A 308 -12.46 -20.72 -32.30
N VAL A 309 -13.10 -19.69 -32.87
CA VAL A 309 -12.34 -18.64 -33.54
C VAL A 309 -11.41 -17.93 -32.55
N TYR A 310 -11.91 -17.64 -31.35
CA TYR A 310 -11.13 -16.88 -30.38
C TYR A 310 -9.89 -17.64 -29.93
N TRP A 311 -10.10 -18.83 -29.35
CA TRP A 311 -8.97 -19.60 -28.85
C TRP A 311 -8.06 -20.08 -29.97
N ALA A 312 -8.63 -20.36 -31.15
CA ALA A 312 -7.79 -20.68 -32.30
C ALA A 312 -6.90 -19.49 -32.68
N THR A 313 -7.44 -18.28 -32.60
CA THR A 313 -6.69 -17.10 -33.00
C THR A 313 -5.59 -16.78 -31.99
N TYR A 314 -5.95 -16.66 -30.71
CA TYR A 314 -5.03 -16.18 -29.69
C TYR A 314 -4.16 -17.29 -29.10
N LEU A 315 -4.23 -18.50 -29.65
CA LEU A 315 -3.31 -19.56 -29.24
C LEU A 315 -2.43 -20.01 -30.42
N MET B 3 42.97 -1.53 2.51
CA MET B 3 44.00 -2.58 2.53
C MET B 3 43.94 -3.42 1.25
N VAL B 4 44.58 -4.59 1.30
CA VAL B 4 44.56 -5.53 0.19
C VAL B 4 44.28 -6.92 0.74
N SER B 5 43.95 -7.84 -0.18
CA SER B 5 43.57 -9.19 0.22
C SER B 5 44.78 -9.95 0.77
N PRO B 6 44.55 -10.90 1.67
CA PRO B 6 45.66 -11.66 2.26
C PRO B 6 46.37 -12.49 1.22
N PRO B 7 47.69 -12.35 1.09
CA PRO B 7 48.41 -13.14 0.11
C PRO B 7 48.45 -14.61 0.52
N PRO B 8 48.51 -15.53 -0.44
CA PRO B 8 48.45 -16.96 -0.12
C PRO B 8 49.79 -17.46 0.41
N PRO B 9 49.78 -18.32 1.42
CA PRO B 9 51.02 -18.96 1.86
C PRO B 9 51.49 -19.98 0.84
N ILE B 10 50.57 -20.80 0.33
CA ILE B 10 50.92 -21.76 -0.71
C ILE B 10 51.10 -21.12 -2.08
N ALA B 11 50.96 -19.80 -2.19
CA ALA B 11 51.11 -19.09 -3.45
C ALA B 11 50.01 -19.49 -4.43
N ASP B 12 49.41 -20.66 -4.23
CA ASP B 12 48.37 -21.19 -5.09
C ASP B 12 47.19 -21.72 -4.29
N GLU B 13 46.99 -21.21 -3.09
CA GLU B 13 45.95 -21.77 -2.23
C GLU B 13 44.76 -20.83 -2.20
N PRO B 14 43.54 -21.34 -2.35
CA PRO B 14 42.36 -20.47 -2.24
C PRO B 14 42.09 -20.10 -0.80
N LEU B 15 41.67 -18.85 -0.59
CA LEU B 15 41.25 -18.38 0.72
C LEU B 15 39.80 -18.78 0.95
N THR B 16 39.55 -19.56 1.99
CA THR B 16 38.19 -19.94 2.36
C THR B 16 37.68 -18.99 3.43
N VAL B 17 36.41 -18.62 3.33
CA VAL B 17 35.73 -17.80 4.33
C VAL B 17 34.70 -18.66 5.03
N ASN B 18 34.87 -18.85 6.33
CA ASN B 18 33.91 -19.65 7.09
C ASN B 18 32.74 -18.75 7.47
N THR B 19 31.54 -19.12 7.01
CA THR B 19 30.35 -18.31 7.13
C THR B 19 29.33 -18.96 8.06
N GLY B 20 28.51 -18.12 8.69
CA GLY B 20 27.39 -18.60 9.47
C GLY B 20 26.33 -17.53 9.57
N ILE B 21 25.07 -17.96 9.59
CA ILE B 21 23.94 -17.06 9.76
C ILE B 21 23.11 -17.55 10.96
N TYR B 22 22.73 -16.62 11.82
CA TYR B 22 21.92 -16.93 12.99
C TYR B 22 20.65 -16.08 12.93
N LEU B 23 19.52 -16.71 12.64
CA LEU B 23 18.28 -15.97 12.46
C LEU B 23 17.80 -15.42 13.80
N ILE B 24 17.57 -14.11 13.85
CA ILE B 24 17.01 -13.47 15.03
C ILE B 24 15.52 -13.18 14.85
N GLU B 25 15.13 -12.70 13.67
CA GLU B 25 13.75 -12.29 13.41
C GLU B 25 13.37 -12.68 12.00
N CYS B 26 12.16 -13.23 11.85
CA CYS B 26 11.64 -13.66 10.56
C CYS B 26 10.20 -13.19 10.45
N TYR B 27 9.91 -12.35 9.46
CA TYR B 27 8.62 -11.68 9.38
C TYR B 27 8.31 -11.36 7.93
N SER B 28 7.05 -10.98 7.71
CA SER B 28 6.60 -10.46 6.42
C SER B 28 6.83 -11.46 5.28
N LEU B 29 6.37 -12.69 5.48
CA LEU B 29 6.35 -13.68 4.41
C LEU B 29 5.18 -13.35 3.48
N ASP B 30 5.48 -12.84 2.29
CA ASP B 30 4.46 -12.39 1.35
C ASP B 30 4.28 -13.46 0.28
N ASP B 31 3.12 -14.13 0.30
CA ASP B 31 2.86 -15.18 -0.66
C ASP B 31 2.81 -14.62 -2.09
N LYS B 32 2.20 -13.44 -2.25
CA LYS B 32 2.00 -12.89 -3.60
C LYS B 32 3.31 -12.38 -4.18
N ALA B 33 4.15 -11.76 -3.35
CA ALA B 33 5.45 -11.25 -3.79
C ALA B 33 6.54 -12.32 -3.76
N GLU B 34 6.28 -13.47 -3.14
CA GLU B 34 7.28 -14.51 -2.97
C GLU B 34 8.56 -13.93 -2.36
N THR B 35 8.39 -13.13 -1.31
CA THR B 35 9.49 -12.53 -0.60
C THR B 35 9.22 -12.65 0.90
N PHE B 36 10.29 -12.57 1.69
CA PHE B 36 10.17 -12.48 3.14
C PHE B 36 11.33 -11.65 3.67
N LYS B 37 11.17 -11.11 4.86
CA LYS B 37 12.18 -10.26 5.46
C LYS B 37 12.85 -10.99 6.61
N VAL B 38 14.16 -10.87 6.71
CA VAL B 38 14.96 -11.60 7.67
C VAL B 38 15.93 -10.66 8.37
N ASN B 39 16.12 -10.87 9.67
CA ASN B 39 17.06 -10.09 10.48
C ASN B 39 17.90 -11.08 11.28
N ALA B 40 19.21 -11.09 11.03
CA ALA B 40 20.04 -12.19 11.51
C ALA B 40 21.46 -11.70 11.74
N PHE B 41 22.26 -12.57 12.37
CA PHE B 41 23.71 -12.43 12.42
C PHE B 41 24.36 -13.08 11.20
N LEU B 42 25.35 -12.37 10.64
CA LEU B 42 26.29 -12.93 9.69
C LEU B 42 27.68 -12.93 10.31
N SER B 43 28.30 -14.11 10.38
CA SER B 43 29.63 -14.30 10.93
C SER B 43 30.56 -14.84 9.86
N LEU B 44 31.73 -14.22 9.72
CA LEU B 44 32.75 -14.61 8.77
C LEU B 44 34.07 -14.84 9.50
N SER B 45 34.88 -15.75 8.99
CA SER B 45 36.15 -16.08 9.64
C SER B 45 37.15 -16.46 8.58
N TRP B 46 38.33 -15.84 8.60
CA TRP B 46 39.35 -16.14 7.61
C TRP B 46 40.73 -15.86 8.20
N LYS B 47 41.76 -16.22 7.45
CA LYS B 47 43.14 -16.12 7.92
C LYS B 47 43.85 -15.04 7.11
N ASP B 48 44.38 -14.03 7.80
CA ASP B 48 45.20 -12.99 7.19
C ASP B 48 46.50 -12.89 7.99
N ARG B 49 47.53 -13.61 7.53
CA ARG B 49 48.80 -13.66 8.25
C ARG B 49 49.35 -12.28 8.58
N ARG B 50 49.13 -11.30 7.68
CA ARG B 50 49.59 -9.94 7.94
C ARG B 50 49.18 -9.43 9.31
N LEU B 51 48.09 -9.97 9.86
CA LEU B 51 47.56 -9.52 11.15
C LEU B 51 48.04 -10.36 12.32
N ALA B 52 48.78 -11.44 12.05
CA ALA B 52 49.30 -12.28 13.12
C ALA B 52 50.21 -11.47 14.05
N PHE B 53 50.44 -12.02 15.23
CA PHE B 53 51.25 -11.37 16.25
C PHE B 53 51.69 -12.40 17.26
N ASP B 54 52.72 -12.06 18.03
CA ASP B 54 53.22 -12.95 19.07
C ASP B 54 52.28 -12.94 20.26
N PRO B 55 51.74 -14.09 20.67
CA PRO B 55 50.82 -14.10 21.83
C PRO B 55 51.52 -13.84 23.14
N VAL B 56 52.84 -13.94 23.20
CA VAL B 56 53.58 -13.74 24.44
C VAL B 56 54.23 -12.36 24.49
N ARG B 57 54.91 -11.96 23.42
CA ARG B 57 55.40 -10.59 23.33
C ARG B 57 54.26 -9.60 23.42
N SER B 58 53.20 -9.83 22.65
CA SER B 58 51.95 -9.08 22.79
C SER B 58 51.16 -9.68 23.94
N GLY B 59 50.98 -8.91 25.01
CA GLY B 59 50.27 -9.39 26.17
C GLY B 59 48.77 -9.46 25.99
N VAL B 60 48.30 -9.23 24.77
CA VAL B 60 46.88 -9.28 24.46
C VAL B 60 46.55 -10.65 23.88
N ARG B 61 45.37 -11.16 24.22
CA ARG B 61 44.97 -12.49 23.79
C ARG B 61 44.33 -12.51 22.41
N VAL B 62 43.74 -11.40 21.96
CA VAL B 62 43.06 -11.36 20.67
C VAL B 62 43.36 -10.04 19.96
N LYS B 63 42.97 -8.92 20.56
CA LYS B 63 43.02 -7.62 19.90
C LYS B 63 41.90 -7.54 18.86
N THR B 64 41.25 -6.38 18.75
CA THR B 64 40.09 -6.22 17.90
C THR B 64 40.28 -5.02 16.97
N TYR B 65 39.86 -5.18 15.73
CA TYR B 65 39.98 -4.13 14.73
C TYR B 65 38.60 -3.65 14.30
N GLU B 66 38.57 -2.46 13.74
CA GLU B 66 37.45 -1.86 13.02
C GLU B 66 37.47 -2.27 11.55
N PRO B 67 36.30 -2.39 10.92
CA PRO B 67 36.27 -2.86 9.53
C PRO B 67 37.13 -2.03 8.59
N GLU B 68 37.27 -0.73 8.84
CA GLU B 68 38.13 0.08 7.99
C GLU B 68 39.61 -0.26 8.19
N ALA B 69 39.96 -0.86 9.33
CA ALA B 69 41.37 -1.08 9.65
C ALA B 69 41.98 -2.19 8.79
N ILE B 70 41.20 -3.24 8.52
CA ILE B 70 41.72 -4.45 7.90
C ILE B 70 40.92 -4.75 6.64
N TRP B 71 41.47 -5.61 5.80
CA TRP B 71 40.74 -6.13 4.65
C TRP B 71 39.62 -7.04 5.10
N ILE B 72 38.43 -6.84 4.53
CA ILE B 72 37.27 -7.68 4.80
C ILE B 72 36.70 -8.14 3.47
N PRO B 73 36.38 -9.42 3.30
CA PRO B 73 35.86 -9.88 2.00
C PRO B 73 34.49 -9.30 1.71
N GLU B 74 34.30 -8.90 0.46
CA GLU B 74 33.01 -8.39 -0.01
C GLU B 74 32.06 -9.55 -0.23
N ILE B 75 31.15 -9.76 0.73
CA ILE B 75 30.16 -10.82 0.65
C ILE B 75 28.82 -10.22 0.27
N ARG B 76 28.23 -10.74 -0.80
CA ARG B 76 26.95 -10.25 -1.30
C ARG B 76 25.91 -11.35 -1.26
N PHE B 77 24.66 -10.96 -1.01
CA PHE B 77 23.53 -11.86 -1.21
C PHE B 77 23.07 -11.82 -2.66
N VAL B 78 22.66 -12.98 -3.18
CA VAL B 78 22.18 -13.08 -4.54
C VAL B 78 20.69 -12.74 -4.61
N ASN B 79 19.87 -13.57 -4.00
CA ASN B 79 18.42 -13.48 -4.18
C ASN B 79 17.80 -12.47 -3.22
N VAL B 80 18.26 -11.23 -3.35
CA VAL B 80 17.82 -10.13 -2.49
C VAL B 80 17.43 -8.95 -3.37
N GLU B 81 16.55 -8.10 -2.83
CA GLU B 81 15.99 -7.01 -3.64
C GLU B 81 16.93 -5.81 -3.67
N ASN B 82 17.33 -5.32 -2.51
CA ASN B 82 18.40 -4.35 -2.36
C ASN B 82 19.58 -4.99 -1.64
N ALA B 83 20.74 -4.33 -1.71
CA ALA B 83 21.84 -4.69 -0.83
C ALA B 83 21.37 -4.64 0.62
N ARG B 84 21.85 -5.59 1.42
CA ARG B 84 21.45 -5.64 2.82
C ARG B 84 21.89 -4.38 3.56
N ASP B 85 21.25 -4.17 4.71
CA ASP B 85 21.66 -3.15 5.66
C ASP B 85 22.37 -3.84 6.83
N ALA B 86 23.64 -3.52 7.03
CA ALA B 86 24.46 -4.23 8.01
C ALA B 86 25.06 -3.26 9.01
N ASP B 87 25.07 -3.67 10.27
CA ASP B 87 25.81 -3.00 11.34
C ASP B 87 26.89 -3.97 11.83
N VAL B 88 28.16 -3.59 11.65
CA VAL B 88 29.24 -4.40 12.16
C VAL B 88 29.14 -4.47 13.67
N VAL B 89 29.19 -5.68 14.22
CA VAL B 89 29.07 -5.91 15.65
C VAL B 89 30.42 -6.07 16.33
N ASP B 90 31.31 -6.85 15.73
CA ASP B 90 32.60 -7.13 16.37
C ASP B 90 33.57 -7.65 15.33
N ILE B 91 34.85 -7.33 15.54
CA ILE B 91 35.93 -7.91 14.74
C ILE B 91 37.07 -8.27 15.70
N SER B 92 37.41 -9.55 15.77
CA SER B 92 38.42 -10.03 16.70
C SER B 92 39.44 -10.85 15.94
N VAL B 93 40.71 -10.46 16.01
CA VAL B 93 41.80 -11.19 15.39
C VAL B 93 42.44 -12.10 16.44
N SER B 94 42.97 -13.22 16.00
CA SER B 94 43.69 -14.13 16.87
C SER B 94 45.20 -13.98 16.70
N PRO B 95 45.98 -14.48 17.64
CA PRO B 95 47.44 -14.38 17.53
C PRO B 95 47.98 -14.92 16.22
N ASP B 96 47.37 -15.97 15.67
CA ASP B 96 47.83 -16.56 14.42
C ASP B 96 47.38 -15.77 13.20
N GLY B 97 46.52 -14.77 13.36
CA GLY B 97 46.01 -14.01 12.25
C GLY B 97 44.59 -14.33 11.82
N THR B 98 43.84 -15.08 12.63
CA THR B 98 42.48 -15.44 12.27
C THR B 98 41.52 -14.31 12.63
N VAL B 99 40.90 -13.73 11.61
CA VAL B 99 39.90 -12.69 11.80
C VAL B 99 38.53 -13.34 11.94
N GLN B 100 37.81 -12.98 12.99
CA GLN B 100 36.42 -13.33 13.21
C GLN B 100 35.58 -12.06 13.20
N TYR B 101 34.79 -11.89 12.13
CA TYR B 101 33.95 -10.73 11.90
C TYR B 101 32.50 -11.12 12.16
N LEU B 102 31.76 -10.23 12.81
CA LEU B 102 30.36 -10.47 13.16
C LEU B 102 29.56 -9.20 12.94
N GLU B 103 28.54 -9.30 12.10
CA GLU B 103 27.61 -8.20 11.84
C GLU B 103 26.18 -8.68 12.04
N ARG B 104 25.29 -7.73 12.30
CA ARG B 104 23.85 -7.99 12.30
C ARG B 104 23.23 -7.23 11.13
N PHE B 105 22.46 -7.95 10.32
CA PHE B 105 21.90 -7.39 9.09
C PHE B 105 20.42 -7.72 8.99
N SER B 106 19.70 -6.87 8.26
CA SER B 106 18.34 -7.16 7.83
C SER B 106 18.28 -7.08 6.31
N ALA B 107 17.43 -7.91 5.71
CA ALA B 107 17.33 -7.96 4.27
C ALA B 107 15.96 -8.48 3.86
N ARG B 108 15.53 -8.08 2.67
CA ARG B 108 14.32 -8.61 2.04
C ARG B 108 14.76 -9.64 1.01
N VAL B 109 14.62 -10.92 1.36
CA VAL B 109 15.00 -12.01 0.48
C VAL B 109 13.83 -12.36 -0.42
N LEU B 110 14.17 -12.68 -1.68
CA LEU B 110 13.20 -13.05 -2.71
C LEU B 110 13.43 -14.52 -3.06
N SER B 111 12.44 -15.37 -2.74
CA SER B 111 12.57 -16.80 -2.95
C SER B 111 11.24 -17.36 -3.43
N PRO B 112 11.23 -18.06 -4.56
CA PRO B 112 9.95 -18.51 -5.13
C PRO B 112 9.35 -19.68 -4.36
N LEU B 113 8.03 -19.70 -4.33
CA LEU B 113 7.27 -20.71 -3.60
C LEU B 113 6.56 -21.64 -4.57
N ASP B 114 6.36 -22.88 -4.15
CA ASP B 114 5.65 -23.89 -4.94
C ASP B 114 4.26 -24.09 -4.34
N PHE B 115 3.25 -23.50 -4.98
CA PHE B 115 1.89 -23.47 -4.44
C PHE B 115 1.06 -24.67 -4.89
N ARG B 116 1.66 -25.61 -5.62
CA ARG B 116 0.89 -26.73 -6.17
C ARG B 116 0.11 -27.46 -5.10
N ARG B 117 0.74 -27.70 -3.94
CA ARG B 117 0.12 -28.44 -2.85
C ARG B 117 -0.61 -27.50 -1.89
N TYR B 118 -0.69 -26.22 -2.23
CA TYR B 118 -1.29 -25.23 -1.34
C TYR B 118 -2.76 -25.57 -1.12
N PRO B 119 -3.30 -25.36 0.10
CA PRO B 119 -2.58 -24.77 1.24
C PRO B 119 -1.90 -25.80 2.13
N PHE B 120 -1.67 -27.01 1.59
CA PHE B 120 -0.95 -28.06 2.33
C PHE B 120 0.51 -28.13 1.90
N ASP B 121 1.12 -26.99 1.64
CA ASP B 121 2.44 -26.93 1.02
C ASP B 121 3.52 -26.77 2.07
N SER B 122 4.69 -27.33 1.76
CA SER B 122 5.94 -26.98 2.42
C SER B 122 6.84 -26.26 1.43
N GLN B 123 7.70 -25.39 1.94
CA GLN B 123 8.62 -24.64 1.11
C GLN B 123 10.02 -24.69 1.69
N THR B 124 11.00 -24.49 0.80
CA THR B 124 12.38 -24.19 1.14
C THR B 124 12.66 -22.77 0.68
N LEU B 125 12.71 -21.84 1.63
CA LEU B 125 13.21 -20.50 1.33
C LEU B 125 14.73 -20.54 1.21
N HIS B 126 15.27 -19.91 0.18
CA HIS B 126 16.71 -19.90 -0.06
C HIS B 126 17.29 -18.52 0.21
N ILE B 127 18.50 -18.51 0.75
CA ILE B 127 19.33 -17.32 0.87
C ILE B 127 20.69 -17.69 0.29
N TYR B 128 21.03 -17.10 -0.85
CA TYR B 128 22.28 -17.41 -1.54
C TYR B 128 23.34 -16.38 -1.16
N LEU B 129 24.41 -16.85 -0.55
CA LEU B 129 25.61 -16.04 -0.33
C LEU B 129 26.57 -16.21 -1.50
N ILE B 130 27.31 -15.15 -1.82
CA ILE B 130 28.24 -15.20 -2.94
C ILE B 130 29.39 -14.26 -2.66
N VAL B 131 30.57 -14.64 -3.17
CA VAL B 131 31.77 -13.83 -3.11
C VAL B 131 32.48 -13.92 -4.45
N ARG B 132 33.03 -12.81 -4.90
CA ARG B 132 33.72 -12.72 -6.18
C ARG B 132 35.23 -12.69 -5.94
N SER B 133 35.97 -13.50 -6.71
CA SER B 133 37.41 -13.57 -6.54
C SER B 133 38.08 -12.30 -7.03
N VAL B 134 39.12 -11.88 -6.32
CA VAL B 134 39.95 -10.73 -6.71
C VAL B 134 41.10 -11.20 -7.59
N ASP B 135 41.89 -10.25 -8.10
CA ASP B 135 42.98 -10.60 -9.00
C ASP B 135 44.14 -11.24 -8.27
N THR B 136 44.35 -10.90 -7.00
CA THR B 136 45.48 -11.44 -6.24
C THR B 136 45.24 -12.87 -5.77
N ARG B 137 43.99 -13.24 -5.49
CA ARG B 137 43.72 -14.54 -4.91
C ARG B 137 42.30 -14.98 -5.24
N ASN B 138 42.12 -16.29 -5.39
CA ASN B 138 40.80 -16.88 -5.47
C ASN B 138 40.21 -17.02 -4.07
N ILE B 139 38.92 -16.74 -3.96
CA ILE B 139 38.21 -16.80 -2.68
C ILE B 139 37.07 -17.80 -2.79
N VAL B 140 36.93 -18.63 -1.76
CA VAL B 140 35.99 -19.74 -1.74
C VAL B 140 35.21 -19.70 -0.43
N LEU B 141 33.90 -19.95 -0.53
CA LEU B 141 33.03 -19.93 0.63
C LEU B 141 32.95 -21.30 1.29
N ALA B 142 32.71 -21.29 2.60
CA ALA B 142 32.52 -22.51 3.37
C ALA B 142 31.52 -22.22 4.49
N VAL B 143 31.11 -23.28 5.17
CA VAL B 143 30.03 -23.20 6.16
C VAL B 143 30.56 -23.65 7.51
N ASP B 144 30.49 -22.77 8.49
CA ASP B 144 30.81 -23.07 9.88
C ASP B 144 29.51 -23.42 10.59
N LEU B 145 29.27 -24.72 10.81
CA LEU B 145 28.00 -25.15 11.38
C LEU B 145 27.79 -24.57 12.77
N GLU B 146 28.87 -24.39 13.54
CA GLU B 146 28.75 -23.78 14.86
C GLU B 146 28.04 -22.43 14.80
N LYS B 147 28.11 -21.74 13.66
CA LYS B 147 27.61 -20.38 13.53
C LYS B 147 26.28 -20.31 12.80
N VAL B 148 25.59 -21.43 12.63
CA VAL B 148 24.30 -21.47 11.96
C VAL B 148 23.24 -21.89 12.97
N GLY B 149 22.09 -21.23 12.90
CA GLY B 149 21.01 -21.51 13.83
C GLY B 149 19.97 -20.41 13.77
N LYS B 150 19.05 -20.47 14.74
CA LYS B 150 18.00 -19.48 14.83
C LYS B 150 17.52 -19.37 16.27
N ASN B 151 17.15 -18.14 16.66
CA ASN B 151 16.58 -17.92 17.99
C ASN B 151 15.29 -18.73 18.13
N ASP B 152 15.03 -19.17 19.37
CA ASP B 152 13.84 -19.97 19.61
C ASP B 152 12.55 -19.18 19.44
N ASP B 153 12.57 -17.88 19.75
CA ASP B 153 11.38 -17.05 19.60
C ASP B 153 11.22 -16.50 18.20
N VAL B 154 11.71 -17.20 17.19
CA VAL B 154 11.52 -16.84 15.79
C VAL B 154 10.22 -17.46 15.30
N PHE B 155 9.35 -16.63 14.72
CA PHE B 155 8.03 -17.08 14.30
C PHE B 155 7.68 -16.46 12.96
N LEU B 156 7.07 -17.25 12.09
CA LEU B 156 6.35 -16.75 10.92
C LEU B 156 4.87 -17.07 11.14
N THR B 157 4.09 -16.04 11.49
CA THR B 157 2.69 -16.28 11.80
C THR B 157 2.02 -17.03 10.65
N GLY B 158 1.35 -18.14 10.98
CA GLY B 158 0.72 -18.95 9.98
C GLY B 158 1.56 -20.09 9.45
N TRP B 159 2.73 -20.35 10.04
CA TRP B 159 3.65 -21.36 9.53
C TRP B 159 4.30 -22.10 10.67
N ASP B 160 4.72 -23.33 10.39
CA ASP B 160 5.64 -24.09 11.23
C ASP B 160 7.03 -24.01 10.62
N ILE B 161 8.02 -23.63 11.43
CA ILE B 161 9.41 -23.59 11.00
C ILE B 161 10.05 -24.92 11.32
N GLU B 162 10.52 -25.62 10.29
CA GLU B 162 11.09 -26.95 10.48
C GLU B 162 12.56 -26.88 10.85
N SER B 163 13.38 -26.23 10.02
CA SER B 163 14.82 -26.30 10.19
C SER B 163 15.46 -25.17 9.40
N PHE B 164 16.65 -24.77 9.86
CA PHE B 164 17.49 -23.81 9.15
C PHE B 164 18.90 -24.40 9.03
N THR B 165 19.28 -24.78 7.83
CA THR B 165 20.54 -25.46 7.57
C THR B 165 21.23 -24.83 6.38
N ALA B 166 22.45 -25.28 6.13
CA ALA B 166 23.25 -24.81 5.00
C ALA B 166 23.80 -26.00 4.22
N VAL B 167 23.87 -25.84 2.90
CA VAL B 167 24.52 -26.82 2.04
C VAL B 167 26.03 -26.56 2.09
N VAL B 168 26.78 -27.53 2.61
CA VAL B 168 28.17 -27.26 2.98
C VAL B 168 29.02 -27.07 1.73
N LYS B 169 28.84 -27.91 0.73
CA LYS B 169 29.62 -27.78 -0.50
C LYS B 169 29.09 -26.60 -1.30
N PRO B 170 29.89 -25.58 -1.56
CA PRO B 170 29.39 -24.42 -2.31
C PRO B 170 29.43 -24.67 -3.81
N ALA B 171 28.75 -23.79 -4.54
CA ALA B 171 28.79 -23.76 -5.99
C ALA B 171 29.83 -22.72 -6.42
N ASN B 172 30.92 -23.19 -7.02
CA ASN B 172 31.93 -22.31 -7.59
C ASN B 172 31.78 -22.33 -9.10
N PHE B 173 31.81 -21.15 -9.71
CA PHE B 173 31.57 -21.09 -11.15
C PHE B 173 32.20 -19.82 -11.71
N ALA B 174 32.32 -19.78 -13.03
CA ALA B 174 32.86 -18.62 -13.71
C ALA B 174 31.74 -17.65 -14.07
N LEU B 175 31.97 -16.37 -13.81
CA LEU B 175 31.04 -15.30 -14.15
C LEU B 175 31.84 -14.10 -14.59
N GLU B 176 31.60 -13.65 -15.82
CA GLU B 176 32.32 -12.52 -16.41
C GLU B 176 33.81 -12.60 -16.11
N ASP B 177 34.39 -13.78 -16.36
CA ASP B 177 35.83 -13.98 -16.33
C ASP B 177 36.40 -13.94 -14.93
N ARG B 178 35.58 -14.13 -13.89
CA ARG B 178 36.10 -14.27 -12.54
C ARG B 178 35.37 -15.41 -11.83
N LEU B 179 36.03 -15.98 -10.83
CA LEU B 179 35.41 -17.05 -10.05
C LEU B 179 34.48 -16.48 -8.99
N GLU B 180 33.27 -17.02 -8.93
CA GLU B 180 32.30 -16.72 -7.89
C GLU B 180 32.03 -17.96 -7.06
N SER B 181 31.79 -17.75 -5.76
CA SER B 181 31.55 -18.82 -4.80
C SER B 181 30.24 -18.56 -4.08
N LYS B 182 29.32 -19.51 -4.14
CA LYS B 182 27.94 -19.30 -3.71
C LYS B 182 27.52 -20.40 -2.74
N LEU B 183 27.00 -20.01 -1.58
CA LEU B 183 26.45 -20.92 -0.59
C LEU B 183 24.93 -20.81 -0.58
N ASP B 184 24.28 -21.92 -0.24
CA ASP B 184 22.82 -22.03 -0.24
C ASP B 184 22.35 -22.28 1.20
N TYR B 185 21.86 -21.24 1.85
CA TYR B 185 21.19 -21.39 3.14
C TYR B 185 19.71 -21.66 2.92
N GLN B 186 19.17 -22.64 3.64
CA GLN B 186 17.84 -23.17 3.35
C GLN B 186 17.00 -23.16 4.62
N LEU B 187 15.90 -22.42 4.58
CA LEU B 187 14.92 -22.38 5.66
C LEU B 187 13.70 -23.19 5.24
N ARG B 188 13.53 -24.37 5.84
CA ARG B 188 12.41 -25.24 5.52
C ARG B 188 11.23 -24.91 6.42
N ILE B 189 10.05 -24.75 5.82
CA ILE B 189 8.84 -24.38 6.54
C ILE B 189 7.66 -25.15 5.95
N SER B 190 6.61 -25.29 6.75
CA SER B 190 5.38 -25.90 6.28
C SER B 190 4.18 -25.08 6.74
N ARG B 191 3.22 -24.89 5.83
CA ARG B 191 2.11 -23.99 6.07
C ARG B 191 1.12 -24.59 7.06
N GLN B 192 0.49 -23.73 7.85
CA GLN B 192 -0.59 -24.16 8.76
C GLN B 192 -1.92 -23.95 8.04
N TYR B 193 -2.51 -25.05 7.56
CA TYR B 193 -3.67 -24.97 6.70
C TYR B 193 -4.97 -24.71 7.44
N GLY B 194 -4.99 -24.92 8.76
CA GLY B 194 -6.24 -24.86 9.50
C GLY B 194 -7.03 -23.58 9.26
N TYR B 195 -6.34 -22.44 9.26
CA TYR B 195 -7.01 -21.17 8.98
C TYR B 195 -7.87 -21.27 7.73
N PHE B 196 -7.29 -21.76 6.63
CA PHE B 196 -8.03 -21.83 5.37
C PHE B 196 -9.23 -22.76 5.49
N VAL B 197 -9.13 -23.77 6.34
CA VAL B 197 -10.25 -24.69 6.55
C VAL B 197 -11.50 -23.90 6.89
N ILE B 198 -11.36 -22.85 7.71
CA ILE B 198 -12.51 -22.05 8.11
C ILE B 198 -12.64 -20.79 7.29
N GLN B 199 -11.73 -20.55 6.35
CA GLN B 199 -11.78 -19.38 5.48
C GLN B 199 -12.41 -19.68 4.13
N THR B 200 -12.24 -20.89 3.61
CA THR B 200 -12.65 -21.25 2.27
C THR B 200 -13.37 -22.60 2.23
N TYR B 201 -12.80 -23.59 2.92
CA TYR B 201 -13.33 -24.95 2.83
C TYR B 201 -14.72 -25.05 3.43
N LEU B 202 -14.96 -24.40 4.58
CA LEU B 202 -16.30 -24.47 5.16
C LEU B 202 -17.32 -23.74 4.30
N PRO B 203 -17.10 -22.50 3.87
CA PRO B 203 -18.06 -21.87 2.94
C PRO B 203 -18.39 -22.74 1.73
N CYS B 204 -17.39 -23.47 1.21
CA CYS B 204 -17.63 -24.34 0.06
C CYS B 204 -18.51 -25.53 0.45
N ILE B 205 -18.15 -26.22 1.53
CA ILE B 205 -18.91 -27.41 1.93
C ILE B 205 -20.35 -27.04 2.24
N MET B 206 -20.54 -25.96 3.01
CA MET B 206 -21.89 -25.51 3.34
C MET B 206 -22.64 -25.05 2.09
N THR B 207 -21.93 -24.43 1.14
CA THR B 207 -22.59 -24.02 -0.10
C THR B 207 -23.04 -25.23 -0.91
N VAL B 208 -22.26 -26.32 -0.86
CA VAL B 208 -22.66 -27.55 -1.53
C VAL B 208 -23.89 -28.15 -0.85
N ILE B 209 -23.89 -28.21 0.48
CA ILE B 209 -25.05 -28.72 1.21
C ILE B 209 -26.29 -27.90 0.86
N LEU B 210 -26.16 -26.57 0.94
CA LEU B 210 -27.27 -25.69 0.55
C LEU B 210 -27.75 -25.99 -0.86
N SER B 211 -26.82 -26.19 -1.79
CA SER B 211 -27.21 -26.57 -3.15
C SER B 211 -27.99 -27.88 -3.16
N GLN B 212 -27.66 -28.80 -2.26
CA GLN B 212 -28.33 -30.09 -2.22
C GLN B 212 -29.73 -29.98 -1.60
N VAL B 213 -29.95 -28.99 -0.72
CA VAL B 213 -31.27 -28.81 -0.13
C VAL B 213 -32.35 -28.67 -1.18
N SER B 214 -31.99 -28.17 -2.37
CA SER B 214 -33.01 -27.92 -3.40
C SER B 214 -33.73 -29.19 -3.82
N PHE B 215 -33.08 -30.34 -3.73
CA PHE B 215 -33.70 -31.59 -4.15
C PHE B 215 -34.91 -31.98 -3.30
N TRP B 216 -35.03 -31.43 -2.10
CA TRP B 216 -36.14 -31.77 -1.20
C TRP B 216 -37.30 -30.79 -1.24
N LEU B 217 -37.18 -29.68 -1.96
CA LEU B 217 -38.29 -28.76 -2.10
C LEU B 217 -39.26 -29.26 -3.16
N ASN B 218 -40.55 -28.99 -2.93
CA ASN B 218 -41.60 -29.38 -3.87
C ASN B 218 -41.27 -28.89 -5.27
N ARG B 219 -41.42 -29.79 -6.24
CA ARG B 219 -41.07 -29.47 -7.62
C ARG B 219 -41.93 -28.35 -8.20
N GLU B 220 -43.11 -28.12 -7.63
CA GLU B 220 -43.99 -27.09 -8.18
C GLU B 220 -43.52 -25.68 -7.80
N SER B 221 -42.79 -25.54 -6.69
CA SER B 221 -42.27 -24.25 -6.26
C SER B 221 -40.95 -24.00 -7.00
N VAL B 222 -41.07 -23.63 -8.27
CA VAL B 222 -39.94 -23.47 -9.18
C VAL B 222 -39.06 -22.31 -8.75
N PRO B 223 -39.62 -21.16 -8.38
CA PRO B 223 -38.77 -20.02 -7.97
C PRO B 223 -37.87 -20.33 -6.78
N ALA B 224 -38.38 -21.01 -5.76
CA ALA B 224 -37.54 -21.36 -4.61
C ALA B 224 -36.29 -22.11 -5.06
N ARG B 225 -36.48 -23.23 -5.76
CA ARG B 225 -35.34 -24.01 -6.23
C ARG B 225 -34.43 -23.19 -7.13
N THR B 226 -35.01 -22.31 -7.94
CA THR B 226 -34.19 -21.44 -8.78
C THR B 226 -33.28 -20.58 -7.93
N VAL B 227 -33.83 -19.95 -6.90
CA VAL B 227 -33.03 -19.13 -6.00
C VAL B 227 -31.91 -19.95 -5.38
N PHE B 228 -32.26 -21.14 -4.86
CA PHE B 228 -31.24 -22.00 -4.27
C PHE B 228 -30.11 -22.26 -5.24
N VAL B 229 -30.42 -22.87 -6.39
CA VAL B 229 -29.39 -23.32 -7.32
C VAL B 229 -28.55 -22.13 -7.80
N VAL B 230 -29.21 -21.05 -8.20
CA VAL B 230 -28.49 -19.92 -8.80
C VAL B 230 -27.60 -19.25 -7.76
N THR B 231 -28.16 -18.95 -6.59
CA THR B 231 -27.37 -18.26 -5.58
C THR B 231 -26.21 -19.13 -5.12
N THR B 232 -26.41 -20.45 -5.06
CA THR B 232 -25.31 -21.32 -4.67
C THR B 232 -24.23 -21.36 -5.74
N VAL B 233 -24.63 -21.32 -7.01
CA VAL B 233 -23.63 -21.28 -8.09
C VAL B 233 -22.80 -20.01 -8.01
N LEU B 234 -23.47 -18.87 -7.82
CA LEU B 234 -22.73 -17.61 -7.74
C LEU B 234 -21.85 -17.59 -6.50
N THR B 235 -22.33 -18.19 -5.40
CA THR B 235 -21.51 -18.30 -4.20
C THR B 235 -20.23 -19.09 -4.49
N MET B 236 -20.37 -20.22 -5.19
CA MET B 236 -19.20 -21.00 -5.57
C MET B 236 -18.23 -20.15 -6.39
N THR B 237 -18.73 -19.44 -7.41
CA THR B 237 -17.85 -18.61 -8.21
C THR B 237 -17.12 -17.58 -7.35
N THR B 238 -17.85 -16.91 -6.47
CA THR B 238 -17.25 -15.89 -5.61
C THR B 238 -16.18 -16.49 -4.73
N LEU B 239 -16.45 -17.64 -4.11
CA LEU B 239 -15.45 -18.26 -3.25
C LEU B 239 -14.21 -18.65 -4.03
N SER B 240 -14.39 -19.20 -5.24
CA SER B 240 -13.25 -19.52 -6.09
C SER B 240 -12.38 -18.29 -6.34
N ILE B 241 -12.99 -17.22 -6.87
CA ILE B 241 -12.23 -16.01 -7.19
C ILE B 241 -11.53 -15.46 -5.95
N SER B 242 -12.30 -15.28 -4.88
CA SER B 242 -11.74 -14.83 -3.60
C SER B 242 -10.52 -15.65 -3.22
N ALA B 243 -10.64 -16.98 -3.27
CA ALA B 243 -9.55 -17.83 -2.83
C ALA B 243 -8.32 -17.64 -3.70
N ARG B 244 -8.49 -17.65 -5.03
CA ARG B 244 -7.34 -17.47 -5.88
C ARG B 244 -6.76 -16.07 -5.81
N ASN B 245 -7.48 -15.11 -5.22
CA ASN B 245 -6.95 -13.76 -5.10
C ASN B 245 -5.81 -13.67 -4.10
N SER B 246 -5.63 -14.69 -3.25
CA SER B 246 -4.56 -14.66 -2.25
C SER B 246 -3.20 -15.04 -2.82
N LEU B 247 -3.15 -15.68 -3.98
CA LEU B 247 -1.93 -16.25 -4.50
C LEU B 247 -1.35 -15.41 -5.63
N PRO B 248 -0.06 -15.60 -5.95
CA PRO B 248 0.49 -15.01 -7.16
C PRO B 248 -0.11 -15.67 -8.40
N LYS B 249 0.18 -15.06 -9.56
CA LYS B 249 -0.41 -15.52 -10.82
C LYS B 249 0.33 -16.77 -11.30
N VAL B 250 0.16 -17.84 -10.52
CA VAL B 250 0.78 -19.12 -10.84
C VAL B 250 0.03 -19.77 -11.99
N ALA B 251 0.76 -20.54 -12.80
CA ALA B 251 0.14 -21.18 -13.95
C ALA B 251 -0.71 -22.38 -13.52
N TYR B 252 -0.24 -23.13 -12.53
CA TYR B 252 -0.83 -24.42 -12.20
C TYR B 252 -2.07 -24.22 -11.31
N ALA B 253 -2.57 -25.33 -10.76
CA ALA B 253 -3.71 -25.32 -9.85
C ALA B 253 -3.30 -25.88 -8.50
N THR B 254 -3.78 -25.25 -7.43
CA THR B 254 -3.48 -25.70 -6.08
C THR B 254 -4.52 -26.74 -5.63
N ALA B 255 -4.20 -27.43 -4.54
CA ALA B 255 -5.17 -28.37 -3.98
C ALA B 255 -6.47 -27.68 -3.62
N MET B 256 -6.38 -26.45 -3.09
CA MET B 256 -7.60 -25.68 -2.83
C MET B 256 -8.34 -25.42 -4.13
N ASP B 257 -7.60 -25.15 -5.20
CA ASP B 257 -8.23 -24.99 -6.51
C ASP B 257 -9.03 -26.23 -6.89
N TRP B 258 -8.43 -27.41 -6.67
CA TRP B 258 -9.12 -28.65 -7.02
C TRP B 258 -10.38 -28.83 -6.18
N PHE B 259 -10.28 -28.60 -4.86
CA PHE B 259 -11.46 -28.72 -4.02
C PHE B 259 -12.58 -27.78 -4.49
N ILE B 260 -12.23 -26.53 -4.78
CA ILE B 260 -13.25 -25.57 -5.19
C ILE B 260 -13.84 -25.97 -6.53
N ALA B 261 -13.00 -26.47 -7.45
CA ALA B 261 -13.50 -26.86 -8.77
C ALA B 261 -14.44 -28.05 -8.66
N VAL B 262 -14.13 -29.01 -7.80
CA VAL B 262 -15.04 -30.15 -7.61
C VAL B 262 -16.34 -29.71 -6.96
N CYS B 263 -16.26 -28.79 -5.98
CA CYS B 263 -17.50 -28.25 -5.41
C CYS B 263 -18.33 -27.57 -6.48
N TYR B 264 -17.69 -26.81 -7.37
CA TYR B 264 -18.41 -26.18 -8.47
C TYR B 264 -19.03 -27.23 -9.38
N ALA B 265 -18.32 -28.34 -9.61
CA ALA B 265 -18.88 -29.43 -10.40
C ALA B 265 -20.17 -29.94 -9.76
N PHE B 266 -20.13 -30.20 -8.45
CA PHE B 266 -21.32 -30.70 -7.77
C PHE B 266 -22.47 -29.69 -7.83
N VAL B 267 -22.16 -28.39 -7.68
CA VAL B 267 -23.22 -27.39 -7.63
C VAL B 267 -23.84 -27.20 -9.02
N PHE B 268 -23.00 -27.07 -10.05
CA PHE B 268 -23.51 -26.96 -11.41
C PHE B 268 -24.26 -28.21 -11.82
N SER B 269 -23.82 -29.37 -11.34
CA SER B 269 -24.57 -30.61 -11.60
C SER B 269 -25.93 -30.56 -10.91
N ALA B 270 -25.99 -29.97 -9.71
CA ALA B 270 -27.28 -29.77 -9.07
C ALA B 270 -28.16 -28.84 -9.89
N LEU B 271 -27.56 -27.82 -10.51
CA LEU B 271 -28.31 -26.95 -11.41
C LEU B 271 -28.88 -27.73 -12.58
N ILE B 272 -28.05 -28.53 -13.24
CA ILE B 272 -28.52 -29.30 -14.39
C ILE B 272 -29.60 -30.28 -13.97
N GLU B 273 -29.48 -30.85 -12.77
CA GLU B 273 -30.53 -31.73 -12.26
C GLU B 273 -31.84 -30.97 -12.06
N PHE B 274 -31.78 -29.80 -11.43
CA PHE B 274 -32.99 -29.00 -11.25
C PHE B 274 -33.62 -28.65 -12.60
N ALA B 275 -32.79 -28.34 -13.60
CA ALA B 275 -33.32 -28.00 -14.93
C ALA B 275 -33.97 -29.22 -15.58
N THR B 276 -33.35 -30.40 -15.44
CA THR B 276 -33.92 -31.61 -16.02
C THR B 276 -35.25 -31.96 -15.35
N VAL B 277 -35.27 -32.00 -14.02
CA VAL B 277 -36.51 -32.29 -13.30
C VAL B 277 -37.60 -31.31 -13.68
N ASN B 278 -37.28 -30.00 -13.68
CA ASN B 278 -38.27 -29.02 -14.11
C ASN B 278 -38.71 -29.27 -15.54
N TYR B 279 -37.81 -29.77 -16.39
CA TYR B 279 -38.15 -30.02 -17.79
C TYR B 279 -39.12 -31.18 -17.93
N PHE B 280 -39.06 -32.16 -17.01
CA PHE B 280 -39.87 -33.36 -17.07
C PHE B 280 -41.00 -33.35 -16.04
N THR B 281 -41.31 -32.19 -15.47
CA THR B 281 -42.25 -32.15 -14.36
C THR B 281 -43.69 -32.32 -14.82
N LYS B 282 -44.06 -31.67 -15.92
CA LYS B 282 -45.41 -31.84 -16.45
C LYS B 282 -45.58 -33.20 -17.10
N SER B 283 -44.82 -33.48 -18.15
CA SER B 283 -44.82 -34.79 -18.79
C SER B 283 -43.83 -35.70 -18.09
N GLN B 284 -44.31 -36.87 -17.65
CA GLN B 284 -43.47 -37.86 -16.99
C GLN B 284 -43.09 -37.41 -15.57
N PRO B 285 -44.06 -37.14 -14.70
CA PRO B 285 -43.72 -36.80 -13.31
C PRO B 285 -43.00 -37.92 -12.59
N ALA B 286 -43.19 -39.17 -13.03
CA ALA B 286 -42.45 -40.29 -12.43
C ALA B 286 -40.96 -40.14 -12.67
N ARG B 287 -40.57 -39.71 -13.87
CA ARG B 287 -39.15 -39.56 -14.16
C ARG B 287 -38.52 -38.51 -13.25
N ALA B 288 -39.09 -37.30 -13.24
CA ALA B 288 -38.60 -36.25 -12.35
C ALA B 288 -38.53 -36.74 -10.91
N ALA B 289 -39.61 -37.35 -10.42
CA ALA B 289 -39.61 -37.84 -9.04
C ALA B 289 -38.46 -38.81 -8.81
N LYS B 290 -38.22 -39.71 -9.76
CA LYS B 290 -37.11 -40.66 -9.63
C LYS B 290 -35.78 -39.93 -9.60
N ILE B 291 -35.64 -38.87 -10.42
CA ILE B 291 -34.41 -38.10 -10.43
C ILE B 291 -34.13 -37.50 -9.06
N ASP B 292 -35.14 -36.86 -8.47
CA ASP B 292 -34.94 -36.31 -7.13
C ASP B 292 -34.63 -37.43 -6.12
N ARG B 293 -35.34 -38.55 -6.23
CA ARG B 293 -35.16 -39.66 -5.30
C ARG B 293 -33.72 -40.15 -5.32
N LEU B 294 -33.18 -40.36 -6.52
CA LEU B 294 -31.81 -40.87 -6.64
C LEU B 294 -30.81 -39.80 -6.23
N SER B 295 -30.99 -38.57 -6.72
CA SER B 295 -30.06 -37.49 -6.39
C SER B 295 -29.90 -37.34 -4.88
N ARG B 296 -31.02 -37.37 -4.14
CA ARG B 296 -30.95 -37.18 -2.70
C ARG B 296 -30.03 -38.18 -2.01
N ILE B 297 -29.77 -39.33 -2.62
CA ILE B 297 -28.85 -40.31 -2.08
C ILE B 297 -27.47 -40.20 -2.70
N ALA B 298 -27.41 -40.01 -4.02
CA ALA B 298 -26.13 -40.01 -4.73
C ALA B 298 -25.29 -38.80 -4.33
N PHE B 299 -25.86 -37.59 -4.42
CA PHE B 299 -25.06 -36.38 -4.23
C PHE B 299 -24.33 -36.39 -2.89
N PRO B 300 -25.00 -36.45 -1.75
CA PRO B 300 -24.27 -36.43 -0.47
C PRO B 300 -23.32 -37.60 -0.30
N LEU B 301 -23.58 -38.73 -0.97
CA LEU B 301 -22.68 -39.87 -0.89
C LEU B 301 -21.40 -39.61 -1.68
N LEU B 302 -21.53 -39.22 -2.95
CA LEU B 302 -20.36 -38.88 -3.74
C LEU B 302 -19.56 -37.76 -3.09
N PHE B 303 -20.26 -36.80 -2.47
CA PHE B 303 -19.57 -35.72 -1.78
C PHE B 303 -18.82 -36.22 -0.56
N GLY B 304 -19.45 -37.09 0.24
CA GLY B 304 -18.76 -37.68 1.37
C GLY B 304 -17.51 -38.44 0.96
N ILE B 305 -17.65 -39.28 -0.07
CA ILE B 305 -16.50 -40.04 -0.58
C ILE B 305 -15.40 -39.07 -1.03
N PHE B 306 -15.79 -38.03 -1.77
CA PHE B 306 -14.81 -37.06 -2.24
C PHE B 306 -14.05 -36.45 -1.07
N ASN B 307 -14.77 -35.93 -0.08
CA ASN B 307 -14.10 -35.38 1.10
C ASN B 307 -13.17 -36.41 1.74
N LEU B 308 -13.59 -37.68 1.75
CA LEU B 308 -12.75 -38.72 2.34
C LEU B 308 -11.43 -38.86 1.59
N VAL B 309 -11.50 -38.98 0.26
CA VAL B 309 -10.28 -39.10 -0.54
C VAL B 309 -9.41 -37.86 -0.40
N TYR B 310 -10.02 -36.67 -0.45
CA TYR B 310 -9.27 -35.43 -0.44
C TYR B 310 -8.55 -35.24 0.89
N TRP B 311 -9.31 -35.22 1.99
CA TRP B 311 -8.68 -34.99 3.29
C TRP B 311 -7.76 -36.14 3.68
N ALA B 312 -8.08 -37.37 3.27
CA ALA B 312 -7.15 -38.47 3.48
C ALA B 312 -5.84 -38.23 2.73
N THR B 313 -5.92 -37.67 1.53
CA THR B 313 -4.72 -37.47 0.71
C THR B 313 -3.87 -36.34 1.26
N TYR B 314 -4.46 -35.17 1.45
CA TYR B 314 -3.71 -33.96 1.79
C TYR B 314 -3.47 -33.81 3.30
N LEU B 315 -3.81 -34.82 4.09
CA LEU B 315 -3.46 -34.83 5.51
C LEU B 315 -2.54 -35.99 5.84
N MET C 3 37.56 4.34 20.79
CA MET C 3 38.18 3.93 22.05
C MET C 3 37.95 2.45 22.32
N VAL C 4 38.14 2.04 23.58
CA VAL C 4 37.92 0.67 24.00
C VAL C 4 37.07 0.67 25.27
N SER C 5 36.57 -0.51 25.62
CA SER C 5 35.67 -0.63 26.75
C SER C 5 36.42 -0.40 28.06
N PRO C 6 35.73 0.09 29.09
CA PRO C 6 36.40 0.39 30.36
C PRO C 6 36.91 -0.87 31.02
N PRO C 7 38.20 -0.92 31.37
CA PRO C 7 38.73 -2.12 32.02
C PRO C 7 38.16 -2.26 33.42
N PRO C 8 38.04 -3.49 33.93
CA PRO C 8 37.39 -3.69 35.23
C PRO C 8 38.31 -3.28 36.36
N PRO C 9 37.77 -2.65 37.41
CA PRO C 9 38.59 -2.38 38.60
C PRO C 9 38.95 -3.64 39.35
N ILE C 10 37.98 -4.55 39.57
CA ILE C 10 38.26 -5.83 40.20
C ILE C 10 38.93 -6.81 39.25
N ALA C 11 39.25 -6.38 38.02
CA ALA C 11 39.89 -7.23 37.03
C ALA C 11 38.99 -8.37 36.56
N ASP C 12 37.98 -8.72 37.37
CA ASP C 12 37.08 -9.82 37.04
C ASP C 12 35.61 -9.45 37.27
N GLU C 13 35.29 -8.14 37.25
CA GLU C 13 33.93 -7.71 37.53
C GLU C 13 33.22 -7.32 36.25
N PRO C 14 31.98 -7.74 36.05
CA PRO C 14 31.25 -7.32 34.85
C PRO C 14 30.80 -5.87 34.95
N LEU C 15 30.85 -5.16 33.83
CA LEU C 15 30.31 -3.82 33.73
C LEU C 15 28.80 -3.92 33.51
N THR C 16 28.02 -3.35 34.41
CA THR C 16 26.57 -3.27 34.24
C THR C 16 26.19 -1.93 33.65
N VAL C 17 25.22 -1.96 32.73
CA VAL C 17 24.70 -0.75 32.09
C VAL C 17 23.27 -0.55 32.56
N ASN C 18 23.02 0.56 33.26
CA ASN C 18 21.69 0.87 33.74
C ASN C 18 20.88 1.49 32.61
N THR C 19 19.77 0.85 32.25
CA THR C 19 18.99 1.20 31.08
C THR C 19 17.64 1.77 31.47
N GLY C 20 17.09 2.61 30.60
CA GLY C 20 15.74 3.10 30.78
C GLY C 20 15.15 3.52 29.45
N ILE C 21 13.84 3.28 29.31
CA ILE C 21 13.09 3.68 28.12
C ILE C 21 11.92 4.54 28.56
N TYR C 22 11.72 5.67 27.88
CA TYR C 22 10.60 6.56 28.16
C TYR C 22 9.81 6.74 26.86
N LEU C 23 8.61 6.18 26.82
CA LEU C 23 7.82 6.21 25.59
C LEU C 23 7.32 7.63 25.32
N ILE C 24 7.64 8.14 24.14
CA ILE C 24 7.16 9.45 23.70
C ILE C 24 5.99 9.33 22.74
N GLU C 25 6.07 8.40 21.80
CA GLU C 25 5.05 8.25 20.76
C GLU C 25 4.85 6.76 20.49
N CYS C 26 3.59 6.35 20.40
CA CYS C 26 3.26 4.95 20.12
C CYS C 26 2.11 4.94 19.11
N TYR C 27 2.35 4.35 17.94
CA TYR C 27 1.41 4.44 16.84
C TYR C 27 1.58 3.23 15.92
N SER C 28 0.63 3.09 15.01
CA SER C 28 0.71 2.10 13.93
C SER C 28 0.81 0.67 14.48
N LEU C 29 -0.08 0.34 15.40
CA LEU C 29 -0.22 -1.04 15.87
C LEU C 29 -0.99 -1.82 14.82
N ASP C 30 -0.29 -2.70 14.10
CA ASP C 30 -0.89 -3.45 12.99
C ASP C 30 -1.21 -4.86 13.45
N ASP C 31 -2.50 -5.15 13.60
CA ASP C 31 -2.92 -6.48 14.06
C ASP C 31 -2.51 -7.55 13.05
N LYS C 32 -2.58 -7.25 11.76
CA LYS C 32 -2.27 -8.25 10.73
C LYS C 32 -0.78 -8.52 10.64
N ALA C 33 0.03 -7.46 10.74
CA ALA C 33 1.48 -7.58 10.70
C ALA C 33 2.09 -7.92 12.05
N GLU C 34 1.31 -7.84 13.13
CA GLU C 34 1.81 -8.05 14.49
C GLU C 34 3.03 -7.18 14.75
N THR C 35 2.93 -5.92 14.36
CA THR C 35 3.97 -4.93 14.58
C THR C 35 3.33 -3.65 15.12
N PHE C 36 4.16 -2.83 15.76
CA PHE C 36 3.76 -1.48 16.15
C PHE C 36 4.99 -0.59 16.06
N LYS C 37 4.75 0.71 15.97
CA LYS C 37 5.84 1.67 15.85
C LYS C 37 5.94 2.46 17.16
N VAL C 38 7.18 2.71 17.58
CA VAL C 38 7.45 3.36 18.86
C VAL C 38 8.50 4.44 18.66
N ASN C 39 8.33 5.54 19.37
CA ASN C 39 9.29 6.64 19.37
C ASN C 39 9.50 7.08 20.82
N ALA C 40 10.72 6.93 21.32
CA ALA C 40 10.95 7.05 22.76
C ALA C 40 12.37 7.53 23.02
N PHE C 41 12.61 7.85 24.30
CA PHE C 41 13.95 8.05 24.83
C PHE C 41 14.56 6.73 25.26
N LEU C 42 15.82 6.52 24.89
CA LEU C 42 16.68 5.49 25.46
C LEU C 42 17.79 6.16 26.26
N SER C 43 17.88 5.80 27.54
CA SER C 43 18.86 6.34 28.47
C SER C 43 19.75 5.20 28.98
N LEU C 44 21.06 5.40 28.92
CA LEU C 44 22.05 4.46 29.41
C LEU C 44 22.96 5.14 30.42
N SER C 45 23.43 4.37 31.40
CA SER C 45 24.26 4.94 32.45
C SER C 45 25.24 3.89 32.94
N TRP C 46 26.53 4.22 32.94
CA TRP C 46 27.54 3.26 33.36
C TRP C 46 28.74 4.02 33.93
N LYS C 47 29.72 3.27 34.43
CA LYS C 47 30.87 3.87 35.09
C LYS C 47 32.10 3.67 34.21
N ASP C 48 32.73 4.78 33.82
CA ASP C 48 34.02 4.75 33.11
C ASP C 48 34.98 5.68 33.85
N ARG C 49 35.85 5.10 34.68
CA ARG C 49 36.77 5.92 35.45
C ARG C 49 37.79 6.63 34.56
N ARG C 50 38.16 6.04 33.43
CA ARG C 50 39.07 6.73 32.52
C ARG C 50 38.61 8.15 32.22
N LEU C 51 37.30 8.40 32.33
CA LEU C 51 36.74 9.71 32.06
C LEU C 51 36.52 10.51 33.34
N ALA C 52 36.80 9.92 34.49
CA ALA C 52 36.74 10.65 35.75
C ALA C 52 37.72 11.82 35.73
N PHE C 53 37.48 12.77 36.62
CA PHE C 53 38.28 13.99 36.65
C PHE C 53 38.10 14.67 37.99
N ASP C 54 39.06 15.55 38.31
CA ASP C 54 38.98 16.33 39.53
C ASP C 54 37.96 17.44 39.35
N PRO C 55 36.89 17.49 40.15
CA PRO C 55 35.89 18.55 39.97
C PRO C 55 36.38 19.94 40.32
N VAL C 56 37.54 20.07 40.97
CA VAL C 56 38.06 21.36 41.39
C VAL C 56 39.11 21.87 40.41
N ARG C 57 40.08 21.03 40.05
CA ARG C 57 41.05 21.39 39.03
C ARG C 57 40.35 21.72 37.71
N SER C 58 39.42 20.86 37.28
CA SER C 58 38.55 21.17 36.16
C SER C 58 37.36 22.03 36.60
N VAL C 62 30.25 18.97 34.98
CA VAL C 62 29.81 17.76 34.31
C VAL C 62 30.73 17.43 33.14
N LYS C 63 30.80 18.34 32.17
CA LYS C 63 31.52 18.10 30.93
C LYS C 63 30.77 17.11 30.06
N THR C 64 30.69 17.39 28.76
CA THR C 64 29.91 16.59 27.82
C THR C 64 30.75 16.25 26.61
N TYR C 65 30.61 15.02 26.12
CA TYR C 65 31.37 14.52 25.00
C TYR C 65 30.46 14.23 23.82
N GLU C 66 31.07 14.16 22.65
CA GLU C 66 30.39 13.63 21.48
C GLU C 66 30.52 12.11 21.45
N PRO C 67 29.52 11.40 20.91
CA PRO C 67 29.59 9.93 20.95
C PRO C 67 30.85 9.38 20.32
N GLU C 68 31.39 10.06 19.31
CA GLU C 68 32.64 9.62 18.69
C GLU C 68 33.83 9.75 19.64
N ALA C 69 33.72 10.60 20.65
CA ALA C 69 34.87 10.89 21.51
C ALA C 69 35.17 9.74 22.46
N ILE C 70 34.15 9.10 23.01
CA ILE C 70 34.33 8.12 24.08
C ILE C 70 33.71 6.80 23.64
N TRP C 71 34.11 5.74 24.34
CA TRP C 71 33.50 4.44 24.14
C TRP C 71 32.06 4.43 24.62
N ILE C 72 31.17 3.88 23.80
CA ILE C 72 29.75 3.75 24.14
C ILE C 72 29.35 2.30 23.88
N PRO C 73 28.62 1.65 24.79
CA PRO C 73 28.26 0.25 24.57
C PRO C 73 27.30 0.11 23.41
N GLU C 74 27.54 -0.93 22.60
CA GLU C 74 26.66 -1.27 21.49
C GLU C 74 25.42 -1.99 22.03
N ILE C 75 24.31 -1.26 22.13
CA ILE C 75 23.04 -1.79 22.60
C ILE C 75 22.13 -1.94 21.39
N ARG C 76 21.60 -3.15 21.20
CA ARG C 76 20.73 -3.44 20.08
C ARG C 76 19.35 -3.89 20.57
N PHE C 77 18.33 -3.60 19.78
CA PHE C 77 17.01 -4.19 19.97
C PHE C 77 16.93 -5.53 19.24
N VAL C 78 16.23 -6.48 19.86
CA VAL C 78 16.07 -7.80 19.25
C VAL C 78 14.90 -7.81 18.29
N ASN C 79 13.69 -7.60 18.80
CA ASN C 79 12.46 -7.82 18.04
C ASN C 79 12.09 -6.59 17.21
N VAL C 80 12.98 -6.23 16.28
CA VAL C 80 12.82 -5.06 15.45
C VAL C 80 13.16 -5.43 14.02
N GLU C 81 12.58 -4.67 13.07
CA GLU C 81 12.72 -5.02 11.66
C GLU C 81 14.04 -4.51 11.08
N ASN C 82 14.28 -3.20 11.22
CA ASN C 82 15.57 -2.59 10.92
C ASN C 82 16.18 -2.06 12.21
N ALA C 83 17.49 -1.79 12.17
CA ALA C 83 18.10 -1.03 13.24
C ALA C 83 17.37 0.29 13.42
N ARG C 84 17.17 0.68 14.68
CA ARG C 84 16.46 1.92 14.98
C ARG C 84 17.17 3.11 14.34
N ASP C 85 16.44 4.22 14.26
CA ASP C 85 17.01 5.52 13.91
C ASP C 85 17.12 6.33 15.19
N ALA C 86 18.34 6.71 15.55
CA ALA C 86 18.60 7.39 16.82
C ALA C 86 19.33 8.70 16.58
N ASP C 87 18.93 9.70 17.36
CA ASP C 87 19.63 10.98 17.44
C ASP C 87 20.12 11.13 18.87
N VAL C 88 21.44 11.19 19.05
CA VAL C 88 21.99 11.40 20.38
C VAL C 88 21.57 12.76 20.90
N VAL C 89 21.02 12.78 22.11
CA VAL C 89 20.54 14.02 22.71
C VAL C 89 21.55 14.61 23.67
N ASP C 90 22.16 13.79 24.52
CA ASP C 90 23.04 14.34 25.54
C ASP C 90 23.97 13.25 26.06
N ILE C 91 25.18 13.67 26.43
CA ILE C 91 26.16 12.80 27.08
C ILE C 91 26.80 13.59 28.21
N SER C 92 26.63 13.13 29.44
CA SER C 92 27.12 13.85 30.61
C SER C 92 27.96 12.90 31.46
N VAL C 93 29.22 13.24 31.66
CA VAL C 93 30.11 12.47 32.52
C VAL C 93 30.13 13.10 33.90
N SER C 94 30.27 12.28 34.91
CA SER C 94 30.38 12.76 36.28
C SER C 94 31.82 12.75 36.76
N PRO C 95 32.12 13.49 37.83
CA PRO C 95 33.50 13.51 38.34
C PRO C 95 34.08 12.13 38.58
N ASP C 96 33.26 11.19 39.04
CA ASP C 96 33.73 9.83 39.33
C ASP C 96 33.85 8.98 38.09
N GLY C 97 33.42 9.46 36.92
CA GLY C 97 33.46 8.69 35.70
C GLY C 97 32.14 8.09 35.26
N THR C 98 31.03 8.51 35.84
CA THR C 98 29.72 7.96 35.48
C THR C 98 29.19 8.66 34.24
N VAL C 99 29.08 7.93 33.14
CA VAL C 99 28.53 8.44 31.89
C VAL C 99 27.03 8.23 31.90
N GLN C 100 26.29 9.30 31.62
CA GLN C 100 24.85 9.29 31.40
C GLN C 100 24.58 9.70 29.95
N TYR C 101 24.16 8.74 29.14
CA TYR C 101 23.92 8.91 27.72
C TYR C 101 22.42 8.91 27.48
N LEU C 102 21.95 9.79 26.61
CA LEU C 102 20.52 9.89 26.30
C LEU C 102 20.35 10.15 24.81
N GLU C 103 19.60 9.26 24.16
CA GLU C 103 19.24 9.37 22.76
C GLU C 103 17.73 9.26 22.61
N ARG C 104 17.21 9.81 21.51
CA ARG C 104 15.83 9.61 21.10
C ARG C 104 15.80 8.78 19.82
N PHE C 105 14.99 7.72 19.83
CA PHE C 105 14.94 6.78 18.72
C PHE C 105 13.50 6.51 18.30
N SER C 106 13.35 6.10 17.05
CA SER C 106 12.12 5.49 16.56
C SER C 106 12.44 4.12 16.01
N ALA C 107 11.49 3.19 16.14
CA ALA C 107 11.70 1.83 15.68
C ALA C 107 10.35 1.18 15.40
N ARG C 108 10.36 0.20 14.49
CA ARG C 108 9.20 -0.64 14.22
C ARG C 108 9.42 -1.97 14.92
N VAL C 109 8.75 -2.16 16.05
CA VAL C 109 8.87 -3.36 16.86
C VAL C 109 7.91 -4.42 16.33
N LEU C 110 8.39 -5.67 16.34
CA LEU C 110 7.65 -6.84 15.88
C LEU C 110 7.35 -7.71 17.10
N SER C 111 6.08 -7.81 17.48
CA SER C 111 5.69 -8.55 18.67
C SER C 111 4.39 -9.31 18.44
N PRO C 112 4.38 -10.62 18.71
CA PRO C 112 3.21 -11.44 18.39
C PRO C 112 2.05 -11.18 19.35
N LEU C 113 0.84 -11.28 18.82
CA LEU C 113 -0.38 -11.06 19.57
C LEU C 113 -1.13 -12.37 19.77
N ASP C 114 -1.84 -12.48 20.89
CA ASP C 114 -2.65 -13.65 21.22
C ASP C 114 -4.11 -13.30 21.01
N PHE C 115 -4.67 -13.76 19.88
CA PHE C 115 -6.00 -13.40 19.45
C PHE C 115 -7.08 -14.34 19.98
N ARG C 116 -6.73 -15.29 20.84
CA ARG C 116 -7.70 -16.27 21.30
C ARG C 116 -8.92 -15.60 21.93
N ARG C 117 -8.70 -14.56 22.74
CA ARG C 117 -9.79 -13.85 23.39
C ARG C 117 -10.29 -12.68 22.56
N TYR C 118 -9.77 -12.51 21.35
CA TYR C 118 -10.13 -11.38 20.52
C TYR C 118 -11.62 -11.43 20.17
N PRO C 119 -12.32 -10.29 20.12
CA PRO C 119 -11.76 -8.95 20.31
C PRO C 119 -11.80 -8.45 21.75
N PHE C 120 -11.91 -9.35 22.71
CA PHE C 120 -11.87 -9.01 24.13
C PHE C 120 -10.49 -9.27 24.73
N ASP C 121 -9.44 -9.04 23.95
CA ASP C 121 -8.10 -9.48 24.30
C ASP C 121 -7.32 -8.37 24.98
N SER C 122 -6.42 -8.77 25.87
CA SER C 122 -5.33 -7.95 26.34
C SER C 122 -4.01 -8.50 25.81
N GLN C 123 -3.04 -7.62 25.63
CA GLN C 123 -1.73 -8.01 25.11
C GLN C 123 -0.63 -7.39 25.95
N THR C 124 0.53 -8.06 25.90
CA THR C 124 1.80 -7.51 26.36
C THR C 124 2.70 -7.36 25.14
N LEU C 125 2.87 -6.12 24.69
CA LEU C 125 3.90 -5.84 23.69
C LEU C 125 5.27 -5.87 24.36
N HIS C 126 6.22 -6.54 23.73
CA HIS C 126 7.55 -6.68 24.28
C HIS C 126 8.56 -5.88 23.45
N ILE C 127 9.53 -5.30 24.14
CA ILE C 127 10.70 -4.68 23.55
C ILE C 127 11.90 -5.28 24.25
N TYR C 128 12.68 -6.08 23.51
CA TYR C 128 13.83 -6.77 24.07
C TYR C 128 15.10 -5.98 23.76
N LEU C 129 15.77 -5.53 24.82
CA LEU C 129 17.10 -4.96 24.72
C LEU C 129 18.14 -6.05 24.86
N ILE C 130 19.27 -5.88 24.17
CA ILE C 130 20.32 -6.89 24.22
C ILE C 130 21.66 -6.20 24.03
N VAL C 131 22.68 -6.75 24.67
CA VAL C 131 24.05 -6.29 24.52
C VAL C 131 24.96 -7.52 24.46
N ARG C 132 25.96 -7.45 23.58
CA ARG C 132 26.93 -8.53 23.39
C ARG C 132 28.22 -8.16 24.09
N SER C 133 28.78 -9.09 24.85
CA SER C 133 30.00 -8.82 25.58
C SER C 133 31.20 -8.71 24.64
N VAL C 134 32.11 -7.81 24.97
CA VAL C 134 33.34 -7.61 24.21
C VAL C 134 34.42 -8.55 24.75
N ASP C 135 35.57 -8.58 24.07
CA ASP C 135 36.64 -9.49 24.48
C ASP C 135 37.34 -8.99 25.74
N THR C 136 37.37 -7.68 25.96
CA THR C 136 38.01 -7.14 27.14
C THR C 136 37.17 -7.27 28.41
N ARG C 137 35.84 -7.22 28.29
CA ARG C 137 35.01 -7.23 29.48
C ARG C 137 33.62 -7.77 29.16
N ASN C 138 33.02 -8.44 30.14
CA ASN C 138 31.63 -8.82 30.08
C ASN C 138 30.74 -7.64 30.46
N ILE C 139 29.63 -7.49 29.76
CA ILE C 139 28.68 -6.40 29.96
C ILE C 139 27.31 -6.97 30.30
N VAL C 140 26.67 -6.37 31.29
CA VAL C 140 25.40 -6.86 31.83
C VAL C 140 24.45 -5.67 31.95
N LEU C 141 23.19 -5.91 31.59
CA LEU C 141 22.17 -4.88 31.58
C LEU C 141 21.41 -4.83 32.90
N ALA C 142 20.93 -3.63 33.23
CA ALA C 142 20.11 -3.41 34.42
C ALA C 142 19.10 -2.30 34.10
N VAL C 143 18.19 -2.07 35.04
CA VAL C 143 17.04 -1.19 34.83
C VAL C 143 17.09 -0.05 35.83
N ASP C 144 17.19 1.18 35.31
CA ASP C 144 17.10 2.39 36.12
C ASP C 144 15.64 2.83 36.15
N LEU C 145 14.96 2.55 37.27
CA LEU C 145 13.53 2.83 37.35
C LEU C 145 13.23 4.32 37.16
N GLU C 146 14.14 5.19 37.62
CA GLU C 146 13.97 6.62 37.39
C GLU C 146 13.80 6.95 35.91
N LYS C 147 14.32 6.09 35.03
CA LYS C 147 14.40 6.38 33.60
C LYS C 147 13.36 5.61 32.77
N VAL C 148 12.36 5.02 33.42
CA VAL C 148 11.30 4.29 32.72
C VAL C 148 9.99 5.04 32.91
N GLY C 149 9.19 5.09 31.86
CA GLY C 149 7.92 5.76 31.90
C GLY C 149 7.38 5.98 30.50
N LYS C 150 6.33 6.79 30.42
CA LYS C 150 5.71 7.11 29.14
C LYS C 150 5.00 8.46 29.27
N ASN C 151 5.04 9.24 28.19
CA ASN C 151 4.32 10.50 28.17
C ASN C 151 2.82 10.26 28.33
N ASP C 152 2.14 11.24 28.94
CA ASP C 152 0.72 11.10 29.21
C ASP C 152 -0.11 11.12 27.93
N ASP C 153 0.32 11.89 26.93
CA ASP C 153 -0.42 11.98 25.67
C ASP C 153 -0.05 10.85 24.72
N VAL C 154 0.32 9.68 25.26
CA VAL C 154 0.56 8.50 24.44
C VAL C 154 -0.76 7.78 24.24
N PHE C 155 -1.07 7.45 22.99
CA PHE C 155 -2.36 6.87 22.64
C PHE C 155 -2.16 5.77 21.61
N LEU C 156 -2.92 4.69 21.77
CA LEU C 156 -3.15 3.73 20.70
C LEU C 156 -4.62 3.85 20.29
N THR C 157 -4.86 4.42 19.11
CA THR C 157 -6.21 4.81 18.69
C THR C 157 -7.23 3.68 18.74
N GLY C 158 -6.94 2.60 19.46
CA GLY C 158 -7.89 1.52 19.59
C GLY C 158 -7.77 0.74 20.88
N TRP C 159 -6.96 1.25 21.81
CA TRP C 159 -6.57 0.47 22.98
C TRP C 159 -6.60 1.35 24.22
N ASP C 160 -6.72 0.69 25.37
CA ASP C 160 -6.43 1.27 26.67
C ASP C 160 -5.04 0.81 27.09
N ILE C 161 -4.19 1.75 27.46
CA ILE C 161 -2.84 1.43 27.92
C ILE C 161 -2.87 1.27 29.43
N GLU C 162 -2.52 0.08 29.90
CA GLU C 162 -2.56 -0.22 31.33
C GLU C 162 -1.31 0.29 32.04
N SER C 163 -0.14 -0.17 31.59
CA SER C 163 1.10 0.08 32.29
C SER C 163 2.26 -0.16 31.34
N PHE C 164 3.39 0.48 31.64
CA PHE C 164 4.66 0.23 30.95
C PHE C 164 5.73 -0.01 32.00
N THR C 165 6.19 -1.25 32.11
CA THR C 165 7.15 -1.63 33.13
C THR C 165 8.26 -2.48 32.51
N ALA C 166 9.28 -2.76 33.31
CA ALA C 166 10.41 -3.58 32.89
C ALA C 166 10.67 -4.69 33.89
N VAL C 167 11.08 -5.85 33.38
CA VAL C 167 11.54 -6.95 34.22
C VAL C 167 12.98 -6.65 34.64
N VAL C 168 13.19 -6.49 35.95
CA VAL C 168 14.46 -5.96 36.43
C VAL C 168 15.58 -6.97 36.22
N LYS C 169 15.33 -8.24 36.51
CA LYS C 169 16.35 -9.26 36.33
C LYS C 169 16.51 -9.57 34.85
N PRO C 170 17.68 -9.38 34.26
CA PRO C 170 17.85 -9.67 32.84
C PRO C 170 18.13 -11.15 32.59
N ALA C 171 17.99 -11.52 31.33
CA ALA C 171 18.32 -12.86 30.84
C ALA C 171 19.72 -12.83 30.25
N ASN C 172 20.65 -13.55 30.88
CA ASN C 172 22.01 -13.69 30.38
C ASN C 172 22.15 -15.07 29.74
N PHE C 173 22.83 -15.11 28.59
CA PHE C 173 22.98 -16.39 27.90
C PHE C 173 24.17 -16.32 26.97
N ALA C 174 24.58 -17.50 26.48
CA ALA C 174 25.68 -17.58 25.53
C ALA C 174 25.12 -17.58 24.11
N LEU C 175 25.75 -16.77 23.25
CA LEU C 175 25.40 -16.71 21.84
C LEU C 175 26.67 -16.58 21.02
N GLU C 176 26.90 -17.55 20.13
CA GLU C 176 28.09 -17.60 19.28
C GLU C 176 29.35 -17.28 20.08
N ASP C 177 29.51 -17.96 21.21
CA ASP C 177 30.74 -17.89 22.01
C ASP C 177 30.92 -16.55 22.71
N ARG C 178 29.86 -15.77 22.90
CA ARG C 178 29.96 -14.54 23.68
C ARG C 178 28.77 -14.42 24.60
N LEU C 179 28.95 -13.69 25.70
CA LEU C 179 27.86 -13.46 26.63
C LEU C 179 26.95 -12.35 26.11
N GLU C 180 25.64 -12.63 26.08
CA GLU C 180 24.62 -11.65 25.77
C GLU C 180 23.73 -11.41 26.97
N SER C 181 23.27 -10.15 27.10
CA SER C 181 22.42 -9.73 28.21
C SER C 181 21.18 -9.05 27.65
N LYS C 182 19.99 -9.53 28.04
CA LYS C 182 18.73 -9.17 27.40
C LYS C 182 17.73 -8.71 28.45
N LEU C 183 17.14 -7.54 28.23
CA LEU C 183 16.08 -6.98 29.06
C LEU C 183 14.75 -7.06 28.33
N ASP C 184 13.67 -7.23 29.11
CA ASP C 184 12.31 -7.38 28.59
C ASP C 184 11.47 -6.20 29.10
N TYR C 185 11.25 -5.22 28.24
CA TYR C 185 10.28 -4.15 28.52
C TYR C 185 8.89 -4.54 28.02
N GLN C 186 7.89 -4.32 28.86
CA GLN C 186 6.54 -4.85 28.63
C GLN C 186 5.52 -3.72 28.69
N LEU C 187 4.84 -3.49 27.57
CA LEU C 187 3.73 -2.54 27.47
C LEU C 187 2.43 -3.32 27.48
N ARG C 188 1.69 -3.25 28.59
CA ARG C 188 0.42 -3.95 28.71
C ARG C 188 -0.71 -3.07 28.21
N ILE C 189 -1.56 -3.64 27.35
CA ILE C 189 -2.66 -2.92 26.73
C ILE C 189 -3.88 -3.84 26.67
N SER C 190 -5.05 -3.23 26.55
CA SER C 190 -6.28 -4.00 26.35
C SER C 190 -7.14 -3.35 25.27
N ARG C 191 -7.70 -4.20 24.41
CA ARG C 191 -8.41 -3.73 23.23
C ARG C 191 -9.76 -3.12 23.59
N GLN C 192 -10.16 -2.10 22.82
CA GLN C 192 -11.50 -1.51 22.94
C GLN C 192 -12.40 -2.22 21.94
N TYR C 193 -13.25 -3.13 22.45
CA TYR C 193 -14.03 -4.00 21.58
C TYR C 193 -15.26 -3.36 20.98
N GLY C 194 -15.72 -2.22 21.51
CA GLY C 194 -17.01 -1.68 21.07
C GLY C 194 -17.13 -1.54 19.57
N TYR C 195 -16.06 -1.04 18.92
CA TYR C 195 -16.09 -0.92 17.47
C TYR C 195 -16.55 -2.22 16.84
N PHE C 196 -15.92 -3.33 17.22
CA PHE C 196 -16.30 -4.60 16.63
C PHE C 196 -17.73 -4.97 17.01
N VAL C 197 -18.16 -4.54 18.21
CA VAL C 197 -19.53 -4.76 18.65
C VAL C 197 -20.50 -4.22 17.62
N ILE C 198 -20.19 -3.04 17.07
CA ILE C 198 -21.08 -2.40 16.09
C ILE C 198 -20.65 -2.67 14.65
N GLN C 199 -19.58 -3.42 14.44
CA GLN C 199 -19.13 -3.79 13.10
C GLN C 199 -19.56 -5.17 12.66
N THR C 200 -19.69 -6.12 13.58
CA THR C 200 -19.94 -7.52 13.24
C THR C 200 -21.03 -8.13 14.12
N TYR C 201 -20.95 -7.90 15.43
CA TYR C 201 -21.87 -8.56 16.34
C TYR C 201 -23.31 -8.12 16.09
N LEU C 202 -23.51 -6.82 15.82
CA LEU C 202 -24.86 -6.36 15.52
C LEU C 202 -25.35 -6.93 14.19
N PRO C 203 -24.60 -6.81 13.09
CA PRO C 203 -25.02 -7.48 11.85
C PRO C 203 -25.34 -8.96 12.03
N CYS C 204 -24.59 -9.65 12.89
CA CYS C 204 -24.86 -11.07 13.12
C CYS C 204 -26.19 -11.26 13.85
N ILE C 205 -26.39 -10.53 14.94
CA ILE C 205 -27.62 -10.69 15.73
C ILE C 205 -28.83 -10.34 14.88
N MET C 206 -28.75 -9.22 14.15
CA MET C 206 -29.87 -8.81 13.31
C MET C 206 -30.10 -9.81 12.18
N THR C 207 -29.02 -10.39 11.64
CA THR C 207 -29.18 -11.39 10.60
C THR C 207 -29.86 -12.64 11.14
N VAL C 208 -29.57 -13.00 12.39
CA VAL C 208 -30.25 -14.13 13.02
C VAL C 208 -31.73 -13.82 13.21
N ILE C 209 -32.05 -12.63 13.73
CA ILE C 209 -33.44 -12.24 13.91
C ILE C 209 -34.18 -12.30 12.57
N LEU C 210 -33.60 -11.67 11.54
CA LEU C 210 -34.18 -11.73 10.21
C LEU C 210 -34.43 -13.16 9.77
N SER C 211 -33.45 -14.04 9.98
CA SER C 211 -33.66 -15.45 9.65
C SER C 211 -34.84 -16.03 10.42
N GLN C 212 -35.07 -15.55 11.65
CA GLN C 212 -36.17 -16.06 12.46
C GLN C 212 -37.52 -15.53 11.99
N VAL C 213 -37.55 -14.36 11.35
CA VAL C 213 -38.81 -13.83 10.84
C VAL C 213 -39.48 -14.82 9.90
N SER C 214 -38.71 -15.69 9.24
CA SER C 214 -39.28 -16.60 8.25
C SER C 214 -40.30 -17.55 8.88
N PHE C 215 -40.16 -17.88 10.16
CA PHE C 215 -41.07 -18.82 10.80
C PHE C 215 -42.49 -18.29 10.91
N TRP C 216 -42.69 -16.98 10.79
CA TRP C 216 -44.02 -16.38 10.91
C TRP C 216 -44.70 -16.14 9.58
N LEU C 217 -44.01 -16.35 8.46
CA LEU C 217 -44.66 -16.21 7.17
C LEU C 217 -45.46 -17.45 6.84
N ASN C 218 -46.57 -17.25 6.12
CA ASN C 218 -47.42 -18.36 5.70
C ASN C 218 -46.60 -19.44 5.02
N ARG C 219 -46.85 -20.69 5.41
CA ARG C 219 -46.08 -21.81 4.89
C ARG C 219 -46.25 -21.98 3.38
N GLU C 220 -47.37 -21.51 2.82
CA GLU C 220 -47.62 -21.68 1.40
C GLU C 220 -46.80 -20.71 0.56
N SER C 221 -46.40 -19.58 1.12
CA SER C 221 -45.56 -18.59 0.42
C SER C 221 -44.11 -19.03 0.53
N VAL C 222 -43.76 -20.04 -0.26
CA VAL C 222 -42.46 -20.69 -0.19
C VAL C 222 -41.34 -19.76 -0.67
N PRO C 223 -41.52 -19.02 -1.76
CA PRO C 223 -40.44 -18.13 -2.22
C PRO C 223 -40.01 -17.09 -1.19
N ALA C 224 -40.96 -16.43 -0.52
CA ALA C 224 -40.57 -15.45 0.50
C ALA C 224 -39.64 -16.05 1.53
N ARG C 225 -40.06 -17.17 2.14
CA ARG C 225 -39.22 -17.83 3.14
C ARG C 225 -37.88 -18.24 2.54
N THR C 226 -37.88 -18.66 1.26
CA THR C 226 -36.62 -18.99 0.60
C THR C 226 -35.68 -17.79 0.57
N VAL C 227 -36.22 -16.62 0.19
CA VAL C 227 -35.42 -15.40 0.17
C VAL C 227 -34.85 -15.11 1.55
N PHE C 228 -35.71 -15.11 2.57
CA PHE C 228 -35.24 -14.85 3.93
C PHE C 228 -34.09 -15.79 4.30
N VAL C 229 -34.35 -17.10 4.23
CA VAL C 229 -33.38 -18.08 4.72
C VAL C 229 -32.07 -17.96 3.94
N VAL C 230 -32.17 -17.92 2.61
CA VAL C 230 -30.97 -17.96 1.79
C VAL C 230 -30.14 -16.69 1.98
N THR C 231 -30.80 -15.52 1.90
CA THR C 231 -30.05 -14.28 2.03
C THR C 231 -29.44 -14.16 3.42
N THR C 232 -30.15 -14.63 4.45
CA THR C 232 -29.59 -14.56 5.80
C THR C 232 -28.40 -15.49 5.94
N VAL C 233 -28.45 -16.67 5.30
CA VAL C 233 -27.31 -17.59 5.35
C VAL C 233 -26.10 -16.96 4.67
N LEU C 234 -26.29 -16.42 3.47
CA LEU C 234 -25.17 -15.83 2.75
C LEU C 234 -24.63 -14.62 3.49
N THR C 235 -25.51 -13.86 4.14
CA THR C 235 -25.06 -12.75 4.97
C THR C 235 -24.17 -13.25 6.11
N MET C 236 -24.59 -14.32 6.79
CA MET C 236 -23.75 -14.90 7.83
C MET C 236 -22.38 -15.29 7.29
N THR C 237 -22.34 -15.99 6.16
CA THR C 237 -21.05 -16.38 5.58
C THR C 237 -20.19 -15.16 5.28
N THR C 238 -20.78 -14.15 4.66
CA THR C 238 -20.04 -12.94 4.31
C THR C 238 -19.48 -12.26 5.55
N LEU C 239 -20.30 -12.13 6.60
CA LEU C 239 -19.82 -11.48 7.81
C LEU C 239 -18.69 -12.28 8.44
N SER C 240 -18.79 -13.61 8.45
CA SER C 240 -17.70 -14.44 8.96
C SER C 240 -16.40 -14.16 8.20
N ILE C 241 -16.43 -14.32 6.88
CA ILE C 241 -15.22 -14.13 6.08
C ILE C 241 -14.65 -12.73 6.27
N SER C 242 -15.52 -11.72 6.13
CA SER C 242 -15.11 -10.33 6.36
C SER C 242 -14.40 -10.19 7.70
N ALA C 243 -15.00 -10.74 8.77
CA ALA C 243 -14.42 -10.58 10.10
C ALA C 243 -13.05 -11.23 10.16
N ARG C 244 -12.93 -12.47 9.69
CA ARG C 244 -11.63 -13.12 9.75
C ARG C 244 -10.60 -12.49 8.82
N ASN C 245 -11.03 -11.63 7.89
CA ASN C 245 -10.09 -10.97 7.00
C ASN C 245 -9.26 -9.90 7.71
N SER C 246 -9.66 -9.47 8.91
CA SER C 246 -8.90 -8.46 9.64
C SER C 246 -7.71 -9.05 10.40
N LEU C 247 -7.67 -10.35 10.59
CA LEU C 247 -6.66 -10.98 11.44
C LEU C 247 -5.60 -11.68 10.61
N PRO C 248 -4.45 -11.96 11.21
CA PRO C 248 -3.47 -12.83 10.54
C PRO C 248 -3.98 -14.26 10.48
N LYS C 249 -3.27 -15.08 9.70
CA LYS C 249 -3.70 -16.46 9.46
C LYS C 249 -3.37 -17.32 10.69
N VAL C 250 -4.04 -16.99 11.79
CA VAL C 250 -3.85 -17.71 13.03
C VAL C 250 -4.49 -19.10 12.93
N ALA C 251 -3.89 -20.07 13.62
CA ALA C 251 -4.42 -21.43 13.59
C ALA C 251 -5.69 -21.56 14.41
N TYR C 252 -5.75 -20.89 15.56
CA TYR C 252 -6.79 -21.14 16.55
C TYR C 252 -8.06 -20.37 16.17
N ALA C 253 -9.01 -20.33 17.10
CA ALA C 253 -10.28 -19.63 16.92
C ALA C 253 -10.43 -18.53 17.96
N THR C 254 -10.94 -17.39 17.54
CA THR C 254 -11.17 -16.26 18.43
C THR C 254 -12.59 -16.32 19.00
N ALA C 255 -12.82 -15.52 20.04
CA ALA C 255 -14.17 -15.43 20.59
C ALA C 255 -15.16 -14.95 19.54
N MET C 256 -14.74 -14.01 18.68
CA MET C 256 -15.60 -13.59 17.59
C MET C 256 -15.88 -14.77 16.67
N ASP C 257 -14.88 -15.61 16.43
CA ASP C 257 -15.09 -16.82 15.64
C ASP C 257 -16.21 -17.65 16.25
N TRP C 258 -16.21 -17.81 17.57
CA TRP C 258 -17.24 -18.60 18.23
C TRP C 258 -18.61 -17.96 18.07
N PHE C 259 -18.71 -16.65 18.32
CA PHE C 259 -20.00 -15.99 18.17
C PHE C 259 -20.54 -16.14 16.75
N ILE C 260 -19.69 -15.93 15.75
CA ILE C 260 -20.12 -16.04 14.36
C ILE C 260 -20.51 -17.48 14.04
N ALA C 261 -19.77 -18.44 14.60
CA ALA C 261 -20.07 -19.84 14.32
C ALA C 261 -21.40 -20.26 14.92
N VAL C 262 -21.70 -19.79 16.12
CA VAL C 262 -22.99 -20.10 16.73
C VAL C 262 -24.13 -19.41 15.98
N CYS C 263 -23.93 -18.16 15.57
CA CYS C 263 -24.94 -17.50 14.75
C CYS C 263 -25.18 -18.28 13.45
N TYR C 264 -24.11 -18.76 12.81
CA TYR C 264 -24.26 -19.58 11.61
C TYR C 264 -25.00 -20.87 11.93
N ALA C 265 -24.74 -21.46 13.09
CA ALA C 265 -25.48 -22.65 13.50
C ALA C 265 -26.98 -22.35 13.58
N PHE C 266 -27.34 -21.26 14.24
CA PHE C 266 -28.76 -20.92 14.38
C PHE C 266 -29.39 -20.64 13.01
N VAL C 267 -28.67 -19.96 12.12
CA VAL C 267 -29.26 -19.58 10.83
C VAL C 267 -29.43 -20.80 9.94
N PHE C 268 -28.39 -21.62 9.82
CA PHE C 268 -28.51 -22.85 9.05
C PHE C 268 -29.55 -23.78 9.66
N SER C 269 -29.69 -23.76 10.98
CA SER C 269 -30.75 -24.52 11.64
C SER C 269 -32.12 -23.98 11.24
N ALA C 270 -32.24 -22.67 11.07
CA ALA C 270 -33.48 -22.09 10.57
C ALA C 270 -33.75 -22.54 9.14
N LEU C 271 -32.71 -22.64 8.31
CA LEU C 271 -32.90 -23.18 6.96
C LEU C 271 -33.39 -24.62 7.02
N ILE C 272 -32.77 -25.46 7.85
CA ILE C 272 -33.21 -26.84 7.96
C ILE C 272 -34.64 -26.92 8.46
N GLU C 273 -35.00 -26.02 9.39
CA GLU C 273 -36.39 -25.98 9.86
C GLU C 273 -37.35 -25.64 8.74
N PHE C 274 -37.04 -24.58 7.97
CA PHE C 274 -37.91 -24.23 6.85
C PHE C 274 -38.05 -25.38 5.86
N ALA C 275 -36.94 -26.08 5.58
CA ALA C 275 -37.00 -27.19 4.64
C ALA C 275 -37.84 -28.34 5.18
N THR C 276 -37.70 -28.65 6.48
CA THR C 276 -38.51 -29.70 7.08
C THR C 276 -39.99 -29.34 7.07
N VAL C 277 -40.34 -28.14 7.52
CA VAL C 277 -41.72 -27.69 7.48
C VAL C 277 -42.29 -27.79 6.07
N ASN C 278 -41.56 -27.26 5.09
CA ASN C 278 -42.02 -27.36 3.71
C ASN C 278 -42.18 -28.81 3.28
N TYR C 279 -41.32 -29.70 3.79
CA TYR C 279 -41.40 -31.10 3.40
C TYR C 279 -42.65 -31.77 3.96
N PHE C 280 -43.15 -31.30 5.09
CA PHE C 280 -44.30 -31.91 5.76
C PHE C 280 -45.58 -31.09 5.62
N THR C 281 -45.60 -30.13 4.69
CA THR C 281 -46.72 -29.20 4.65
C THR C 281 -47.96 -29.86 4.06
N LYS C 282 -47.81 -30.62 2.98
CA LYS C 282 -48.95 -31.31 2.40
C LYS C 282 -49.36 -32.50 3.25
N SER C 283 -48.46 -33.48 3.40
CA SER C 283 -48.68 -34.62 4.26
C SER C 283 -48.26 -34.27 5.69
N GLN C 284 -49.19 -34.42 6.63
CA GLN C 284 -48.92 -34.16 8.04
C GLN C 284 -48.78 -32.66 8.30
N PRO C 285 -49.75 -31.85 7.92
CA PRO C 285 -49.66 -30.41 8.21
C PRO C 285 -49.66 -30.10 9.70
N ALA C 286 -50.21 -30.99 10.53
CA ALA C 286 -50.13 -30.78 11.97
C ALA C 286 -48.68 -30.84 12.44
N ARG C 287 -47.88 -31.74 11.88
CA ARG C 287 -46.47 -31.82 12.27
C ARG C 287 -45.75 -30.52 11.94
N ALA C 288 -45.85 -30.07 10.68
CA ALA C 288 -45.25 -28.80 10.30
C ALA C 288 -45.69 -27.67 11.22
N ALA C 289 -47.00 -27.56 11.46
CA ALA C 289 -47.52 -26.51 12.32
C ALA C 289 -46.88 -26.59 13.70
N LYS C 290 -46.73 -27.79 14.25
CA LYS C 290 -46.09 -27.93 15.55
C LYS C 290 -44.64 -27.51 15.49
N ILE C 291 -43.94 -27.85 14.41
CA ILE C 291 -42.55 -27.45 14.25
C ILE C 291 -42.42 -25.94 14.30
N ASP C 292 -43.26 -25.22 13.55
CA ASP C 292 -43.23 -23.77 13.62
C ASP C 292 -43.57 -23.27 15.02
N ARG C 293 -44.58 -23.89 15.65
CA ARG C 293 -45.01 -23.45 16.97
C ARG C 293 -43.86 -23.52 17.97
N LEU C 294 -43.15 -24.65 17.98
CA LEU C 294 -42.03 -24.80 18.90
C LEU C 294 -40.87 -23.90 18.53
N SER C 295 -40.52 -23.87 17.24
CA SER C 295 -39.40 -23.04 16.79
C SER C 295 -39.56 -21.59 17.24
N ARG C 296 -40.77 -21.04 17.07
CA ARG C 296 -41.00 -19.63 17.43
C ARG C 296 -40.70 -19.34 18.89
N ILE C 297 -40.71 -20.35 19.76
CA ILE C 297 -40.38 -20.17 21.16
C ILE C 297 -38.93 -20.54 21.45
N ALA C 298 -38.46 -21.64 20.89
CA ALA C 298 -37.12 -22.15 21.19
C ALA C 298 -36.04 -21.23 20.63
N PHE C 299 -36.14 -20.89 19.34
CA PHE C 299 -35.05 -20.15 18.71
C PHE C 299 -34.70 -18.88 19.47
N PRO C 300 -35.63 -17.93 19.62
CA PRO C 300 -35.26 -16.68 20.32
C PRO C 300 -34.88 -16.90 21.77
N LEU C 301 -35.37 -17.97 22.40
CA LEU C 301 -34.99 -18.28 23.77
C LEU C 301 -33.55 -18.81 23.84
N LEU C 302 -33.25 -19.82 23.02
CA LEU C 302 -31.89 -20.35 22.98
C LEU C 302 -30.89 -19.26 22.58
N PHE C 303 -31.31 -18.37 21.67
CA PHE C 303 -30.42 -17.29 21.26
C PHE C 303 -30.21 -16.28 22.38
N GLY C 304 -31.28 -15.90 23.08
CA GLY C 304 -31.11 -14.99 24.22
C GLY C 304 -30.22 -15.59 25.30
N ILE C 305 -30.47 -16.85 25.66
CA ILE C 305 -29.64 -17.52 26.65
C ILE C 305 -28.18 -17.55 26.19
N PHE C 306 -27.97 -17.92 24.91
CA PHE C 306 -26.62 -17.95 24.37
C PHE C 306 -25.94 -16.61 24.53
N ASN C 307 -26.58 -15.53 24.06
CA ASN C 307 -26.00 -14.21 24.22
C ASN C 307 -25.69 -13.91 25.67
N LEU C 308 -26.56 -14.35 26.59
CA LEU C 308 -26.33 -14.12 28.01
C LEU C 308 -25.04 -14.79 28.48
N VAL C 309 -24.87 -16.07 28.15
CA VAL C 309 -23.67 -16.80 28.54
C VAL C 309 -22.44 -16.17 27.90
N TYR C 310 -22.53 -15.82 26.61
CA TYR C 310 -21.37 -15.32 25.89
C TYR C 310 -20.92 -13.97 26.45
N TRP C 311 -21.81 -12.98 26.45
CA TRP C 311 -21.43 -11.66 26.93
C TRP C 311 -21.12 -11.66 28.41
N ALA C 312 -21.79 -12.51 29.19
CA ALA C 312 -21.42 -12.67 30.59
C ALA C 312 -19.99 -13.22 30.71
N THR C 313 -19.62 -14.16 29.83
CA THR C 313 -18.31 -14.80 29.93
C THR C 313 -17.20 -13.83 29.52
N TYR C 314 -17.30 -13.25 28.33
CA TYR C 314 -16.22 -12.46 27.77
C TYR C 314 -16.22 -11.01 28.26
N LEU C 315 -17.04 -10.68 29.26
CA LEU C 315 -16.95 -9.38 29.91
C LEU C 315 -16.60 -9.54 31.39
N MET D 3 30.51 23.67 19.05
CA MET D 3 30.63 24.70 20.08
C MET D 3 29.76 24.37 21.29
N VAL D 4 29.53 25.38 22.13
CA VAL D 4 28.68 25.24 23.31
C VAL D 4 27.70 26.40 23.35
N SER D 5 26.69 26.27 24.21
CA SER D 5 25.63 27.25 24.26
C SER D 5 26.13 28.58 24.82
N PRO D 6 25.48 29.68 24.44
CA PRO D 6 25.91 31.01 24.91
C PRO D 6 25.75 31.13 26.41
N PRO D 7 26.81 31.51 27.12
CA PRO D 7 26.69 31.66 28.58
C PRO D 7 25.80 32.82 28.93
N PRO D 8 25.11 32.75 30.08
CA PRO D 8 24.14 33.79 30.43
C PRO D 8 24.84 35.06 30.91
N PRO D 9 24.38 36.23 30.47
CA PRO D 9 24.95 37.47 31.01
C PRO D 9 24.59 37.71 32.47
N ILE D 10 23.32 37.49 32.84
CA ILE D 10 22.86 37.57 34.22
C ILE D 10 23.34 36.34 35.00
N ALA D 11 24.13 35.47 34.34
CA ALA D 11 24.65 34.28 35.01
C ALA D 11 23.53 33.30 35.36
N ASP D 12 22.29 33.79 35.42
CA ASP D 12 21.14 32.98 35.80
C ASP D 12 19.97 33.20 34.86
N GLU D 13 20.25 33.62 33.62
CA GLU D 13 19.12 33.95 32.76
C GLU D 13 18.91 32.85 31.72
N PRO D 14 17.66 32.44 31.49
CA PRO D 14 17.40 31.44 30.46
C PRO D 14 17.55 32.01 29.06
N LEU D 15 18.12 31.20 28.17
CA LEU D 15 18.17 31.53 26.74
C LEU D 15 16.85 31.17 26.09
N THR D 16 16.16 32.15 25.53
CA THR D 16 14.95 31.89 24.76
C THR D 16 15.28 31.82 23.28
N VAL D 17 14.62 30.90 22.58
CA VAL D 17 14.73 30.75 21.14
C VAL D 17 13.40 31.15 20.51
N ASN D 18 13.42 32.20 19.71
CA ASN D 18 12.21 32.67 19.05
C ASN D 18 11.97 31.81 17.81
N THR D 19 10.82 31.15 17.77
CA THR D 19 10.51 30.16 16.75
C THR D 19 9.38 30.65 15.86
N GLY D 20 9.38 30.15 14.62
CA GLY D 20 8.28 30.41 13.71
C GLY D 20 8.20 29.31 12.68
N ILE D 21 6.97 28.98 12.27
CA ILE D 21 6.71 28.00 11.23
C ILE D 21 5.85 28.66 10.16
N TYR D 22 6.24 28.49 8.90
CA TYR D 22 5.48 29.03 7.77
C TYR D 22 5.12 27.87 6.85
N LEU D 23 3.84 27.52 6.82
CA LEU D 23 3.41 26.36 6.03
C LEU D 23 3.53 26.67 4.55
N ILE D 24 4.24 25.80 3.83
CA ILE D 24 4.36 25.89 2.39
C ILE D 24 3.46 24.87 1.69
N GLU D 25 3.45 23.64 2.18
CA GLU D 25 2.71 22.55 1.57
C GLU D 25 2.09 21.69 2.66
N CYS D 26 0.82 21.32 2.45
CA CYS D 26 0.09 20.49 3.41
C CYS D 26 -0.68 19.44 2.62
N TYR D 27 -0.40 18.17 2.87
CA TYR D 27 -0.93 17.09 2.07
C TYR D 27 -1.03 15.82 2.89
N SER D 28 -1.68 14.81 2.30
CA SER D 28 -1.71 13.45 2.85
C SER D 28 -2.30 13.43 4.27
N LEU D 29 -3.45 14.07 4.43
CA LEU D 29 -4.20 13.97 5.68
C LEU D 29 -4.92 12.63 5.71
N ASP D 30 -4.43 11.70 6.53
CA ASP D 30 -4.95 10.34 6.57
C ASP D 30 -5.86 10.20 7.79
N ASP D 31 -7.17 10.09 7.55
CA ASP D 31 -8.11 9.98 8.65
C ASP D 31 -7.87 8.70 9.45
N LYS D 32 -7.55 7.60 8.75
CA LYS D 32 -7.40 6.31 9.43
C LYS D 32 -6.12 6.25 10.25
N ALA D 33 -5.04 6.79 9.71
CA ALA D 33 -3.76 6.82 10.41
C ALA D 33 -3.63 7.99 11.37
N GLU D 34 -4.52 8.97 11.28
CA GLU D 34 -4.44 10.19 12.08
C GLU D 34 -3.06 10.84 11.94
N THR D 35 -2.61 10.95 10.70
CA THR D 35 -1.35 11.59 10.38
C THR D 35 -1.56 12.52 9.19
N PHE D 36 -0.67 13.50 9.06
CA PHE D 36 -0.62 14.33 7.87
C PHE D 36 0.83 14.73 7.61
N LYS D 37 1.11 15.11 6.37
CA LYS D 37 2.46 15.48 5.98
C LYS D 37 2.52 16.99 5.76
N VAL D 38 3.60 17.61 6.24
CA VAL D 38 3.72 19.06 6.23
C VAL D 38 5.10 19.45 5.72
N ASN D 39 5.17 20.51 4.94
CA ASN D 39 6.42 21.05 4.42
C ASN D 39 6.41 22.55 4.65
N ALA D 40 7.35 23.05 5.45
CA ALA D 40 7.25 24.42 5.94
C ALA D 40 8.65 24.98 6.20
N PHE D 41 8.68 26.28 6.45
CA PHE D 41 9.84 26.96 7.02
C PHE D 41 9.84 26.87 8.54
N LEU D 42 11.00 26.55 9.10
CA LEU D 42 11.29 26.70 10.53
C LEU D 42 12.34 27.79 10.69
N SER D 43 12.00 28.82 11.46
CA SER D 43 12.89 29.95 11.74
C SER D 43 13.15 30.02 13.24
N LEU D 44 14.42 30.12 13.61
CA LEU D 44 14.86 30.24 14.99
C LEU D 44 15.71 31.49 15.14
N SER D 45 15.66 32.10 16.32
CA SER D 45 16.38 33.35 16.55
C SER D 45 16.81 33.40 18.00
N TRP D 46 18.10 33.63 18.25
CA TRP D 46 18.59 33.70 19.62
C TRP D 46 19.81 34.60 19.68
N LYS D 47 20.30 34.83 20.90
CA LYS D 47 21.42 35.74 21.13
C LYS D 47 22.63 34.92 21.56
N ASP D 48 23.73 35.08 20.82
CA ASP D 48 25.03 34.51 21.18
C ASP D 48 26.08 35.62 21.13
N ARG D 49 26.29 36.31 22.25
CA ARG D 49 27.21 37.45 22.23
C ARG D 49 28.62 37.06 21.76
N ARG D 50 28.98 35.77 21.84
CA ARG D 50 30.25 35.34 21.27
C ARG D 50 30.40 35.72 19.80
N LEU D 51 29.28 35.92 19.09
CA LEU D 51 29.31 36.24 17.67
C LEU D 51 29.23 37.73 17.38
N ALA D 52 29.09 38.56 18.41
CA ALA D 52 29.02 40.00 18.24
C ALA D 52 30.26 40.52 17.50
N PHE D 53 30.11 41.70 16.89
CA PHE D 53 31.17 42.30 16.09
C PHE D 53 30.84 43.78 15.89
N ASP D 54 31.88 44.55 15.62
CA ASP D 54 31.71 45.98 15.32
C ASP D 54 31.22 46.16 13.89
N PRO D 55 30.05 46.77 13.67
CA PRO D 55 29.54 46.96 12.31
C PRO D 55 30.38 47.89 11.45
N VAL D 56 31.30 48.65 12.04
CA VAL D 56 32.13 49.61 11.32
C VAL D 56 33.51 49.04 11.02
N ARG D 57 34.18 48.48 12.03
CA ARG D 57 35.44 47.79 11.79
C ARG D 57 35.26 46.66 10.78
N SER D 58 34.25 45.82 10.99
CA SER D 58 33.81 44.87 9.96
C SER D 58 32.89 45.57 8.99
N GLY D 59 33.31 45.70 7.73
CA GLY D 59 32.52 46.37 6.72
C GLY D 59 31.23 45.68 6.35
N VAL D 60 30.93 44.53 6.93
CA VAL D 60 29.71 43.80 6.65
C VAL D 60 28.63 44.21 7.64
N ARG D 61 27.37 44.09 7.22
CA ARG D 61 26.25 44.46 8.07
C ARG D 61 25.64 43.29 8.81
N VAL D 62 25.91 42.06 8.40
CA VAL D 62 25.31 40.89 9.04
C VAL D 62 26.35 39.79 9.22
N LYS D 63 26.95 39.33 8.12
CA LYS D 63 27.84 38.18 8.15
C LYS D 63 27.02 36.90 8.35
N THR D 64 27.35 35.85 7.61
CA THR D 64 26.57 34.62 7.61
C THR D 64 27.46 33.42 7.87
N TYR D 65 26.96 32.49 8.68
CA TYR D 65 27.72 31.32 9.09
C TYR D 65 27.04 30.05 8.56
N GLU D 66 27.83 28.97 8.50
CA GLU D 66 27.36 27.60 8.32
C GLU D 66 27.01 26.98 9.66
N PRO D 67 26.01 26.10 9.71
CA PRO D 67 25.60 25.52 11.00
C PRO D 67 26.73 24.82 11.73
N GLU D 68 27.69 24.24 11.00
CA GLU D 68 28.83 23.60 11.65
C GLU D 68 29.72 24.61 12.36
N ALA D 69 29.66 25.88 11.97
CA ALA D 69 30.56 26.89 12.53
C ALA D 69 30.18 27.28 13.94
N ILE D 70 28.88 27.39 14.22
CA ILE D 70 28.41 27.98 15.47
C ILE D 70 27.49 26.99 16.18
N TRP D 71 27.29 27.23 17.47
CA TRP D 71 26.33 26.46 18.25
C TRP D 71 24.92 26.75 17.78
N ILE D 72 24.14 25.68 17.60
CA ILE D 72 22.73 25.80 17.22
C ILE D 72 21.91 24.95 18.16
N PRO D 73 20.79 25.46 18.68
CA PRO D 73 19.99 24.67 19.62
C PRO D 73 19.37 23.44 18.96
N GLU D 74 19.39 22.33 19.70
CA GLU D 74 18.75 21.10 19.27
C GLU D 74 17.25 21.23 19.49
N ILE D 75 16.51 21.53 18.42
CA ILE D 75 15.06 21.68 18.46
C ILE D 75 14.44 20.44 17.84
N ARG D 76 13.56 19.77 18.58
CA ARG D 76 12.91 18.55 18.13
C ARG D 76 11.40 18.74 18.09
N PHE D 77 10.75 18.05 17.16
CA PHE D 77 9.30 17.91 17.18
C PHE D 77 8.90 16.75 18.05
N VAL D 78 7.79 16.91 18.77
CA VAL D 78 7.27 15.86 19.65
C VAL D 78 6.40 14.90 18.85
N ASN D 79 5.25 15.39 18.38
CA ASN D 79 4.21 14.53 17.81
C ASN D 79 4.51 14.23 16.33
N VAL D 80 5.66 13.60 16.10
CA VAL D 80 6.12 13.28 14.76
C VAL D 80 6.56 11.82 14.75
N GLU D 81 6.52 11.23 13.56
CA GLU D 81 6.80 9.80 13.45
C GLU D 81 8.30 9.53 13.37
N ASN D 82 8.99 10.18 12.44
CA ASN D 82 10.44 10.22 12.37
C ASN D 82 10.94 11.63 12.64
N ALA D 83 12.23 11.74 12.94
CA ALA D 83 12.88 13.04 12.96
C ALA D 83 12.66 13.74 11.62
N ARG D 84 12.38 15.03 11.67
CA ARG D 84 12.12 15.78 10.46
C ARG D 84 13.31 15.70 9.51
N ASP D 85 13.04 15.99 8.23
CA ASP D 85 14.07 16.19 7.22
C ASP D 85 14.20 17.69 6.97
N ALA D 86 15.38 18.25 7.21
CA ALA D 86 15.57 19.68 7.14
C ALA D 86 16.73 20.02 6.21
N ASP D 87 16.55 21.08 5.43
CA ASP D 87 17.61 21.72 4.67
C ASP D 87 17.79 23.13 5.23
N VAL D 88 18.98 23.40 5.79
CA VAL D 88 19.26 24.76 6.26
C VAL D 88 19.23 25.71 5.08
N VAL D 89 18.50 26.80 5.22
CA VAL D 89 18.32 27.78 4.16
C VAL D 89 19.25 28.97 4.33
N ASP D 90 19.34 29.51 5.55
CA ASP D 90 20.10 30.73 5.77
C ASP D 90 20.44 30.86 7.24
N ILE D 91 21.60 31.44 7.53
CA ILE D 91 21.98 31.79 8.89
C ILE D 91 22.61 33.18 8.87
N SER D 92 21.99 34.13 9.54
CA SER D 92 22.41 35.52 9.52
C SER D 92 22.58 36.03 10.94
N VAL D 93 23.80 36.46 11.29
CA VAL D 93 24.07 37.01 12.61
C VAL D 93 24.04 38.53 12.51
N SER D 94 23.62 39.17 13.60
CA SER D 94 23.65 40.62 13.69
C SER D 94 24.86 41.09 14.49
N PRO D 95 25.23 42.37 14.36
CA PRO D 95 26.37 42.89 15.14
C PRO D 95 26.27 42.61 16.62
N ASP D 96 25.05 42.59 17.17
CA ASP D 96 24.87 42.36 18.60
C ASP D 96 25.00 40.90 18.98
N GLY D 97 25.08 39.99 18.01
CA GLY D 97 25.14 38.57 18.28
C GLY D 97 23.85 37.82 18.04
N THR D 98 22.87 38.43 17.37
CA THR D 98 21.58 37.80 17.14
C THR D 98 21.66 36.87 15.93
N VAL D 99 21.52 35.58 16.17
CA VAL D 99 21.52 34.58 15.10
C VAL D 99 20.08 34.36 14.65
N GLN D 100 19.85 34.46 13.34
CA GLN D 100 18.60 34.12 12.68
C GLN D 100 18.83 32.96 11.72
N TYR D 101 18.30 31.79 12.09
CA TYR D 101 18.45 30.55 11.35
C TYR D 101 17.14 30.22 10.66
N LEU D 102 17.23 29.75 9.42
CA LEU D 102 16.05 29.44 8.63
C LEU D 102 16.31 28.17 7.85
N GLU D 103 15.44 27.17 8.05
CA GLU D 103 15.48 25.91 7.32
C GLU D 103 14.12 25.61 6.73
N ARG D 104 14.11 24.78 5.69
CA ARG D 104 12.87 24.22 5.16
C ARG D 104 12.85 22.73 5.45
N PHE D 105 11.75 22.25 6.02
CA PHE D 105 11.63 20.87 6.45
C PHE D 105 10.32 20.26 5.97
N SER D 106 10.32 18.94 5.84
CA SER D 106 9.09 18.17 5.70
C SER D 106 9.05 17.13 6.81
N ALA D 107 7.84 16.82 7.27
CA ALA D 107 7.67 15.86 8.35
C ALA D 107 6.29 15.25 8.28
N ARG D 108 6.18 14.03 8.81
CA ARG D 108 4.90 13.35 8.98
C ARG D 108 4.45 13.51 10.43
N VAL D 109 3.52 14.42 10.66
CA VAL D 109 3.01 14.71 11.98
C VAL D 109 1.87 13.75 12.31
N LEU D 110 1.84 13.31 13.57
CA LEU D 110 0.85 12.37 14.10
C LEU D 110 -0.02 13.12 15.10
N SER D 111 -1.29 13.32 14.75
CA SER D 111 -2.18 14.10 15.61
C SER D 111 -3.58 13.50 15.62
N PRO D 112 -4.12 13.19 16.79
CA PRO D 112 -5.40 12.48 16.87
C PRO D 112 -6.57 13.39 16.55
N LEU D 113 -7.59 12.80 15.94
CA LEU D 113 -8.78 13.50 15.49
C LEU D 113 -9.98 13.09 16.33
N ASP D 114 -10.93 14.02 16.49
CA ASP D 114 -12.17 13.77 17.22
C ASP D 114 -13.29 13.61 16.21
N PHE D 115 -13.70 12.35 15.98
CA PHE D 115 -14.66 12.01 14.95
C PHE D 115 -16.11 12.04 15.44
N ARG D 116 -16.35 12.45 16.68
CA ARG D 116 -17.70 12.38 17.23
C ARG D 116 -18.70 13.11 16.35
N ARG D 117 -18.35 14.29 15.86
CA ARG D 117 -19.24 15.08 15.02
C ARG D 117 -19.06 14.79 13.54
N TYR D 118 -18.25 13.78 13.21
CA TYR D 118 -17.97 13.46 11.82
C TYR D 118 -19.25 13.05 11.11
N PRO D 119 -19.41 13.44 9.83
CA PRO D 119 -18.45 14.18 9.02
C PRO D 119 -18.66 15.70 9.08
N PHE D 120 -19.33 16.18 10.13
CA PHE D 120 -19.51 17.61 10.35
C PHE D 120 -18.52 18.16 11.37
N ASP D 121 -17.31 17.61 11.38
CA ASP D 121 -16.34 17.83 12.44
C ASP D 121 -15.38 18.96 12.07
N SER D 122 -14.92 19.68 13.08
CA SER D 122 -13.73 20.50 12.99
C SER D 122 -12.61 19.88 13.82
N GLN D 123 -11.38 20.14 13.41
CA GLN D 123 -10.22 19.63 14.13
C GLN D 123 -9.20 20.73 14.35
N THR D 124 -8.38 20.54 15.38
CA THR D 124 -7.14 21.28 15.59
C THR D 124 -5.99 20.28 15.48
N LEU D 125 -5.29 20.32 14.35
CA LEU D 125 -4.03 19.59 14.23
C LEU D 125 -2.95 20.29 15.04
N HIS D 126 -2.18 19.51 15.79
CA HIS D 126 -1.12 20.06 16.63
C HIS D 126 0.25 19.71 16.07
N ILE D 127 1.18 20.66 16.21
CA ILE D 127 2.60 20.46 15.98
C ILE D 127 3.31 20.97 17.22
N TYR D 128 3.88 20.06 18.00
CA TYR D 128 4.53 20.42 19.26
C TYR D 128 6.03 20.51 19.05
N LEU D 129 6.57 21.71 19.27
CA LEU D 129 8.01 21.91 19.29
C LEU D 129 8.52 21.75 20.71
N ILE D 130 9.76 21.27 20.85
CA ILE D 130 10.34 21.06 22.17
C ILE D 130 11.84 21.23 22.09
N VAL D 131 12.42 21.70 23.18
CA VAL D 131 13.86 21.81 23.33
C VAL D 131 14.22 21.37 24.74
N ARG D 132 15.33 20.65 24.86
CA ARG D 132 15.82 20.13 26.12
C ARG D 132 16.99 20.99 26.59
N SER D 133 16.98 21.37 27.86
CA SER D 133 18.03 22.22 28.40
C SER D 133 19.33 21.43 28.55
N VAL D 134 20.45 22.11 28.30
CA VAL D 134 21.78 21.53 28.51
C VAL D 134 22.22 21.84 29.93
N ASP D 135 23.37 21.29 30.34
CA ASP D 135 23.82 21.52 31.71
C ASP D 135 24.37 22.93 31.90
N THR D 136 24.89 23.54 30.84
CA THR D 136 25.46 24.88 30.98
C THR D 136 24.39 25.97 31.05
N ARG D 137 23.25 25.77 30.40
CA ARG D 137 22.21 26.78 30.39
C ARG D 137 20.84 26.15 30.17
N ASN D 138 19.83 26.72 30.81
CA ASN D 138 18.45 26.36 30.53
C ASN D 138 17.98 27.09 29.28
N ILE D 139 17.24 26.37 28.43
CA ILE D 139 16.76 26.91 27.16
C ILE D 139 15.23 26.88 27.14
N VAL D 140 14.64 27.97 26.66
CA VAL D 140 13.19 28.18 26.71
C VAL D 140 12.73 28.62 25.32
N LEU D 141 11.58 28.12 24.90
CA LEU D 141 11.01 28.44 23.60
C LEU D 141 10.06 29.63 23.67
N ALA D 142 9.98 30.35 22.57
CA ALA D 142 9.03 31.46 22.42
C ALA D 142 8.59 31.51 20.97
N VAL D 143 7.60 32.37 20.69
CA VAL D 143 6.93 32.41 19.40
C VAL D 143 7.08 33.80 18.81
N ASP D 144 7.72 33.89 17.64
CA ASP D 144 7.83 35.13 16.89
C ASP D 144 6.66 35.21 15.92
N LEU D 145 5.65 36.01 16.26
CA LEU D 145 4.43 36.05 15.46
C LEU D 145 4.70 36.47 14.03
N GLU D 146 5.69 37.33 13.80
CA GLU D 146 6.08 37.71 12.45
C GLU D 146 6.46 36.50 11.60
N LYS D 147 6.88 35.41 12.21
CA LYS D 147 7.43 34.26 11.49
C LYS D 147 6.45 33.09 11.41
N VAL D 148 5.18 33.32 11.71
CA VAL D 148 4.14 32.30 11.64
C VAL D 148 3.16 32.64 10.54
N GLY D 149 2.74 31.63 9.78
CA GLY D 149 1.80 31.85 8.70
C GLY D 149 1.77 30.63 7.79
N LYS D 150 1.09 30.82 6.65
CA LYS D 150 0.99 29.75 5.67
C LYS D 150 0.77 30.34 4.28
N ASN D 151 1.35 29.68 3.28
CA ASN D 151 1.16 30.11 1.89
C ASN D 151 -0.32 30.07 1.51
N ASP D 152 -0.70 30.96 0.59
CA ASP D 152 -2.09 31.04 0.16
C ASP D 152 -2.51 29.80 -0.62
N ASP D 153 -1.59 29.18 -1.34
CA ASP D 153 -1.88 27.98 -2.11
C ASP D 153 -1.78 26.72 -1.27
N VAL D 154 -2.03 26.84 0.03
CA VAL D 154 -2.09 25.68 0.93
C VAL D 154 -3.52 25.15 0.93
N PHE D 155 -3.65 23.86 0.63
CA PHE D 155 -4.95 23.22 0.48
C PHE D 155 -4.92 21.82 1.08
N LEU D 156 -6.01 21.43 1.73
CA LEU D 156 -6.29 20.03 2.05
C LEU D 156 -7.50 19.62 1.21
N THR D 157 -7.27 18.78 0.21
CA THR D 157 -8.26 18.47 -0.81
C THR D 157 -9.62 18.01 -0.27
N GLY D 158 -9.90 18.25 1.01
CA GLY D 158 -11.19 17.88 1.54
C GLY D 158 -11.64 18.76 2.70
N TRP D 159 -10.90 19.84 2.95
CA TRP D 159 -11.08 20.60 4.17
C TRP D 159 -11.07 22.09 3.85
N ASP D 160 -11.66 22.86 4.76
CA ASP D 160 -11.48 24.30 4.82
C ASP D 160 -10.45 24.60 5.90
N ILE D 161 -9.43 25.38 5.55
CA ILE D 161 -8.40 25.77 6.50
C ILE D 161 -8.80 27.10 7.14
N GLU D 162 -8.99 27.07 8.45
CA GLU D 162 -9.46 28.26 9.16
C GLU D 162 -8.30 29.21 9.49
N SER D 163 -7.31 28.70 10.21
CA SER D 163 -6.26 29.56 10.75
C SER D 163 -5.07 28.69 11.15
N PHE D 164 -3.89 29.31 11.18
CA PHE D 164 -2.68 28.69 11.69
C PHE D 164 -2.07 29.66 12.70
N THR D 165 -2.12 29.30 13.98
CA THR D 165 -1.67 30.16 15.06
C THR D 165 -0.81 29.35 16.03
N ALA D 166 -0.20 30.06 16.98
CA ALA D 166 0.64 29.46 18.00
C ALA D 166 0.20 29.94 19.37
N VAL D 167 0.25 29.02 20.34
CA VAL D 167 0.01 29.36 21.74
C VAL D 167 1.29 29.96 22.31
N VAL D 168 1.22 31.23 22.72
CA VAL D 168 2.44 31.98 23.03
C VAL D 168 3.08 31.45 24.30
N LYS D 169 2.29 31.20 25.34
CA LYS D 169 2.86 30.72 26.59
C LYS D 169 3.22 29.25 26.41
N PRO D 170 4.48 28.87 26.56
CA PRO D 170 4.86 27.47 26.36
C PRO D 170 4.63 26.64 27.61
N ALA D 171 4.68 25.33 27.42
CA ALA D 171 4.63 24.34 28.50
C ALA D 171 6.06 23.96 28.86
N ASN D 172 6.49 24.35 30.05
CA ASN D 172 7.79 23.97 30.57
C ASN D 172 7.60 22.92 31.65
N PHE D 173 8.41 21.86 31.61
CA PHE D 173 8.20 20.76 32.55
C PHE D 173 9.49 19.98 32.69
N ALA D 174 9.52 19.11 33.70
CA ALA D 174 10.66 18.25 33.95
C ALA D 174 10.49 16.92 33.22
N LEU D 175 11.57 16.47 32.58
CA LEU D 175 11.61 15.18 31.91
C LEU D 175 12.99 14.58 32.10
N GLU D 176 13.02 13.40 32.72
CA GLU D 176 14.26 12.68 33.01
C GLU D 176 15.34 13.63 33.53
N ASP D 177 14.98 14.41 34.55
CA ASP D 177 15.93 15.21 35.30
C ASP D 177 16.47 16.40 34.50
N ARG D 178 15.79 16.81 33.43
CA ARG D 178 16.16 18.02 32.71
C ARG D 178 14.91 18.79 32.35
N LEU D 179 15.06 20.11 32.19
CA LEU D 179 13.92 20.93 31.80
C LEU D 179 13.69 20.85 30.30
N GLU D 180 12.44 20.61 29.92
CA GLU D 180 11.98 20.64 28.54
C GLU D 180 10.99 21.77 28.33
N SER D 181 11.03 22.37 27.14
CA SER D 181 10.20 23.50 26.79
C SER D 181 9.46 23.19 25.49
N LYS D 182 8.12 23.28 25.52
CA LYS D 182 7.27 22.77 24.45
C LYS D 182 6.30 23.86 24.01
N LEU D 183 6.27 24.13 22.71
CA LEU D 183 5.30 25.04 22.10
C LEU D 183 4.28 24.25 21.31
N ASP D 184 3.07 24.82 21.23
CA ASP D 184 1.91 24.19 20.59
C ASP D 184 1.49 25.02 19.40
N TYR D 185 1.84 24.58 18.19
CA TYR D 185 1.30 25.16 16.96
C TYR D 185 0.01 24.46 16.58
N GLN D 186 -1.01 25.25 16.22
CA GLN D 186 -2.36 24.73 16.03
C GLN D 186 -2.87 25.12 14.66
N LEU D 187 -3.17 24.12 13.83
CA LEU D 187 -3.78 24.31 12.52
C LEU D 187 -5.26 23.91 12.62
N ARG D 188 -6.14 24.90 12.59
CA ARG D 188 -7.58 24.64 12.69
C ARG D 188 -8.17 24.41 11.31
N ILE D 189 -8.96 23.34 11.17
CA ILE D 189 -9.58 22.96 9.91
C ILE D 189 -11.00 22.49 10.17
N SER D 190 -11.85 22.57 9.14
CA SER D 190 -13.19 22.03 9.24
C SER D 190 -13.55 21.26 7.97
N ARG D 191 -14.15 20.10 8.15
CA ARG D 191 -14.36 19.17 7.05
C ARG D 191 -15.47 19.66 6.13
N GLN D 192 -15.31 19.37 4.83
CA GLN D 192 -16.36 19.64 3.84
C GLN D 192 -17.23 18.39 3.70
N TYR D 193 -18.41 18.43 4.31
CA TYR D 193 -19.24 17.23 4.43
C TYR D 193 -19.99 16.88 3.16
N GLY D 194 -20.13 17.82 2.22
CA GLY D 194 -20.99 17.59 1.07
C GLY D 194 -20.69 16.30 0.33
N TYR D 195 -19.41 15.96 0.16
CA TYR D 195 -19.04 14.71 -0.48
C TYR D 195 -19.82 13.54 0.10
N PHE D 196 -19.82 13.41 1.42
CA PHE D 196 -20.46 12.28 2.06
C PHE D 196 -21.96 12.28 1.83
N VAL D 197 -22.55 13.47 1.66
CA VAL D 197 -23.98 13.55 1.35
C VAL D 197 -24.30 12.67 0.16
N ILE D 198 -23.44 12.67 -0.86
CA ILE D 198 -23.70 11.87 -2.05
C ILE D 198 -22.96 10.54 -2.03
N GLN D 199 -22.20 10.27 -0.97
CA GLN D 199 -21.51 8.99 -0.82
C GLN D 199 -22.26 8.00 0.06
N THR D 200 -22.98 8.49 1.08
CA THR D 200 -23.59 7.64 2.09
C THR D 200 -25.03 8.07 2.38
N TYR D 201 -25.23 9.37 2.58
CA TYR D 201 -26.54 9.86 3.01
C TYR D 201 -27.59 9.63 1.95
N LEU D 202 -27.27 9.88 0.67
CA LEU D 202 -28.25 9.64 -0.38
C LEU D 202 -28.56 8.15 -0.54
N PRO D 203 -27.58 7.26 -0.64
CA PRO D 203 -27.91 5.83 -0.66
C PRO D 203 -28.79 5.41 0.50
N CYS D 204 -28.58 5.98 1.69
CA CYS D 204 -29.39 5.63 2.85
C CYS D 204 -30.83 6.12 2.67
N ILE D 205 -31.00 7.39 2.31
CA ILE D 205 -32.34 7.95 2.17
C ILE D 205 -33.11 7.21 1.10
N MET D 206 -32.46 6.95 -0.04
CA MET D 206 -33.12 6.23 -1.12
C MET D 206 -33.45 4.80 -0.71
N THR D 207 -32.57 4.18 0.09
CA THR D 207 -32.86 2.83 0.57
C THR D 207 -34.07 2.84 1.50
N VAL D 208 -34.22 3.89 2.31
CA VAL D 208 -35.39 4.00 3.17
C VAL D 208 -36.66 4.17 2.34
N ILE D 209 -36.63 5.08 1.36
CA ILE D 209 -37.80 5.27 0.49
C ILE D 209 -38.16 3.96 -0.19
N LEU D 210 -37.17 3.29 -0.78
CA LEU D 210 -37.40 1.98 -1.39
C LEU D 210 -38.05 1.02 -0.40
N SER D 211 -37.56 0.99 0.85
CA SER D 211 -38.20 0.15 1.85
C SER D 211 -39.65 0.54 2.07
N GLN D 212 -39.97 1.83 1.93
CA GLN D 212 -41.35 2.27 2.14
C GLN D 212 -42.25 1.93 0.96
N VAL D 213 -41.67 1.80 -0.24
CA VAL D 213 -42.48 1.42 -1.40
C VAL D 213 -43.24 0.13 -1.16
N SER D 214 -42.72 -0.73 -0.29
CA SER D 214 -43.36 -2.04 -0.09
C SER D 214 -44.79 -1.91 0.43
N PHE D 215 -45.08 -0.83 1.16
CA PHE D 215 -46.41 -0.68 1.74
C PHE D 215 -47.49 -0.48 0.70
N TRP D 216 -47.12 -0.12 -0.53
CA TRP D 216 -48.08 0.12 -1.59
C TRP D 216 -48.28 -1.08 -2.53
N LEU D 217 -47.51 -2.14 -2.36
CA LEU D 217 -47.72 -3.34 -3.16
C LEU D 217 -48.86 -4.15 -2.56
N ASN D 218 -49.60 -4.82 -3.45
CA ASN D 218 -50.70 -5.68 -3.01
C ASN D 218 -50.22 -6.67 -1.96
N ARG D 219 -51.00 -6.78 -0.88
CA ARG D 219 -50.61 -7.64 0.22
C ARG D 219 -50.52 -9.11 -0.18
N GLU D 220 -51.21 -9.50 -1.26
CA GLU D 220 -51.21 -10.90 -1.66
C GLU D 220 -49.91 -11.29 -2.37
N SER D 221 -49.23 -10.33 -2.98
CA SER D 221 -47.95 -10.59 -3.65
C SER D 221 -46.84 -10.54 -2.59
N VAL D 222 -46.76 -11.60 -1.81
CA VAL D 222 -45.88 -11.69 -0.65
C VAL D 222 -44.41 -11.68 -1.09
N PRO D 223 -44.04 -12.44 -2.12
CA PRO D 223 -42.62 -12.45 -2.54
C PRO D 223 -42.08 -11.08 -2.92
N ALA D 224 -42.84 -10.28 -3.67
CA ALA D 224 -42.37 -8.95 -4.04
C ALA D 224 -41.98 -8.14 -2.80
N ARG D 225 -42.93 -7.99 -1.88
CA ARG D 225 -42.64 -7.24 -0.66
C ARG D 225 -41.48 -7.85 0.12
N THR D 226 -41.35 -9.18 0.08
CA THR D 226 -40.21 -9.81 0.72
C THR D 226 -38.90 -9.35 0.10
N VAL D 227 -38.83 -9.33 -1.23
CA VAL D 227 -37.65 -8.85 -1.92
C VAL D 227 -37.34 -7.41 -1.52
N PHE D 228 -38.36 -6.55 -1.54
CA PHE D 228 -38.15 -5.16 -1.15
C PHE D 228 -37.54 -5.08 0.25
N VAL D 229 -38.26 -5.59 1.25
CA VAL D 229 -37.85 -5.41 2.64
C VAL D 229 -36.46 -6.01 2.87
N VAL D 230 -36.27 -7.25 2.42
CA VAL D 230 -35.02 -7.96 2.73
C VAL D 230 -33.84 -7.29 2.02
N THR D 231 -33.98 -7.01 0.73
CA THR D 231 -32.88 -6.40 0.00
C THR D 231 -32.56 -5.03 0.57
N THR D 232 -33.58 -4.28 0.99
CA THR D 232 -33.32 -2.97 1.57
C THR D 232 -32.60 -3.09 2.91
N VAL D 233 -32.94 -4.13 3.70
CA VAL D 233 -32.24 -4.35 4.96
C VAL D 233 -30.77 -4.67 4.71
N LEU D 234 -30.51 -5.58 3.77
CA LEU D 234 -29.11 -5.96 3.49
C LEU D 234 -28.35 -4.78 2.91
N THR D 235 -29.02 -3.97 2.09
CA THR D 235 -28.39 -2.77 1.55
C THR D 235 -28.01 -1.82 2.68
N MET D 236 -28.93 -1.59 3.63
CA MET D 236 -28.61 -0.75 4.77
C MET D 236 -27.40 -1.27 5.52
N THR D 237 -27.38 -2.58 5.81
CA THR D 237 -26.24 -3.16 6.53
C THR D 237 -24.94 -2.92 5.75
N THR D 238 -24.97 -3.15 4.44
CA THR D 238 -23.78 -2.98 3.62
C THR D 238 -23.30 -1.53 3.65
N LEU D 239 -24.22 -0.58 3.52
CA LEU D 239 -23.83 0.82 3.54
C LEU D 239 -23.23 1.20 4.89
N SER D 240 -23.83 0.71 5.97
CA SER D 240 -23.29 0.95 7.31
C SER D 240 -21.84 0.47 7.41
N ILE D 241 -21.62 -0.82 7.11
CA ILE D 241 -20.26 -1.37 7.23
C ILE D 241 -19.29 -0.62 6.34
N SER D 242 -19.65 -0.47 5.05
CA SER D 242 -18.83 0.29 4.12
C SER D 242 -18.44 1.64 4.71
N ALA D 243 -19.43 2.38 5.22
CA ALA D 243 -19.16 3.72 5.73
C ALA D 243 -18.19 3.68 6.89
N ARG D 244 -18.44 2.80 7.87
CA ARG D 244 -17.51 2.75 8.99
C ARG D 244 -16.14 2.22 8.59
N ASN D 245 -16.00 1.62 7.41
CA ASN D 245 -14.68 1.16 6.96
C ASN D 245 -13.74 2.30 6.63
N SER D 246 -14.24 3.54 6.49
CA SER D 246 -13.38 4.67 6.18
C SER D 246 -12.64 5.23 7.40
N LEU D 247 -13.10 4.92 8.60
CA LEU D 247 -12.58 5.57 9.80
C LEU D 247 -11.65 4.65 10.56
N PRO D 248 -10.84 5.20 11.46
CA PRO D 248 -10.09 4.36 12.40
C PRO D 248 -11.05 3.70 13.40
N LYS D 249 -10.51 2.75 14.15
CA LYS D 249 -11.30 1.97 15.09
C LYS D 249 -11.59 2.81 16.34
N VAL D 250 -12.37 3.87 16.15
CA VAL D 250 -12.73 4.75 17.24
C VAL D 250 -13.77 4.05 18.12
N ALA D 251 -13.75 4.36 19.42
CA ALA D 251 -14.68 3.71 20.33
C ALA D 251 -16.08 4.29 20.19
N TYR D 252 -16.20 5.60 19.98
CA TYR D 252 -17.48 6.29 20.08
C TYR D 252 -18.27 6.12 18.79
N ALA D 253 -19.37 6.86 18.68
CA ALA D 253 -20.23 6.85 17.50
C ALA D 253 -20.26 8.24 16.86
N THR D 254 -20.21 8.28 15.53
CA THR D 254 -20.25 9.54 14.81
C THR D 254 -21.68 9.94 14.48
N ALA D 255 -21.86 11.20 14.06
CA ALA D 255 -23.17 11.65 13.61
C ALA D 255 -23.67 10.81 12.43
N MET D 256 -22.76 10.47 11.51
CA MET D 256 -23.13 9.56 10.44
C MET D 256 -23.56 8.21 11.00
N ASP D 257 -22.89 7.74 12.04
CA ASP D 257 -23.29 6.50 12.69
C ASP D 257 -24.75 6.60 13.14
N TRP D 258 -25.12 7.72 13.76
CA TRP D 258 -26.50 7.88 14.22
C TRP D 258 -27.47 7.89 13.05
N PHE D 259 -27.15 8.66 12.00
CA PHE D 259 -28.05 8.71 10.84
C PHE D 259 -28.26 7.32 10.25
N ILE D 260 -27.17 6.56 10.09
CA ILE D 260 -27.29 5.23 9.50
C ILE D 260 -28.07 4.31 10.44
N ALA D 261 -27.86 4.45 11.74
CA ALA D 261 -28.55 3.59 12.70
C ALA D 261 -30.04 3.86 12.69
N VAL D 262 -30.44 5.13 12.58
CA VAL D 262 -31.85 5.47 12.51
C VAL D 262 -32.46 4.98 11.21
N CYS D 263 -31.74 5.11 10.09
CA CYS D 263 -32.21 4.54 8.84
C CYS D 263 -32.41 3.04 8.97
N TYR D 264 -31.47 2.35 9.63
CA TYR D 264 -31.62 0.92 9.86
C TYR D 264 -32.84 0.63 10.72
N ALA D 265 -33.11 1.49 11.71
CA ALA D 265 -34.31 1.35 12.52
C ALA D 265 -35.56 1.42 11.65
N PHE D 266 -35.64 2.42 10.78
CA PHE D 266 -36.81 2.57 9.93
C PHE D 266 -36.98 1.38 8.99
N VAL D 267 -35.87 0.89 8.42
CA VAL D 267 -35.97 -0.19 7.45
C VAL D 267 -36.37 -1.50 8.13
N PHE D 268 -35.70 -1.82 9.24
CA PHE D 268 -36.06 -3.02 9.99
C PHE D 268 -37.49 -2.92 10.51
N SER D 269 -37.93 -1.72 10.87
CA SER D 269 -39.33 -1.53 11.25
C SER D 269 -40.25 -1.80 10.08
N ALA D 270 -39.81 -1.43 8.87
CA ALA D 270 -40.58 -1.79 7.67
C ALA D 270 -40.66 -3.30 7.50
N LEU D 271 -39.58 -4.00 7.83
CA LEU D 271 -39.60 -5.47 7.80
C LEU D 271 -40.62 -6.01 8.80
N ILE D 272 -40.60 -5.49 10.03
CA ILE D 272 -41.54 -5.97 11.04
C ILE D 272 -42.98 -5.67 10.62
N GLU D 273 -43.19 -4.51 9.99
CA GLU D 273 -44.52 -4.18 9.49
C GLU D 273 -44.96 -5.18 8.41
N PHE D 274 -44.09 -5.46 7.44
CA PHE D 274 -44.42 -6.44 6.41
C PHE D 274 -44.75 -7.80 7.03
N ALA D 275 -43.98 -8.20 8.04
CA ALA D 275 -44.23 -9.50 8.68
C ALA D 275 -45.55 -9.51 9.43
N THR D 276 -45.88 -8.42 10.12
CA THR D 276 -47.15 -8.35 10.83
C THR D 276 -48.32 -8.38 9.85
N VAL D 277 -48.29 -7.51 8.83
CA VAL D 277 -49.34 -7.51 7.81
C VAL D 277 -49.52 -8.90 7.21
N ASN D 278 -48.41 -9.52 6.81
CA ASN D 278 -48.51 -10.89 6.29
C ASN D 278 -49.09 -11.85 7.31
N TYR D 279 -48.81 -11.62 8.61
CA TYR D 279 -49.32 -12.50 9.65
C TYR D 279 -50.82 -12.37 9.83
N PHE D 280 -51.39 -11.19 9.53
CA PHE D 280 -52.80 -10.92 9.73
C PHE D 280 -53.58 -10.86 8.42
N THR D 281 -53.00 -11.36 7.33
CA THR D 281 -53.62 -11.15 6.02
C THR D 281 -54.83 -12.05 5.81
N LYS D 282 -54.72 -13.32 6.18
CA LYS D 282 -55.86 -14.23 6.05
C LYS D 282 -56.93 -13.91 7.08
N SER D 283 -56.61 -14.08 8.37
CA SER D 283 -57.51 -13.72 9.45
C SER D 283 -57.35 -12.24 9.79
N GLN D 284 -58.47 -11.51 9.76
CA GLN D 284 -58.47 -10.09 10.09
C GLN D 284 -57.79 -9.25 9.02
N PRO D 285 -58.23 -9.32 7.76
CA PRO D 285 -57.66 -8.45 6.72
C PRO D 285 -57.91 -6.98 6.99
N ALA D 286 -58.93 -6.63 7.77
CA ALA D 286 -59.15 -5.24 8.14
C ALA D 286 -57.99 -4.71 8.97
N ARG D 287 -57.45 -5.52 9.88
CA ARG D 287 -56.32 -5.08 10.69
C ARG D 287 -55.10 -4.79 9.82
N ALA D 288 -54.72 -5.76 8.98
CA ALA D 288 -53.61 -5.55 8.05
C ALA D 288 -53.82 -4.29 7.21
N ALA D 289 -55.01 -4.14 6.62
CA ALA D 289 -55.28 -2.95 5.82
C ALA D 289 -55.10 -1.67 6.63
N LYS D 290 -55.56 -1.66 7.87
CA LYS D 290 -55.38 -0.49 8.71
C LYS D 290 -53.90 -0.23 8.97
N ILE D 291 -53.13 -1.30 9.18
CA ILE D 291 -51.69 -1.18 9.40
C ILE D 291 -51.03 -0.50 8.21
N ASP D 292 -51.30 -0.98 7.00
CA ASP D 292 -50.70 -0.34 5.83
C ASP D 292 -51.18 1.10 5.68
N ARG D 293 -52.48 1.35 5.90
CA ARG D 293 -53.03 2.68 5.75
C ARG D 293 -52.32 3.66 6.67
N LEU D 294 -52.14 3.29 7.94
CA LEU D 294 -51.48 4.18 8.88
C LEU D 294 -50.00 4.31 8.57
N SER D 295 -49.33 3.19 8.32
CA SER D 295 -47.89 3.22 8.04
C SER D 295 -47.56 4.18 6.88
N ARG D 296 -48.35 4.12 5.81
CA ARG D 296 -48.07 4.96 4.64
C ARG D 296 -48.04 6.45 4.98
N ILE D 297 -48.69 6.86 6.06
CA ILE D 297 -48.67 8.26 6.50
C ILE D 297 -47.63 8.49 7.59
N ALA D 298 -47.53 7.56 8.54
CA ALA D 298 -46.66 7.74 9.68
C ALA D 298 -45.19 7.70 9.27
N PHE D 299 -44.79 6.65 8.55
CA PHE D 299 -43.37 6.45 8.24
C PHE D 299 -42.75 7.68 7.58
N PRO D 300 -43.25 8.12 6.42
CA PRO D 300 -42.64 9.29 5.77
C PRO D 300 -42.72 10.56 6.60
N LEU D 301 -43.68 10.67 7.51
CA LEU D 301 -43.76 11.83 8.38
C LEU D 301 -42.66 11.79 9.45
N LEU D 302 -42.55 10.67 10.17
CA LEU D 302 -41.49 10.53 11.15
C LEU D 302 -40.12 10.69 10.48
N PHE D 303 -39.99 10.21 9.24
CA PHE D 303 -38.72 10.34 8.54
C PHE D 303 -38.43 11.79 8.17
N GLY D 304 -39.46 12.50 7.69
CA GLY D 304 -39.26 13.92 7.39
C GLY D 304 -38.89 14.73 8.61
N ILE D 305 -39.61 14.52 9.72
CA ILE D 305 -39.28 15.21 10.96
C ILE D 305 -37.87 14.87 11.41
N PHE D 306 -37.52 13.57 11.36
CA PHE D 306 -36.18 13.16 11.74
C PHE D 306 -35.13 13.90 10.93
N ASN D 307 -35.25 13.87 9.60
CA ASN D 307 -34.30 14.60 8.76
C ASN D 307 -34.26 16.07 9.14
N LEU D 308 -35.40 16.66 9.49
CA LEU D 308 -35.42 18.07 9.88
C LEU D 308 -34.58 18.31 11.13
N VAL D 309 -34.80 17.51 12.17
CA VAL D 309 -34.03 17.68 13.41
C VAL D 309 -32.55 17.44 13.15
N TYR D 310 -32.22 16.41 12.37
CA TYR D 310 -30.83 16.04 12.14
C TYR D 310 -30.09 17.13 11.38
N TRP D 311 -30.58 17.46 10.18
CA TRP D 311 -29.89 18.46 9.36
C TRP D 311 -29.95 19.84 9.99
N ALA D 312 -31.02 20.15 10.72
CA ALA D 312 -31.05 21.40 11.48
C ALA D 312 -29.97 21.42 12.54
N THR D 313 -29.74 20.28 13.20
CA THR D 313 -28.77 20.25 14.30
C THR D 313 -27.35 20.33 13.78
N TYR D 314 -26.98 19.43 12.87
CA TYR D 314 -25.60 19.28 12.43
C TYR D 314 -25.24 20.23 11.30
N LEU D 315 -26.11 21.18 10.95
CA LEU D 315 -25.76 22.25 10.02
C LEU D 315 -25.82 23.61 10.69
N MET E 3 32.06 29.35 -0.99
CA MET E 3 32.29 30.68 -1.52
C MET E 3 31.19 31.64 -1.06
N VAL E 4 31.09 32.78 -1.74
CA VAL E 4 30.06 33.78 -1.46
C VAL E 4 29.41 34.20 -2.77
N SER E 5 28.28 34.88 -2.65
CA SER E 5 27.47 35.22 -3.81
C SER E 5 28.19 36.24 -4.68
N PRO E 6 27.92 36.25 -5.99
CA PRO E 6 28.60 37.18 -6.90
C PRO E 6 28.23 38.61 -6.57
N PRO E 7 29.22 39.47 -6.32
CA PRO E 7 28.90 40.86 -6.00
C PRO E 7 28.39 41.60 -7.22
N PRO E 8 27.54 42.61 -7.03
CA PRO E 8 26.92 43.30 -8.17
C PRO E 8 27.90 44.25 -8.81
N PRO E 9 27.94 44.30 -10.14
CA PRO E 9 28.76 45.32 -10.82
C PRO E 9 28.13 46.70 -10.67
N ILE E 10 26.81 46.78 -10.89
CA ILE E 10 26.09 48.03 -10.73
C ILE E 10 25.88 48.39 -9.27
N ALA E 11 26.42 47.59 -8.35
CA ALA E 11 26.31 47.83 -6.92
C ALA E 11 24.88 47.67 -6.42
N ASP E 12 23.90 47.80 -7.32
CA ASP E 12 22.49 47.70 -6.95
C ASP E 12 21.71 46.85 -7.95
N GLU E 13 22.40 45.92 -8.63
CA GLU E 13 21.75 45.16 -9.68
C GLU E 13 21.38 43.77 -9.19
N PRO E 14 20.16 43.30 -9.45
CA PRO E 14 19.80 41.93 -9.05
C PRO E 14 20.48 40.90 -9.92
N LEU E 15 20.91 39.81 -9.30
CA LEU E 15 21.45 38.66 -10.02
C LEU E 15 20.30 37.81 -10.53
N THR E 16 20.20 37.67 -11.85
CA THR E 16 19.21 36.78 -12.45
C THR E 16 19.85 35.44 -12.80
N VAL E 17 19.10 34.37 -12.54
CA VAL E 17 19.51 33.01 -12.88
C VAL E 17 18.59 32.50 -13.98
N ASN E 18 19.18 32.17 -15.13
CA ASN E 18 18.40 31.67 -16.27
C ASN E 18 18.15 30.18 -16.06
N THR E 19 16.89 29.80 -15.98
CA THR E 19 16.47 28.45 -15.62
C THR E 19 15.86 27.74 -16.82
N GLY E 20 15.99 26.41 -16.81
CA GLY E 20 15.30 25.58 -17.77
C GLY E 20 15.11 24.17 -17.25
N ILE E 21 13.98 23.55 -17.58
CA ILE E 21 13.68 22.17 -17.21
C ILE E 21 13.40 21.38 -18.47
N TYR E 22 13.99 20.20 -18.58
CA TYR E 22 13.76 19.31 -19.72
C TYR E 22 13.26 17.97 -19.19
N LEU E 23 11.98 17.67 -19.45
CA LEU E 23 11.38 16.47 -18.90
C LEU E 23 11.95 15.22 -19.56
N ILE E 24 12.45 14.30 -18.75
CA ILE E 24 12.94 13.02 -19.24
C ILE E 24 11.92 11.91 -19.01
N GLU E 25 11.32 11.87 -17.82
CA GLU E 25 10.40 10.81 -17.44
C GLU E 25 9.26 11.40 -16.63
N CYS E 26 8.04 10.96 -16.91
CA CYS E 26 6.86 11.43 -16.21
C CYS E 26 5.98 10.22 -15.91
N TYR E 27 5.69 9.98 -14.64
CA TYR E 27 5.00 8.76 -14.24
C TYR E 27 4.25 9.00 -12.94
N SER E 28 3.40 8.03 -12.58
CA SER E 28 2.73 7.99 -11.29
C SER E 28 1.86 9.22 -11.07
N LEU E 29 1.03 9.55 -12.06
CA LEU E 29 0.03 10.59 -11.90
C LEU E 29 -1.12 10.03 -11.06
N ASP E 30 -1.20 10.44 -9.80
CA ASP E 30 -2.16 9.89 -8.85
C ASP E 30 -3.33 10.85 -8.72
N ASP E 31 -4.49 10.45 -9.26
CA ASP E 31 -5.66 11.31 -9.21
C ASP E 31 -6.13 11.52 -7.77
N LYS E 32 -6.05 10.47 -6.94
CA LYS E 32 -6.56 10.57 -5.58
C LYS E 32 -5.64 11.42 -4.71
N ALA E 33 -4.33 11.26 -4.88
CA ALA E 33 -3.35 12.04 -4.14
C ALA E 33 -3.08 13.40 -4.78
N GLU E 34 -3.53 13.61 -6.01
CA GLU E 34 -3.23 14.83 -6.76
C GLU E 34 -1.74 15.12 -6.76
N THR E 35 -0.96 14.08 -7.05
CA THR E 35 0.48 14.16 -7.16
C THR E 35 0.93 13.41 -8.40
N PHE E 36 2.11 13.75 -8.89
CA PHE E 36 2.75 12.98 -9.95
C PHE E 36 4.26 13.06 -9.76
N LYS E 37 4.97 12.10 -10.33
CA LYS E 37 6.42 12.03 -10.20
C LYS E 37 7.06 12.42 -11.52
N VAL E 38 8.15 13.18 -11.43
CA VAL E 38 8.83 13.72 -12.60
C VAL E 38 10.33 13.51 -12.46
N ASN E 39 10.99 13.20 -13.57
CA ASN E 39 12.44 13.04 -13.63
C ASN E 39 12.94 13.81 -14.84
N ALA E 40 13.78 14.83 -14.61
CA ALA E 40 14.09 15.79 -15.65
C ALA E 40 15.47 16.39 -15.41
N PHE E 41 15.92 17.13 -16.42
CA PHE E 41 17.08 18.02 -16.29
C PHE E 41 16.65 19.37 -15.73
N LEU E 42 17.43 19.88 -14.78
CA LEU E 42 17.39 21.27 -14.35
C LEU E 42 18.70 21.94 -14.74
N SER E 43 18.59 23.02 -15.51
CA SER E 43 19.74 23.80 -15.97
C SER E 43 19.62 25.23 -15.46
N LEU E 44 20.70 25.73 -14.87
CA LEU E 44 20.79 27.09 -14.37
C LEU E 44 22.01 27.77 -14.98
N SER E 45 21.91 29.08 -15.21
CA SER E 45 22.99 29.79 -15.89
C SER E 45 23.06 31.22 -15.37
N TRP E 46 24.26 31.64 -14.95
CA TRP E 46 24.41 32.98 -14.39
C TRP E 46 25.84 33.45 -14.63
N LYS E 47 26.11 34.71 -14.29
CA LYS E 47 27.42 35.31 -14.52
C LYS E 47 28.12 35.56 -13.19
N ASP E 48 29.30 34.98 -13.00
CA ASP E 48 30.13 35.28 -11.83
C ASP E 48 31.55 35.66 -12.27
N ARG E 49 31.80 36.95 -12.46
CA ARG E 49 33.10 37.36 -13.00
C ARG E 49 34.27 36.89 -12.15
N ARG E 50 34.07 36.65 -10.85
CA ARG E 50 35.17 36.15 -10.04
C ARG E 50 35.78 34.90 -10.65
N LEU E 51 35.01 34.14 -11.42
CA LEU E 51 35.48 32.91 -12.02
C LEU E 51 35.98 33.13 -13.44
N ALA E 52 35.84 34.35 -13.96
CA ALA E 52 36.33 34.69 -15.28
C ALA E 52 37.84 34.47 -15.38
N PHE E 53 38.32 34.40 -16.61
CA PHE E 53 39.72 34.12 -16.87
C PHE E 53 40.05 34.52 -18.30
N ASP E 54 41.34 34.70 -18.57
CA ASP E 54 41.79 35.03 -19.92
C ASP E 54 41.74 33.78 -20.79
N PRO E 55 41.00 33.80 -21.90
CA PRO E 55 40.96 32.60 -22.75
C PRO E 55 42.27 32.32 -23.46
N VAL E 56 43.17 33.28 -23.53
CA VAL E 56 44.44 33.13 -24.24
C VAL E 56 45.58 32.83 -23.28
N ARG E 57 45.67 33.61 -22.19
CA ARG E 57 46.63 33.30 -21.14
C ARG E 57 46.38 31.91 -20.55
N SER E 58 45.13 31.61 -20.22
CA SER E 58 44.72 30.26 -19.85
C SER E 58 44.45 29.43 -21.11
N GLY E 59 45.16 28.32 -21.26
CA GLY E 59 45.05 27.53 -22.47
C GLY E 59 43.82 26.64 -22.47
N VAL E 60 42.90 26.88 -21.55
CA VAL E 60 41.66 26.11 -21.45
C VAL E 60 40.54 26.94 -22.06
N ARG E 61 39.62 26.26 -22.74
CA ARG E 61 38.51 26.93 -23.41
C ARG E 61 37.30 27.13 -22.52
N VAL E 62 37.14 26.32 -21.48
CA VAL E 62 35.98 26.42 -20.59
C VAL E 62 36.42 26.26 -19.14
N LYS E 63 36.98 25.09 -18.81
CA LYS E 63 37.29 24.73 -17.43
C LYS E 63 36.02 24.40 -16.67
N THR E 64 36.07 23.37 -15.83
CA THR E 64 34.89 22.87 -15.14
C THR E 64 35.16 22.77 -13.65
N TYR E 65 34.17 23.13 -12.84
CA TYR E 65 34.28 23.12 -11.40
C TYR E 65 33.33 22.09 -10.82
N GLU E 66 33.62 21.66 -9.60
CA GLU E 66 32.68 20.91 -8.79
C GLU E 66 31.82 21.84 -7.94
N PRO E 67 30.59 21.42 -7.64
CA PRO E 67 29.66 22.32 -6.94
C PRO E 67 30.22 22.88 -5.64
N GLU E 68 31.07 22.11 -4.95
CA GLU E 68 31.70 22.60 -3.73
C GLU E 68 32.70 23.71 -4.00
N ALA E 69 33.24 23.78 -5.22
CA ALA E 69 34.32 24.72 -5.51
C ALA E 69 33.81 26.16 -5.60
N ILE E 70 32.62 26.35 -6.17
CA ILE E 70 32.12 27.68 -6.48
C ILE E 70 30.77 27.88 -5.81
N TRP E 71 30.38 29.15 -5.68
CA TRP E 71 29.05 29.48 -5.19
C TRP E 71 27.98 29.09 -6.20
N ILE E 72 26.93 28.45 -5.70
CA ILE E 72 25.80 28.02 -6.52
C ILE E 72 24.51 28.50 -5.86
N PRO E 73 23.57 29.07 -6.60
CA PRO E 73 22.34 29.56 -5.98
C PRO E 73 21.49 28.41 -5.45
N GLU E 74 20.94 28.60 -4.26
CA GLU E 74 20.02 27.66 -3.64
C GLU E 74 18.65 27.81 -4.29
N ILE E 75 18.32 26.90 -5.19
CA ILE E 75 17.04 26.90 -5.91
C ILE E 75 16.19 25.78 -5.34
N ARG E 76 14.99 26.11 -4.89
CA ARG E 76 14.08 25.15 -4.29
C ARG E 76 12.80 25.03 -5.10
N PHE E 77 12.21 23.83 -5.09
CA PHE E 77 10.85 23.65 -5.58
C PHE E 77 9.86 23.94 -4.47
N VAL E 78 8.74 24.56 -4.83
CA VAL E 78 7.68 24.90 -3.87
C VAL E 78 6.74 23.72 -3.68
N ASN E 79 5.99 23.37 -4.72
CA ASN E 79 4.89 22.42 -4.61
C ASN E 79 5.38 20.97 -4.73
N VAL E 80 6.22 20.57 -3.78
CA VAL E 80 6.82 19.25 -3.77
C VAL E 80 6.70 18.69 -2.36
N GLU E 81 6.74 17.35 -2.27
CA GLU E 81 6.49 16.69 -1.00
C GLU E 81 7.75 16.63 -0.15
N ASN E 82 8.82 16.08 -0.70
CA ASN E 82 10.16 16.16 -0.13
C ASN E 82 11.05 16.97 -1.06
N ALA E 83 12.19 17.42 -0.53
CA ALA E 83 13.21 17.97 -1.40
C ALA E 83 13.59 16.95 -2.47
N ARG E 84 13.81 17.44 -3.68
CA ARG E 84 14.15 16.55 -4.79
C ARG E 84 15.44 15.80 -4.50
N ASP E 85 15.63 14.69 -5.22
CA ASP E 85 16.90 13.98 -5.26
C ASP E 85 17.60 14.31 -6.57
N ALA E 86 18.76 14.93 -6.49
CA ALA E 86 19.46 15.44 -7.67
C ALA E 86 20.88 14.93 -7.71
N ASP E 87 21.34 14.61 -8.91
CA ASP E 87 22.74 14.30 -9.19
C ASP E 87 23.27 15.37 -10.14
N VAL E 88 24.27 16.11 -9.70
CA VAL E 88 24.88 17.11 -10.57
C VAL E 88 25.49 16.40 -11.78
N VAL E 89 25.20 16.93 -12.96
CA VAL E 89 25.68 16.35 -14.21
C VAL E 89 26.91 17.08 -14.73
N ASP E 90 26.87 18.40 -14.75
CA ASP E 90 27.98 19.15 -15.35
C ASP E 90 27.95 20.59 -14.88
N ILE E 91 29.14 21.18 -14.78
CA ILE E 91 29.31 22.60 -14.48
C ILE E 91 30.39 23.13 -15.41
N SER E 92 30.04 24.09 -16.26
CA SER E 92 30.98 24.65 -17.22
C SER E 92 30.98 26.16 -17.10
N VAL E 93 32.15 26.72 -16.82
CA VAL E 93 32.32 28.17 -16.75
C VAL E 93 32.87 28.66 -18.08
N SER E 94 32.51 29.88 -18.44
CA SER E 94 33.02 30.52 -19.64
C SER E 94 34.13 31.49 -19.31
N PRO E 95 34.94 31.88 -20.30
CA PRO E 95 36.02 32.83 -20.04
C PRO E 95 35.55 34.11 -19.38
N ASP E 96 34.35 34.58 -19.70
CA ASP E 96 33.81 35.81 -19.12
C ASP E 96 33.25 35.59 -17.71
N GLY E 97 33.18 34.36 -17.24
CA GLY E 97 32.65 34.08 -15.92
C GLY E 97 31.23 33.53 -15.89
N THR E 98 30.69 33.11 -17.03
CA THR E 98 29.33 32.58 -17.07
C THR E 98 29.33 31.10 -16.71
N VAL E 99 28.68 30.78 -15.59
CA VAL E 99 28.52 29.41 -15.13
C VAL E 99 27.25 28.83 -15.74
N GLN E 100 27.38 27.64 -16.34
CA GLN E 100 26.28 26.82 -16.82
C GLN E 100 26.27 25.52 -16.01
N TYR E 101 25.26 25.38 -15.15
CA TYR E 101 25.09 24.24 -14.26
C TYR E 101 23.96 23.37 -14.78
N LEU E 102 24.16 22.05 -14.72
CA LEU E 102 23.19 21.08 -15.21
C LEU E 102 23.15 19.91 -14.23
N GLU E 103 21.95 19.62 -13.73
CA GLU E 103 21.68 18.49 -12.86
C GLU E 103 20.50 17.69 -13.40
N ARG E 104 20.43 16.43 -13.00
CA ARG E 104 19.25 15.61 -13.23
C ARG E 104 18.60 15.30 -11.88
N PHE E 105 17.29 15.54 -11.80
CA PHE E 105 16.55 15.40 -10.55
C PHE E 105 15.28 14.61 -10.77
N SER E 106 14.81 13.98 -9.69
CA SER E 106 13.48 13.40 -9.62
C SER E 106 12.75 14.00 -8.43
N ALA E 107 11.44 14.15 -8.56
CA ALA E 107 10.65 14.75 -7.49
C ALA E 107 9.21 14.30 -7.59
N ARG E 108 8.52 14.32 -6.45
CA ARG E 108 7.08 14.09 -6.39
C ARG E 108 6.40 15.45 -6.24
N VAL E 109 5.80 15.93 -7.32
CA VAL E 109 5.12 17.22 -7.35
C VAL E 109 3.67 17.03 -6.93
N LEU E 110 3.18 17.99 -6.15
CA LEU E 110 1.81 18.02 -5.65
C LEU E 110 1.08 19.18 -6.31
N SER E 111 0.12 18.86 -7.18
CA SER E 111 -0.59 19.88 -7.94
C SER E 111 -2.07 19.52 -8.02
N PRO E 112 -2.96 20.43 -7.61
CA PRO E 112 -4.38 20.08 -7.55
C PRO E 112 -5.02 20.02 -8.93
N LEU E 113 -5.99 19.12 -9.06
CA LEU E 113 -6.66 18.87 -10.33
C LEU E 113 -8.10 19.37 -10.26
N ASP E 114 -8.63 19.76 -11.41
CA ASP E 114 -10.00 20.25 -11.52
C ASP E 114 -10.84 19.16 -12.15
N PHE E 115 -11.61 18.45 -11.32
CA PHE E 115 -12.37 17.29 -11.75
C PHE E 115 -13.77 17.63 -12.22
N ARG E 116 -14.12 18.92 -12.30
CA ARG E 116 -15.49 19.29 -12.65
C ARG E 116 -15.91 18.67 -13.97
N ARG E 117 -15.02 18.69 -14.96
CA ARG E 117 -15.32 18.16 -16.28
C ARG E 117 -14.96 16.69 -16.41
N TYR E 118 -14.55 16.06 -15.31
CA TYR E 118 -14.08 14.69 -15.36
C TYR E 118 -15.22 13.76 -15.79
N PRO E 119 -14.92 12.72 -16.58
CA PRO E 119 -13.59 12.35 -17.02
C PRO E 119 -13.18 12.98 -18.35
N PHE E 120 -13.82 14.08 -18.73
CA PHE E 120 -13.48 14.82 -19.93
C PHE E 120 -12.63 16.04 -19.63
N ASP E 121 -11.76 15.95 -18.64
CA ASP E 121 -11.08 17.10 -18.08
C ASP E 121 -9.71 17.29 -18.72
N SER E 122 -9.28 18.54 -18.80
CA SER E 122 -7.89 18.90 -19.01
C SER E 122 -7.34 19.54 -17.75
N GLN E 123 -6.04 19.38 -17.55
CA GLN E 123 -5.37 19.95 -16.39
C GLN E 123 -4.11 20.68 -16.81
N THR E 124 -3.71 21.62 -15.97
CA THR E 124 -2.39 22.24 -15.99
C THR E 124 -1.66 21.82 -14.71
N LEU E 125 -0.71 20.90 -14.85
CA LEU E 125 0.20 20.63 -13.75
C LEU E 125 1.21 21.76 -13.63
N HIS E 126 1.44 22.22 -12.40
CA HIS E 126 2.37 23.30 -12.13
C HIS E 126 3.60 22.77 -11.40
N ILE E 127 4.75 23.34 -11.75
CA ILE E 127 5.99 23.15 -11.02
C ILE E 127 6.54 24.54 -10.73
N TYR E 128 6.55 24.92 -9.45
CA TYR E 128 6.99 26.24 -9.04
C TYR E 128 8.44 26.18 -8.58
N LEU E 129 9.29 26.93 -9.28
CA LEU E 129 10.66 27.18 -8.84
C LEU E 129 10.69 28.43 -7.98
N ILE E 130 11.61 28.46 -7.02
CA ILE E 130 11.72 29.60 -6.11
C ILE E 130 13.16 29.73 -5.67
N VAL E 131 13.57 30.99 -5.44
CA VAL E 131 14.88 31.30 -4.88
C VAL E 131 14.72 32.44 -3.88
N ARG E 132 15.45 32.35 -2.79
CA ARG E 132 15.41 33.35 -1.72
C ARG E 132 16.66 34.22 -1.81
N SER E 133 16.47 35.53 -1.75
CA SER E 133 17.59 36.46 -1.87
C SER E 133 18.48 36.42 -0.64
N VAL E 134 19.78 36.56 -0.85
CA VAL E 134 20.76 36.62 0.24
C VAL E 134 20.93 38.07 0.67
N ASP E 135 21.73 38.29 1.72
CA ASP E 135 21.91 39.65 2.23
C ASP E 135 22.80 40.49 1.33
N THR E 136 23.75 39.85 0.63
CA THR E 136 24.66 40.60 -0.23
C THR E 136 24.02 41.00 -1.56
N ARG E 137 23.10 40.20 -2.08
CA ARG E 137 22.53 40.48 -3.39
C ARG E 137 21.14 39.88 -3.50
N ASN E 138 20.28 40.57 -4.24
CA ASN E 138 18.99 40.03 -4.63
C ASN E 138 19.15 39.10 -5.83
N ILE E 139 18.42 37.98 -5.80
CA ILE E 139 18.48 36.97 -6.86
C ILE E 139 17.10 36.82 -7.48
N VAL E 140 17.05 36.79 -8.80
CA VAL E 140 15.80 36.81 -9.56
C VAL E 140 15.86 35.70 -10.60
N LEU E 141 14.74 35.00 -10.78
CA LEU E 141 14.66 33.89 -11.71
C LEU E 141 14.19 34.36 -13.09
N ALA E 142 14.65 33.65 -14.12
CA ALA E 142 14.23 33.89 -15.49
C ALA E 142 14.21 32.57 -16.23
N VAL E 143 13.69 32.60 -17.47
CA VAL E 143 13.42 31.39 -18.24
C VAL E 143 14.22 31.45 -19.54
N ASP E 144 15.11 30.48 -19.72
CA ASP E 144 15.84 30.31 -20.98
C ASP E 144 15.06 29.32 -21.85
N LEU E 145 14.33 29.85 -22.83
CA LEU E 145 13.47 29.00 -23.64
C LEU E 145 14.26 27.93 -24.38
N GLU E 146 15.50 28.23 -24.79
CA GLU E 146 16.35 27.23 -25.41
C GLU E 146 16.51 25.99 -24.55
N LYS E 147 16.35 26.11 -23.24
CA LYS E 147 16.61 25.03 -22.29
C LYS E 147 15.34 24.40 -21.74
N VAL E 148 14.19 24.66 -22.34
CA VAL E 148 12.92 24.11 -21.90
C VAL E 148 12.39 23.17 -22.98
N GLY E 149 11.83 22.04 -22.54
CA GLY E 149 11.31 21.05 -23.46
C GLY E 149 11.07 19.74 -22.74
N LYS E 150 10.81 18.70 -23.52
CA LYS E 150 10.56 17.38 -22.97
C LYS E 150 10.91 16.32 -24.01
N ASN E 151 11.45 15.20 -23.55
CA ASN E 151 11.76 14.09 -24.42
C ASN E 151 10.48 13.56 -25.08
N ASP E 152 10.64 13.03 -26.29
CA ASP E 152 9.50 12.54 -27.05
C ASP E 152 8.90 11.28 -26.42
N ASP E 153 9.73 10.44 -25.81
CA ASP E 153 9.22 9.21 -25.21
C ASP E 153 8.67 9.44 -23.80
N VAL E 154 8.14 10.64 -23.55
CA VAL E 154 7.47 10.94 -22.29
C VAL E 154 6.01 10.55 -22.45
N PHE E 155 5.50 9.74 -21.52
CA PHE E 155 4.14 9.24 -21.62
C PHE E 155 3.45 9.26 -20.27
N LEU E 156 2.18 9.66 -20.28
CA LEU E 156 1.24 9.42 -19.19
C LEU E 156 0.19 8.46 -19.73
N THR E 157 0.22 7.21 -19.25
CA THR E 157 -0.54 6.14 -19.90
C THR E 157 -2.01 6.52 -20.09
N GLY E 158 -2.60 7.21 -19.13
CA GLY E 158 -3.99 7.59 -19.26
C GLY E 158 -4.27 8.93 -19.87
N TRP E 159 -3.28 9.61 -20.44
CA TRP E 159 -3.42 11.03 -20.77
C TRP E 159 -2.80 11.31 -22.12
N ASP E 160 -3.26 12.41 -22.73
CA ASP E 160 -2.60 13.06 -23.85
C ASP E 160 -1.80 14.25 -23.31
N ILE E 161 -0.54 14.33 -23.68
CA ILE E 161 0.33 15.43 -23.27
C ILE E 161 0.28 16.50 -24.35
N GLU E 162 -0.22 17.69 -23.98
CA GLU E 162 -0.37 18.76 -24.96
C GLU E 162 0.91 19.55 -25.15
N SER E 163 1.46 20.10 -24.07
CA SER E 163 2.57 21.03 -24.17
C SER E 163 3.23 21.16 -22.81
N PHE E 164 4.51 21.52 -22.83
CA PHE E 164 5.27 21.85 -21.62
C PHE E 164 5.95 23.18 -21.84
N THR E 165 5.47 24.22 -21.14
CA THR E 165 5.95 25.58 -21.33
C THR E 165 6.20 26.22 -19.97
N ALA E 166 6.81 27.41 -19.99
CA ALA E 166 7.09 28.17 -18.79
C ALA E 166 6.60 29.59 -18.95
N VAL E 167 6.11 30.17 -17.86
CA VAL E 167 5.73 31.57 -17.82
C VAL E 167 6.99 32.41 -17.64
N VAL E 168 7.30 33.26 -18.61
CA VAL E 168 8.61 33.90 -18.66
C VAL E 168 8.77 34.90 -17.53
N LYS E 169 7.74 35.71 -17.28
CA LYS E 169 7.81 36.70 -16.22
C LYS E 169 7.62 36.02 -14.87
N PRO E 170 8.59 36.10 -13.96
CA PRO E 170 8.44 35.44 -12.66
C PRO E 170 7.62 36.25 -11.68
N ALA E 171 7.19 35.57 -10.62
CA ALA E 171 6.50 36.20 -9.50
C ALA E 171 7.53 36.53 -8.42
N ASN E 172 7.77 37.82 -8.21
CA ASN E 172 8.68 38.30 -7.17
C ASN E 172 7.85 38.84 -6.02
N PHE E 173 8.20 38.46 -4.79
CA PHE E 173 7.39 38.87 -3.65
C PHE E 173 8.24 38.81 -2.39
N ALA E 174 7.71 39.43 -1.34
CA ALA E 174 8.38 39.42 -0.04
C ALA E 174 7.92 38.23 0.79
N LEU E 175 8.87 37.54 1.41
CA LEU E 175 8.60 36.42 2.30
C LEU E 175 9.58 36.47 3.46
N GLU E 176 9.04 36.57 4.67
CA GLU E 176 9.84 36.65 5.89
C GLU E 176 11.03 37.59 5.72
N ASP E 177 10.74 38.79 5.21
CA ASP E 177 11.71 39.88 5.17
C ASP E 177 12.82 39.64 4.14
N ARG E 178 12.60 38.77 3.16
CA ARG E 178 13.53 38.60 2.06
C ARG E 178 12.78 38.46 0.75
N LEU E 179 13.45 38.79 -0.34
CA LEU E 179 12.84 38.68 -1.66
C LEU E 179 12.88 37.23 -2.14
N GLU E 180 11.74 36.73 -2.59
CA GLU E 180 11.64 35.43 -3.24
C GLU E 180 11.23 35.60 -4.70
N SER E 181 11.78 34.74 -5.56
CA SER E 181 11.51 34.77 -6.99
C SER E 181 11.03 33.38 -7.42
N LYS E 182 9.84 33.32 -8.02
CA LYS E 182 9.16 32.06 -8.28
C LYS E 182 8.75 31.98 -9.74
N LEU E 183 9.14 30.90 -10.41
CA LEU E 183 8.75 30.63 -11.80
C LEU E 183 7.69 29.53 -11.83
N ASP E 184 6.82 29.60 -12.83
CA ASP E 184 5.70 28.66 -12.99
C ASP E 184 5.90 27.88 -14.29
N TYR E 185 6.37 26.64 -14.18
CA TYR E 185 6.37 25.72 -15.31
C TYR E 185 5.04 24.98 -15.38
N GLN E 186 4.50 24.86 -16.59
CA GLN E 186 3.14 24.36 -16.78
C GLN E 186 3.14 23.23 -17.79
N LEU E 187 2.69 22.05 -17.36
CA LEU E 187 2.46 20.90 -18.22
C LEU E 187 0.96 20.74 -18.46
N ARG E 188 0.52 21.06 -19.68
CA ARG E 188 -0.89 20.93 -20.02
C ARG E 188 -1.16 19.52 -20.55
N ILE E 189 -2.20 18.88 -20.00
CA ILE E 189 -2.56 17.51 -20.35
C ILE E 189 -4.07 17.41 -20.44
N SER E 190 -4.55 16.41 -21.19
CA SER E 190 -5.98 16.16 -21.26
C SER E 190 -6.26 14.66 -21.16
N ARG E 191 -7.28 14.32 -20.39
CA ARG E 191 -7.54 12.93 -20.05
C ARG E 191 -8.11 12.16 -21.24
N GLN E 192 -7.76 10.88 -21.32
CA GLN E 192 -8.34 9.98 -22.33
C GLN E 192 -9.54 9.29 -21.70
N TYR E 193 -10.74 9.75 -22.07
CA TYR E 193 -11.96 9.30 -21.39
C TYR E 193 -12.44 7.93 -21.84
N GLY E 194 -11.94 7.43 -22.98
CA GLY E 194 -12.49 6.22 -23.54
C GLY E 194 -12.58 5.06 -22.57
N TYR E 195 -11.51 4.86 -21.78
CA TYR E 195 -11.52 3.79 -20.77
C TYR E 195 -12.79 3.84 -19.94
N PHE E 196 -13.12 5.01 -19.40
CA PHE E 196 -14.26 5.12 -18.51
C PHE E 196 -15.56 4.79 -19.24
N VAL E 197 -15.61 5.06 -20.56
CA VAL E 197 -16.79 4.73 -21.34
C VAL E 197 -17.16 3.27 -21.14
N ILE E 198 -16.14 2.39 -21.12
CA ILE E 198 -16.40 0.96 -20.97
C ILE E 198 -16.22 0.50 -19.53
N GLN E 199 -15.90 1.40 -18.61
CA GLN E 199 -15.78 1.07 -17.20
C GLN E 199 -17.02 1.42 -16.39
N THR E 200 -17.74 2.47 -16.77
CA THR E 200 -18.85 2.97 -15.97
C THR E 200 -20.05 3.33 -16.84
N TYR E 201 -19.79 4.04 -17.94
CA TYR E 201 -20.88 4.54 -18.78
C TYR E 201 -21.67 3.40 -19.41
N LEU E 202 -20.98 2.37 -19.89
CA LEU E 202 -21.70 1.23 -20.47
C LEU E 202 -22.49 0.48 -19.41
N PRO E 203 -21.91 0.06 -18.28
CA PRO E 203 -22.73 -0.56 -17.23
C PRO E 203 -23.95 0.26 -16.84
N CYS E 204 -23.83 1.59 -16.84
CA CYS E 204 -24.97 2.44 -16.49
C CYS E 204 -26.04 2.40 -17.56
N ILE E 205 -25.64 2.59 -18.83
CA ILE E 205 -26.62 2.62 -19.92
C ILE E 205 -27.33 1.27 -20.03
N MET E 206 -26.56 0.18 -19.97
CA MET E 206 -27.15 -1.15 -20.03
C MET E 206 -28.04 -1.41 -18.83
N THR E 207 -27.65 -0.91 -17.65
CA THR E 207 -28.50 -1.10 -16.48
C THR E 207 -29.81 -0.32 -16.61
N VAL E 208 -29.76 0.85 -17.25
CA VAL E 208 -30.99 1.60 -17.51
C VAL E 208 -31.89 0.85 -18.46
N ILE E 209 -31.31 0.32 -19.54
CA ILE E 209 -32.11 -0.49 -20.48
C ILE E 209 -32.74 -1.67 -19.75
N LEU E 210 -31.94 -2.39 -18.97
CA LEU E 210 -32.46 -3.50 -18.18
C LEU E 210 -33.64 -3.05 -17.32
N SER E 211 -33.50 -1.92 -16.65
CA SER E 211 -34.60 -1.40 -15.85
C SER E 211 -35.83 -1.13 -16.72
N GLN E 212 -35.62 -0.73 -17.98
CA GLN E 212 -36.73 -0.43 -18.87
C GLN E 212 -37.41 -1.69 -19.40
N VAL E 213 -36.70 -2.81 -19.46
CA VAL E 213 -37.32 -4.07 -19.91
C VAL E 213 -38.55 -4.40 -19.08
N SER E 214 -38.62 -3.94 -17.83
CA SER E 214 -39.73 -4.30 -16.95
C SER E 214 -41.08 -3.85 -17.51
N PHE E 215 -41.10 -2.76 -18.29
CA PHE E 215 -42.37 -2.24 -18.80
C PHE E 215 -43.06 -3.20 -19.76
N TRP E 216 -42.34 -4.17 -20.31
CA TRP E 216 -42.90 -5.12 -21.26
C TRP E 216 -43.32 -6.45 -20.64
N LEU E 217 -43.01 -6.68 -19.37
CA LEU E 217 -43.45 -7.90 -18.71
C LEU E 217 -44.90 -7.79 -18.28
N ASN E 218 -45.59 -8.93 -18.28
CA ASN E 218 -46.99 -8.98 -17.86
C ASN E 218 -47.17 -8.34 -16.50
N ARG E 219 -48.20 -7.49 -16.38
CA ARG E 219 -48.42 -6.76 -15.15
C ARG E 219 -48.76 -7.69 -13.99
N GLU E 220 -49.27 -8.89 -14.27
CA GLU E 220 -49.65 -9.80 -13.20
C GLU E 220 -48.46 -10.51 -12.58
N SER E 221 -47.35 -10.65 -13.31
CA SER E 221 -46.14 -11.26 -12.77
C SER E 221 -45.34 -10.21 -11.99
N VAL E 222 -45.82 -9.93 -10.79
CA VAL E 222 -45.29 -8.86 -9.95
C VAL E 222 -43.87 -9.15 -9.50
N PRO E 223 -43.56 -10.38 -9.06
CA PRO E 223 -42.19 -10.66 -8.60
C PRO E 223 -41.12 -10.44 -9.65
N ALA E 224 -41.34 -10.89 -10.89
CA ALA E 224 -40.34 -10.67 -11.94
C ALA E 224 -39.99 -9.19 -12.08
N ARG E 225 -41.01 -8.35 -12.29
CA ARG E 225 -40.76 -6.92 -12.40
C ARG E 225 -40.11 -6.37 -11.14
N THR E 226 -40.47 -6.89 -9.97
CA THR E 226 -39.81 -6.45 -8.74
C THR E 226 -38.32 -6.74 -8.78
N VAL E 227 -37.95 -7.96 -9.18
CA VAL E 227 -36.54 -8.31 -9.30
C VAL E 227 -35.83 -7.37 -10.26
N PHE E 228 -36.41 -7.15 -11.44
CA PHE E 228 -35.81 -6.23 -12.39
C PHE E 228 -35.56 -4.86 -11.77
N VAL E 229 -36.62 -4.24 -11.27
CA VAL E 229 -36.53 -2.86 -10.79
C VAL E 229 -35.53 -2.77 -9.65
N VAL E 230 -35.64 -3.67 -8.67
CA VAL E 230 -34.83 -3.57 -7.46
C VAL E 230 -33.36 -3.82 -7.78
N THR E 231 -33.08 -4.90 -8.52
CA THR E 231 -31.69 -5.19 -8.84
C THR E 231 -31.08 -4.09 -9.70
N THR E 232 -31.86 -3.50 -10.59
CA THR E 232 -31.32 -2.41 -11.40
C THR E 232 -31.05 -1.17 -10.55
N VAL E 233 -31.90 -0.90 -9.56
CA VAL E 233 -31.67 0.23 -8.66
C VAL E 233 -30.39 0.02 -7.85
N LEU E 234 -30.23 -1.18 -7.28
CA LEU E 234 -29.04 -1.44 -6.47
C LEU E 234 -27.80 -1.43 -7.34
N THR E 235 -27.91 -1.92 -8.57
CA THR E 235 -26.78 -1.84 -9.49
C THR E 235 -26.40 -0.40 -9.76
N MET E 236 -27.40 0.45 -10.01
CA MET E 236 -27.13 1.88 -10.23
C MET E 236 -26.38 2.49 -9.03
N THR E 237 -26.88 2.23 -7.82
CA THR E 237 -26.21 2.76 -6.63
C THR E 237 -24.78 2.26 -6.56
N THR E 238 -24.57 0.96 -6.78
CA THR E 238 -23.24 0.39 -6.69
C THR E 238 -22.30 1.05 -7.70
N LEU E 239 -22.76 1.24 -8.94
CA LEU E 239 -21.92 1.88 -9.94
C LEU E 239 -21.61 3.31 -9.55
N SER E 240 -22.59 4.03 -9.00
CA SER E 240 -22.34 5.39 -8.52
C SER E 240 -21.20 5.41 -7.50
N ILE E 241 -21.34 4.61 -6.43
CA ILE E 241 -20.32 4.59 -5.38
C ILE E 241 -18.97 4.18 -5.93
N SER E 242 -18.94 3.06 -6.67
CA SER E 242 -17.70 2.62 -7.31
C SER E 242 -17.05 3.75 -8.09
N ALA E 243 -17.83 4.45 -8.91
CA ALA E 243 -17.26 5.50 -9.75
C ALA E 243 -16.67 6.61 -8.90
N ARG E 244 -17.43 7.08 -7.90
CA ARG E 244 -16.89 8.14 -7.06
C ARG E 244 -15.71 7.69 -6.20
N ASN E 245 -15.48 6.37 -6.07
CA ASN E 245 -14.34 5.91 -5.30
C ASN E 245 -13.00 6.19 -5.97
N SER E 246 -12.98 6.55 -7.25
CA SER E 246 -11.72 6.85 -7.92
C SER E 246 -11.20 8.25 -7.62
N LEU E 247 -12.03 9.13 -7.11
CA LEU E 247 -11.67 10.53 -6.99
C LEU E 247 -11.32 10.90 -5.56
N PRO E 248 -10.61 12.00 -5.37
CA PRO E 248 -10.47 12.57 -4.02
C PRO E 248 -11.79 13.13 -3.55
N LYS E 249 -11.84 13.47 -2.25
CA LYS E 249 -13.09 13.93 -1.64
C LYS E 249 -13.37 15.38 -2.02
N VAL E 250 -13.61 15.57 -3.32
CA VAL E 250 -13.96 16.88 -3.85
C VAL E 250 -15.39 17.23 -3.48
N ALA E 251 -15.65 18.52 -3.26
CA ALA E 251 -16.99 18.94 -2.87
C ALA E 251 -17.95 18.91 -4.04
N TYR E 252 -17.49 19.26 -5.24
CA TYR E 252 -18.39 19.50 -6.36
C TYR E 252 -18.79 18.18 -7.00
N ALA E 253 -19.42 18.24 -8.17
CA ALA E 253 -19.85 17.07 -8.92
C ALA E 253 -19.17 17.04 -10.28
N THR E 254 -18.76 15.85 -10.70
CA THR E 254 -18.13 15.69 -12.02
C THR E 254 -19.20 15.40 -13.07
N ALA E 255 -18.81 15.51 -14.35
CA ALA E 255 -19.73 15.16 -15.42
C ALA E 255 -20.19 13.71 -15.29
N MET E 256 -19.30 12.81 -14.88
CA MET E 256 -19.71 11.44 -14.61
C MET E 256 -20.75 11.40 -13.50
N ASP E 257 -20.57 12.23 -12.47
CA ASP E 257 -21.57 12.32 -11.42
C ASP E 257 -22.94 12.66 -11.99
N TRP E 258 -22.98 13.61 -12.92
CA TRP E 258 -24.26 13.98 -13.52
C TRP E 258 -24.86 12.84 -14.33
N PHE E 259 -24.04 12.20 -15.17
CA PHE E 259 -24.55 11.07 -15.96
C PHE E 259 -25.12 9.98 -15.05
N ILE E 260 -24.39 9.63 -13.99
CA ILE E 260 -24.84 8.58 -13.09
C ILE E 260 -26.10 8.99 -12.36
N ALA E 261 -26.17 10.27 -11.95
CA ALA E 261 -27.33 10.74 -11.22
C ALA E 261 -28.58 10.74 -12.10
N VAL E 262 -28.43 11.12 -13.37
CA VAL E 262 -29.57 11.08 -14.28
C VAL E 262 -29.99 9.65 -14.56
N CYS E 263 -29.02 8.74 -14.73
CA CYS E 263 -29.37 7.33 -14.87
C CYS E 263 -30.15 6.84 -13.65
N TYR E 264 -29.70 7.23 -12.46
CA TYR E 264 -30.42 6.86 -11.24
C TYR E 264 -31.84 7.43 -11.26
N ALA E 265 -31.99 8.65 -11.78
CA ALA E 265 -33.30 9.24 -11.92
C ALA E 265 -34.20 8.38 -12.79
N PHE E 266 -33.68 7.97 -13.96
CA PHE E 266 -34.47 7.14 -14.87
C PHE E 266 -34.85 5.81 -14.23
N VAL E 267 -33.91 5.19 -13.51
CA VAL E 267 -34.17 3.86 -12.96
C VAL E 267 -35.18 3.95 -11.81
N PHE E 268 -34.97 4.90 -10.90
CA PHE E 268 -35.94 5.10 -9.82
C PHE E 268 -37.31 5.49 -10.37
N SER E 269 -37.34 6.25 -11.47
CA SER E 269 -38.60 6.55 -12.12
C SER E 269 -39.24 5.29 -12.67
N ALA E 270 -38.43 4.35 -13.15
CA ALA E 270 -38.96 3.04 -13.56
C ALA E 270 -39.55 2.30 -12.37
N LEU E 271 -38.90 2.39 -11.20
CA LEU E 271 -39.46 1.77 -10.00
C LEU E 271 -40.81 2.39 -9.63
N ILE E 272 -40.89 3.72 -9.63
CA ILE E 272 -42.14 4.39 -9.30
C ILE E 272 -43.22 4.02 -10.31
N GLU E 273 -42.84 3.90 -11.58
CA GLU E 273 -43.81 3.49 -12.60
C GLU E 273 -44.33 2.08 -12.32
N PHE E 274 -43.42 1.14 -12.05
CA PHE E 274 -43.85 -0.22 -11.73
C PHE E 274 -44.78 -0.25 -10.53
N ALA E 275 -44.47 0.55 -9.50
CA ALA E 275 -45.31 0.58 -8.31
C ALA E 275 -46.68 1.18 -8.61
N THR E 276 -46.74 2.23 -9.42
CA THR E 276 -48.02 2.83 -9.76
C THR E 276 -48.86 1.88 -10.60
N VAL E 277 -48.28 1.31 -11.66
CA VAL E 277 -49.00 0.35 -12.48
C VAL E 277 -49.52 -0.80 -11.64
N ASN E 278 -48.66 -1.39 -10.80
CA ASN E 278 -49.15 -2.45 -9.92
C ASN E 278 -50.27 -1.94 -9.01
N TYR E 279 -50.18 -0.67 -8.59
CA TYR E 279 -51.19 -0.11 -7.71
C TYR E 279 -52.54 0.02 -8.42
N PHE E 280 -52.52 0.20 -9.74
CA PHE E 280 -53.73 0.42 -10.54
C PHE E 280 -54.09 -0.80 -11.38
N THR E 281 -53.53 -1.96 -11.08
CA THR E 281 -53.69 -3.12 -11.95
C THR E 281 -55.06 -3.75 -11.81
N LYS E 282 -55.55 -3.89 -10.58
CA LYS E 282 -56.89 -4.45 -10.36
C LYS E 282 -57.96 -3.46 -10.77
N SER E 283 -58.04 -2.32 -10.08
CA SER E 283 -58.96 -1.24 -10.43
C SER E 283 -58.33 -0.34 -11.47
N GLN E 284 -59.04 -0.12 -12.58
CA GLN E 284 -58.57 0.75 -13.65
C GLN E 284 -57.44 0.12 -14.44
N PRO E 285 -57.62 -1.10 -14.97
CA PRO E 285 -56.56 -1.69 -15.79
C PRO E 285 -56.28 -0.91 -17.06
N ALA E 286 -57.23 -0.11 -17.54
CA ALA E 286 -56.98 0.74 -18.70
C ALA E 286 -55.91 1.77 -18.38
N ARG E 287 -55.97 2.34 -17.16
CA ARG E 287 -54.97 3.32 -16.76
C ARG E 287 -53.59 2.69 -16.69
N ALA E 288 -53.47 1.57 -15.98
CA ALA E 288 -52.19 0.87 -15.92
C ALA E 288 -51.66 0.57 -17.31
N ALA E 289 -52.50 -0.02 -18.18
CA ALA E 289 -52.05 -0.34 -19.53
C ALA E 289 -51.53 0.91 -20.26
N LYS E 290 -52.25 2.03 -20.11
CA LYS E 290 -51.80 3.26 -20.76
C LYS E 290 -50.47 3.70 -20.18
N ILE E 291 -50.31 3.55 -18.86
CA ILE E 291 -49.05 3.91 -18.20
C ILE E 291 -47.90 3.11 -18.79
N ASP E 292 -48.08 1.80 -18.95
CA ASP E 292 -47.02 1.01 -19.59
C ASP E 292 -46.75 1.48 -21.01
N ARG E 293 -47.81 1.76 -21.78
CA ARG E 293 -47.63 2.20 -23.16
C ARG E 293 -46.79 3.47 -23.24
N LEU E 294 -47.13 4.44 -22.39
CA LEU E 294 -46.42 5.72 -22.43
C LEU E 294 -45.02 5.54 -21.90
N SER E 295 -44.84 4.85 -20.77
CA SER E 295 -43.48 4.66 -20.30
C SER E 295 -42.64 4.05 -21.41
N ARG E 296 -43.20 3.03 -22.06
CA ARG E 296 -42.53 2.29 -23.12
C ARG E 296 -42.13 3.18 -24.30
N ILE E 297 -42.79 4.32 -24.50
CA ILE E 297 -42.38 5.23 -25.57
C ILE E 297 -41.51 6.37 -25.05
N ALA E 298 -41.88 6.94 -23.91
CA ALA E 298 -41.21 8.10 -23.35
C ALA E 298 -39.78 7.77 -22.89
N PHE E 299 -39.65 6.71 -22.09
CA PHE E 299 -38.37 6.40 -21.47
C PHE E 299 -37.23 6.29 -22.47
N PRO E 300 -37.26 5.34 -23.41
CA PRO E 300 -36.13 5.23 -24.35
C PRO E 300 -35.93 6.46 -25.21
N LEU E 301 -36.99 7.26 -25.43
CA LEU E 301 -36.83 8.49 -26.19
C LEU E 301 -36.13 9.56 -25.38
N LEU E 302 -36.64 9.84 -24.18
CA LEU E 302 -35.98 10.81 -23.31
C LEU E 302 -34.54 10.39 -23.02
N PHE E 303 -34.30 9.08 -22.90
CA PHE E 303 -32.95 8.60 -22.63
C PHE E 303 -32.04 8.82 -23.84
N GLY E 304 -32.55 8.53 -25.05
CA GLY E 304 -31.77 8.82 -26.24
C GLY E 304 -31.44 10.29 -26.40
N ILE E 305 -32.44 11.15 -26.18
CA ILE E 305 -32.20 12.59 -26.24
C ILE E 305 -31.16 13.01 -25.20
N PHE E 306 -31.31 12.51 -23.97
CA PHE E 306 -30.34 12.85 -22.93
C PHE E 306 -28.93 12.45 -23.35
N ASN E 307 -28.75 11.19 -23.78
CA ASN E 307 -27.44 10.77 -24.24
C ASN E 307 -26.91 11.67 -25.35
N LEU E 308 -27.80 12.12 -26.24
CA LEU E 308 -27.38 13.00 -27.32
C LEU E 308 -26.85 14.32 -26.79
N VAL E 309 -27.60 14.97 -25.90
CA VAL E 309 -27.17 16.24 -25.33
C VAL E 309 -25.88 16.07 -24.54
N TYR E 310 -25.79 14.99 -23.76
CA TYR E 310 -24.62 14.78 -22.89
C TYR E 310 -23.36 14.56 -23.71
N TRP E 311 -23.38 13.54 -24.59
CA TRP E 311 -22.19 13.24 -25.37
C TRP E 311 -21.87 14.34 -26.37
N ALA E 312 -22.88 15.03 -26.89
CA ALA E 312 -22.63 16.20 -27.72
C ALA E 312 -21.93 17.30 -26.92
N THR E 313 -22.32 17.47 -25.65
CA THR E 313 -21.76 18.54 -24.85
C THR E 313 -20.31 18.23 -24.46
N TYR E 314 -20.07 17.07 -23.87
CA TYR E 314 -18.77 16.76 -23.28
C TYR E 314 -17.79 16.16 -24.29
N LEU E 315 -18.13 16.16 -25.58
CA LEU E 315 -17.17 15.76 -26.60
C LEU E 315 -16.85 16.92 -27.53
#